data_6FVO
#
_entry.id   6FVO
#
_cell.length_a   78.488
_cell.length_b   81.064
_cell.length_c   90.015
_cell.angle_alpha   68.640
_cell.angle_beta   88.940
_cell.angle_gamma   62.560
#
_symmetry.space_group_name_H-M   'P 1'
#
loop_
_entity.id
_entity.type
_entity.pdbx_description
1 polymer 'Beta sliding clamp'
2 polymer 'P7 peptide'
3 non-polymer 'CALCIUM ION'
4 water water
#
loop_
_entity_poly.entity_id
_entity_poly.type
_entity_poly.pdbx_seq_one_letter_code
_entity_poly.pdbx_strand_id
1 'polypeptide(L)'
;MDAATTRVGLTDLTFRLLRESFADAVSWVAKNLPARPAVPVLSGVLLTGSDNGLTISGFDYEVSAEAQVGAEIVSPGSVL
VSGRLLSDITRALPNKPVDVHVEGNRVALTCGNARFSLPTMPVEDYPTLPTLPEETGLLPAELFAEAISQVAIAAGRDDT
LPMLTGIRVEILGETVVLAATDRFRLAVRELKWSASSPDIEAAVLVPAKTLAEAAKAGIGGSDVRLSLGTGPGVGKDGLL
GISGNGKRSTTRLLDAEFPKFRQLLPTEHTAVATMDVAELIEAIKLVALVADRGAQVRMEFADGSVRLSAGADDVGRAEE
DLVVDYAGEPLTIAFNPTYLTDGLSSLRSERVSFGFTTAGKSALLRPVSGDDRPVAGLNGNGPFPAVSTDYVYLLMPVRL
PG
;
A,B,C,D
2 'polypeptide(L)' (ACE)Q(ALC)DLF H,I,J,K
#
# COMPACT_ATOMS: atom_id res chain seq x y z
N VAL A 8 13.72 19.64 -39.23
CA VAL A 8 14.00 21.07 -39.18
C VAL A 8 15.41 21.29 -38.59
N GLY A 9 15.91 22.50 -38.83
CA GLY A 9 17.31 22.86 -38.94
C GLY A 9 18.08 23.46 -37.79
N LEU A 10 18.84 24.49 -38.16
CA LEU A 10 19.91 25.04 -37.33
C LEU A 10 19.41 25.63 -36.01
N THR A 11 18.39 26.49 -36.06
CA THR A 11 17.80 27.05 -34.85
C THR A 11 16.93 26.00 -34.18
N ASP A 12 17.28 25.65 -32.95
CA ASP A 12 16.57 24.64 -32.17
C ASP A 12 15.22 25.19 -31.72
N LEU A 13 14.56 24.49 -30.79
CA LEU A 13 13.22 24.88 -30.38
C LEU A 13 13.23 26.27 -29.76
N THR A 14 12.42 27.18 -30.30
CA THR A 14 12.26 28.50 -29.72
C THR A 14 10.79 28.92 -29.88
N PHE A 15 10.19 29.40 -28.79
CA PHE A 15 8.77 29.70 -28.78
C PHE A 15 8.47 30.83 -27.80
N ARG A 16 7.24 31.32 -27.86
CA ARG A 16 6.73 32.35 -26.97
C ARG A 16 5.29 32.02 -26.58
N LEU A 17 4.99 32.14 -25.29
CA LEU A 17 3.65 31.95 -24.78
C LEU A 17 3.54 32.67 -23.45
N LEU A 18 2.31 32.84 -22.99
CA LEU A 18 2.05 33.58 -21.75
C LEU A 18 2.42 32.74 -20.54
N ARG A 19 2.73 33.44 -19.44
CA ARG A 19 3.34 32.78 -18.28
C ARG A 19 2.33 31.86 -17.59
N GLU A 20 1.15 32.40 -17.30
CA GLU A 20 0.12 31.63 -16.61
C GLU A 20 -0.19 30.32 -17.31
N SER A 21 -0.27 30.35 -18.64
CA SER A 21 -0.52 29.13 -19.40
C SER A 21 0.70 28.21 -19.39
N PHE A 22 1.89 28.77 -19.58
CA PHE A 22 3.11 27.99 -19.53
C PHE A 22 3.28 27.35 -18.15
N ALA A 23 3.10 28.14 -17.10
CA ALA A 23 3.32 27.65 -15.74
C ALA A 23 2.31 26.57 -15.38
N ASP A 24 1.02 26.79 -15.69
CA ASP A 24 0.01 25.81 -15.30
C ASP A 24 0.27 24.45 -15.93
N ALA A 25 0.76 24.43 -17.17
CA ALA A 25 1.03 23.15 -17.83
C ALA A 25 2.27 22.48 -17.24
N VAL A 26 3.31 23.24 -16.93
CA VAL A 26 4.52 22.65 -16.35
C VAL A 26 4.24 22.20 -14.92
N SER A 27 3.52 23.02 -14.16
CA SER A 27 3.12 22.62 -12.81
C SER A 27 2.32 21.33 -12.88
N TRP A 28 1.52 21.17 -13.95
CA TRP A 28 0.72 19.97 -14.13
C TRP A 28 1.58 18.74 -14.33
N VAL A 29 2.54 18.80 -15.26
CA VAL A 29 3.37 17.63 -15.56
C VAL A 29 4.32 17.33 -14.41
N ALA A 30 4.81 18.36 -13.74
CA ALA A 30 5.81 18.17 -12.70
C ALA A 30 5.19 17.58 -11.43
N LYS A 31 3.88 17.75 -11.23
CA LYS A 31 3.26 17.21 -10.04
C LYS A 31 3.12 15.69 -10.15
N ASN A 32 2.93 15.19 -11.38
CA ASN A 32 2.96 13.77 -11.70
C ASN A 32 4.38 13.29 -11.94
N LEU A 33 5.37 14.07 -11.53
CA LEU A 33 6.80 13.78 -11.68
C LEU A 33 7.58 13.79 -10.37
N PRO A 34 7.01 13.33 -9.31
CA PRO A 34 7.78 13.38 -8.05
C PRO A 34 9.27 13.14 -8.25
N ALA A 35 9.61 12.02 -8.91
CA ALA A 35 10.93 11.77 -9.48
C ALA A 35 12.06 12.26 -8.59
N ARG A 36 11.91 12.15 -7.28
CA ARG A 36 12.76 12.92 -6.37
C ARG A 36 14.25 12.65 -6.56
N PRO A 37 14.73 11.40 -6.59
CA PRO A 37 16.14 11.15 -6.86
C PRO A 37 16.49 10.89 -8.32
N ALA A 38 17.73 10.42 -8.52
CA ALA A 38 18.25 9.87 -9.77
C ALA A 38 17.47 8.62 -10.22
N VAL A 39 17.51 8.23 -11.50
CA VAL A 39 18.46 8.71 -12.51
C VAL A 39 18.04 10.06 -13.10
N PRO A 40 19.04 10.85 -13.51
CA PRO A 40 18.74 12.20 -14.03
C PRO A 40 17.83 12.21 -15.24
N VAL A 41 17.70 11.10 -15.96
CA VAL A 41 16.78 11.06 -17.10
C VAL A 41 15.35 11.19 -16.61
N LEU A 42 15.07 10.62 -15.45
CA LEU A 42 13.72 10.65 -14.88
C LEU A 42 13.37 11.94 -14.15
N SER A 43 14.37 12.77 -13.86
CA SER A 43 14.14 14.02 -13.16
C SER A 43 13.57 15.12 -14.06
N GLY A 44 13.74 15.00 -15.37
CA GLY A 44 13.47 16.10 -16.27
C GLY A 44 12.10 16.07 -16.92
N VAL A 45 11.80 17.15 -17.62
CA VAL A 45 10.56 17.34 -18.37
C VAL A 45 10.93 17.75 -19.79
N LEU A 46 10.22 17.22 -20.77
CA LEU A 46 10.63 17.37 -22.17
C LEU A 46 9.61 18.23 -22.91
N LEU A 47 10.09 19.29 -23.56
CA LEU A 47 9.27 20.25 -24.26
C LEU A 47 9.47 20.09 -25.77
N THR A 48 8.37 20.00 -26.52
CA THR A 48 8.44 19.96 -27.99
C THR A 48 7.44 20.95 -28.55
N GLY A 49 7.91 21.87 -29.39
CA GLY A 49 7.02 22.74 -30.14
C GLY A 49 6.80 22.20 -31.57
N SER A 50 5.58 22.37 -32.03
CA SER A 50 5.20 22.06 -33.40
C SER A 50 4.00 22.95 -33.74
N ASP A 51 3.51 22.83 -34.98
CA ASP A 51 2.19 23.33 -35.38
C ASP A 51 1.90 24.70 -34.79
N ASN A 52 0.75 24.82 -34.12
CA ASN A 52 0.39 25.99 -33.34
C ASN A 52 0.61 25.84 -31.83
N GLY A 53 1.19 24.74 -31.35
CA GLY A 53 1.26 24.58 -29.90
C GLY A 53 2.47 23.85 -29.36
N LEU A 54 2.56 23.87 -28.02
CA LEU A 54 3.67 23.35 -27.24
C LEU A 54 3.23 22.14 -26.42
N THR A 55 4.10 21.12 -26.34
CA THR A 55 3.79 19.90 -25.59
C THR A 55 4.80 19.70 -24.47
N ILE A 56 4.29 19.48 -23.26
CA ILE A 56 5.09 19.25 -22.05
C ILE A 56 4.85 17.82 -21.61
N SER A 57 5.92 17.04 -21.41
CA SER A 57 5.81 15.61 -21.17
C SER A 57 6.60 15.20 -19.93
N GLY A 58 6.07 14.19 -19.21
CA GLY A 58 6.75 13.62 -18.06
C GLY A 58 6.32 12.18 -17.85
N PHE A 59 7.13 11.48 -17.06
CA PHE A 59 6.88 10.09 -16.71
C PHE A 59 7.34 9.75 -15.30
N ASP A 60 6.56 8.91 -14.64
CA ASP A 60 6.74 8.41 -13.29
C ASP A 60 6.72 6.91 -13.43
N TYR A 61 6.40 6.23 -12.37
CA TYR A 61 6.26 4.78 -12.44
C TYR A 61 4.77 4.58 -12.44
N GLU A 62 4.26 4.09 -13.55
CA GLU A 62 2.85 3.80 -13.75
C GLU A 62 2.02 4.92 -14.25
N VAL A 63 2.52 6.14 -14.32
CA VAL A 63 1.70 7.23 -14.82
C VAL A 63 2.49 8.20 -15.67
N SER A 64 1.96 8.65 -16.78
CA SER A 64 2.67 9.56 -17.65
C SER A 64 1.85 10.77 -17.86
N ALA A 65 2.43 11.95 -17.76
CA ALA A 65 1.68 13.14 -17.96
C ALA A 65 2.10 13.94 -19.14
N GLU A 66 1.15 14.36 -19.93
CA GLU A 66 1.42 15.19 -21.08
C GLU A 66 0.41 16.30 -21.11
N ALA A 67 0.88 17.53 -21.15
CA ALA A 67 0.01 18.70 -21.21
C ALA A 67 0.32 19.44 -22.50
N GLN A 68 -0.71 19.70 -23.29
CA GLN A 68 -0.56 20.46 -24.52
C GLN A 68 -1.19 21.84 -24.36
N VAL A 69 -0.41 22.87 -24.65
CA VAL A 69 -0.88 24.25 -24.60
C VAL A 69 -0.55 24.94 -25.91
N GLY A 70 -1.39 25.92 -26.26
CA GLY A 70 -1.11 26.74 -27.41
C GLY A 70 0.06 27.70 -27.13
N ALA A 71 0.95 27.79 -28.11
CA ALA A 71 2.08 28.70 -28.04
C ALA A 71 2.43 29.08 -29.48
N GLU A 72 3.09 30.20 -29.65
CA GLU A 72 3.49 30.61 -30.99
C GLU A 72 4.90 30.07 -31.21
N ILE A 73 5.01 29.10 -32.12
CA ILE A 73 6.27 28.39 -32.36
C ILE A 73 6.97 29.11 -33.50
N VAL A 74 8.02 29.85 -33.17
CA VAL A 74 8.80 30.48 -34.24
C VAL A 74 9.80 29.47 -34.84
N SER A 75 10.25 28.49 -34.06
CA SER A 75 11.03 27.39 -34.64
C SER A 75 10.74 26.04 -33.98
N PRO A 76 10.65 24.98 -34.79
CA PRO A 76 10.44 23.63 -34.25
C PRO A 76 11.58 23.16 -33.37
N GLY A 77 11.29 22.14 -32.57
CA GLY A 77 12.32 21.42 -31.86
C GLY A 77 11.79 20.78 -30.60
N SER A 78 12.68 20.07 -29.92
CA SER A 78 12.38 19.49 -28.62
C SER A 78 13.58 19.74 -27.70
N VAL A 79 13.32 19.79 -26.39
CA VAL A 79 14.37 19.97 -25.42
C VAL A 79 13.92 19.36 -24.10
N LEU A 80 14.88 18.83 -23.33
CA LEU A 80 14.62 18.19 -22.05
C LEU A 80 15.31 19.00 -20.96
N VAL A 81 14.51 19.60 -20.07
CA VAL A 81 15.01 20.43 -18.99
C VAL A 81 14.45 19.89 -17.68
N SER A 82 15.09 20.29 -16.58
CA SER A 82 14.70 19.78 -15.26
C SER A 82 13.25 20.15 -14.95
N GLY A 83 12.49 19.16 -14.47
CA GLY A 83 11.07 19.31 -14.25
C GLY A 83 10.65 20.26 -13.14
N ARG A 84 11.12 20.01 -11.92
CA ARG A 84 10.68 20.81 -10.78
C ARG A 84 11.17 22.25 -10.88
N LEU A 85 12.42 22.44 -11.31
CA LEU A 85 12.97 23.79 -11.37
C LEU A 85 12.22 24.67 -12.36
N LEU A 86 11.89 24.13 -13.54
CA LEU A 86 11.23 24.98 -14.53
C LEU A 86 9.78 25.23 -14.17
N SER A 87 9.18 24.34 -13.38
CA SER A 87 7.87 24.64 -12.81
C SER A 87 7.99 25.70 -11.72
N ASP A 88 9.10 25.70 -10.98
CA ASP A 88 9.32 26.72 -9.97
C ASP A 88 9.60 28.09 -10.60
N ILE A 89 10.36 28.09 -11.70
CA ILE A 89 10.65 29.35 -12.39
C ILE A 89 9.38 29.95 -12.98
N THR A 90 8.65 29.16 -13.78
CA THR A 90 7.51 29.69 -14.50
C THR A 90 6.40 30.18 -13.58
N ARG A 91 6.38 29.72 -12.33
CA ARG A 91 5.41 30.25 -11.38
C ARG A 91 5.85 31.55 -10.73
N ALA A 92 7.15 31.79 -10.63
CA ALA A 92 7.68 32.97 -9.96
C ALA A 92 8.00 34.12 -10.91
N LEU A 93 7.85 33.92 -12.22
CA LEU A 93 8.12 35.00 -13.17
C LEU A 93 7.02 36.06 -13.10
N PRO A 94 7.31 37.27 -13.55
CA PRO A 94 6.26 38.29 -13.64
C PRO A 94 5.22 37.90 -14.67
N ASN A 95 4.05 38.54 -14.59
CA ASN A 95 2.97 38.18 -15.50
C ASN A 95 3.18 38.98 -16.78
N LYS A 96 3.85 38.34 -17.75
CA LYS A 96 4.17 38.87 -19.06
C LYS A 96 4.46 37.68 -19.98
N PRO A 97 4.69 37.89 -21.28
CA PRO A 97 5.03 36.75 -22.14
C PRO A 97 6.37 36.11 -21.76
N VAL A 98 6.48 34.81 -22.04
CA VAL A 98 7.68 34.04 -21.78
C VAL A 98 8.30 33.64 -23.11
N ASP A 99 9.56 34.00 -23.31
CA ASP A 99 10.32 33.62 -24.49
C ASP A 99 11.31 32.53 -24.12
N VAL A 100 11.27 31.43 -24.87
CA VAL A 100 12.17 30.30 -24.65
C VAL A 100 12.91 30.04 -25.96
N HIS A 101 14.24 30.00 -25.88
CA HIS A 101 15.08 29.79 -27.04
C HIS A 101 16.16 28.79 -26.67
N VAL A 102 16.17 27.64 -27.33
CA VAL A 102 17.19 26.63 -27.07
C VAL A 102 18.48 27.03 -27.79
N GLU A 103 19.54 27.22 -27.01
CA GLU A 103 20.85 27.54 -27.55
C GLU A 103 21.81 26.43 -27.13
N GLY A 104 22.16 25.56 -28.07
CA GLY A 104 23.10 24.49 -27.76
C GLY A 104 22.59 23.57 -26.67
N ASN A 105 23.43 23.34 -25.67
CA ASN A 105 23.13 22.47 -24.54
C ASN A 105 22.32 23.15 -23.44
N ARG A 106 21.95 24.42 -23.64
CA ARG A 106 21.20 25.20 -22.66
C ARG A 106 19.97 25.86 -23.29
N VAL A 107 19.08 26.33 -22.41
CA VAL A 107 17.82 26.93 -22.82
C VAL A 107 17.74 28.33 -22.24
N ALA A 108 17.53 29.32 -23.11
CA ALA A 108 17.41 30.71 -22.69
C ALA A 108 15.94 31.03 -22.46
N LEU A 109 15.61 31.46 -21.25
CA LEU A 109 14.24 31.81 -20.87
C LEU A 109 14.21 33.28 -20.50
N THR A 110 13.32 34.04 -21.15
CA THR A 110 13.23 35.48 -20.94
C THR A 110 11.78 35.85 -20.66
N CYS A 111 11.54 36.46 -19.49
CA CYS A 111 10.23 36.98 -19.14
C CYS A 111 10.44 38.33 -18.45
N GLY A 112 9.95 39.39 -19.09
CA GLY A 112 10.16 40.72 -18.55
C GLY A 112 11.64 41.07 -18.52
N ASN A 113 12.13 41.46 -17.33
CA ASN A 113 13.55 41.73 -17.15
C ASN A 113 14.29 40.55 -16.55
N ALA A 114 13.62 39.44 -16.30
CA ALA A 114 14.27 38.25 -15.76
C ALA A 114 14.71 37.35 -16.91
N ARG A 115 15.90 36.78 -16.76
CA ARG A 115 16.44 35.90 -17.79
C ARG A 115 17.04 34.68 -17.10
N PHE A 116 16.79 33.51 -17.69
CA PHE A 116 17.32 32.26 -17.18
C PHE A 116 18.02 31.52 -18.30
N SER A 117 19.17 30.95 -17.98
CA SER A 117 19.87 30.00 -18.84
C SER A 117 20.00 28.71 -18.06
N LEU A 118 19.33 27.67 -18.52
CA LEU A 118 19.29 26.41 -17.83
C LEU A 118 19.89 25.30 -18.67
N PRO A 119 20.62 24.39 -18.07
CA PRO A 119 21.20 23.28 -18.82
C PRO A 119 20.12 22.30 -19.24
N THR A 120 20.44 21.55 -20.27
CA THR A 120 19.53 20.56 -20.80
C THR A 120 20.16 19.19 -20.65
N MET A 121 19.40 18.18 -21.02
CA MET A 121 19.86 16.80 -21.03
C MET A 121 19.58 16.24 -22.40
N PRO A 122 20.29 15.18 -22.80
CA PRO A 122 20.09 14.65 -24.16
C PRO A 122 18.65 14.19 -24.33
N VAL A 123 18.01 14.70 -25.38
CA VAL A 123 16.68 14.24 -25.73
C VAL A 123 16.75 12.78 -26.16
N GLU A 124 17.95 12.32 -26.54
CA GLU A 124 18.18 10.92 -26.90
C GLU A 124 17.77 9.96 -25.81
N ASP A 125 17.85 10.38 -24.54
CA ASP A 125 17.64 9.48 -23.43
C ASP A 125 16.19 9.42 -22.93
N TYR A 126 15.32 10.27 -23.44
CA TYR A 126 13.99 10.30 -22.83
C TYR A 126 13.16 9.14 -23.37
N PRO A 127 12.55 8.33 -22.51
CA PRO A 127 11.77 7.18 -22.98
C PRO A 127 10.58 7.56 -23.85
N THR A 128 10.25 6.67 -24.79
CA THR A 128 9.01 6.79 -25.56
C THR A 128 7.87 6.31 -24.67
N LEU A 129 6.96 7.18 -24.39
CA LEU A 129 5.94 6.86 -23.41
C LEU A 129 4.67 6.30 -24.05
N PRO A 130 3.93 5.46 -23.30
CA PRO A 130 2.86 4.66 -23.90
C PRO A 130 1.81 5.44 -24.68
N THR A 131 1.25 4.77 -25.69
CA THR A 131 0.11 5.28 -26.43
C THR A 131 -1.17 5.22 -25.61
N LEU A 132 -2.01 6.24 -25.73
CA LEU A 132 -3.33 6.15 -25.14
C LEU A 132 -4.19 5.22 -25.98
N PRO A 133 -4.91 4.27 -25.37
CA PRO A 133 -5.85 3.47 -26.13
C PRO A 133 -6.99 4.32 -26.70
N GLU A 134 -7.85 3.67 -27.46
CA GLU A 134 -9.00 4.35 -28.05
C GLU A 134 -9.97 4.80 -26.97
N GLU A 135 -10.60 5.95 -27.20
CA GLU A 135 -11.50 6.53 -26.21
C GLU A 135 -12.68 5.60 -25.94
N THR A 136 -12.88 5.26 -24.67
CA THR A 136 -14.02 4.45 -24.27
C THR A 136 -15.23 5.27 -23.84
N GLY A 137 -15.06 6.55 -23.57
CA GLY A 137 -16.18 7.39 -23.19
C GLY A 137 -15.72 8.59 -22.38
N LEU A 138 -16.69 9.43 -22.06
CA LEU A 138 -16.41 10.68 -21.34
C LEU A 138 -17.57 11.04 -20.44
N LEU A 139 -17.25 11.74 -19.36
CA LEU A 139 -18.18 12.18 -18.33
C LEU A 139 -17.72 13.53 -17.82
N PRO A 140 -18.63 14.36 -17.32
CA PRO A 140 -18.22 15.67 -16.78
C PRO A 140 -17.15 15.51 -15.71
N ALA A 141 -16.18 16.42 -15.72
CA ALA A 141 -15.07 16.33 -14.76
C ALA A 141 -15.56 16.51 -13.33
N GLU A 142 -16.61 17.32 -13.14
CA GLU A 142 -17.13 17.53 -11.80
C GLU A 142 -17.85 16.30 -11.25
N LEU A 143 -18.41 15.47 -12.14
CA LEU A 143 -18.96 14.19 -11.68
C LEU A 143 -17.84 13.17 -11.46
N PHE A 144 -16.91 13.09 -12.41
CA PHE A 144 -15.76 12.20 -12.27
C PHE A 144 -14.96 12.53 -11.01
N ALA A 145 -14.81 13.82 -10.71
CA ALA A 145 -14.09 14.22 -9.51
C ALA A 145 -14.78 13.69 -8.25
N GLU A 146 -16.10 13.85 -8.17
CA GLU A 146 -16.82 13.39 -6.98
C GLU A 146 -16.92 11.87 -6.94
N ALA A 147 -17.14 11.23 -8.09
CA ALA A 147 -17.31 9.79 -8.10
C ALA A 147 -16.05 9.07 -7.63
N ILE A 148 -14.89 9.54 -8.09
CA ILE A 148 -13.63 8.93 -7.65
C ILE A 148 -13.35 9.29 -6.20
N SER A 149 -13.69 10.51 -5.79
CA SER A 149 -13.43 10.93 -4.41
C SER A 149 -14.21 10.06 -3.42
N GLN A 150 -15.42 9.65 -3.78
CA GLN A 150 -16.21 8.81 -2.88
C GLN A 150 -15.64 7.40 -2.80
N VAL A 151 -15.26 6.82 -3.94
CA VAL A 151 -14.86 5.42 -3.95
C VAL A 151 -13.44 5.23 -3.44
N ALA A 152 -12.55 6.21 -3.69
CA ALA A 152 -11.14 6.04 -3.32
C ALA A 152 -10.93 5.94 -1.82
N ILE A 153 -11.77 6.61 -1.02
CA ILE A 153 -11.55 6.66 0.42
C ILE A 153 -11.65 5.27 1.05
N ALA A 154 -12.33 4.33 0.41
CA ALA A 154 -12.45 2.98 0.93
C ALA A 154 -11.39 2.03 0.39
N ALA A 155 -10.57 2.50 -0.55
CA ALA A 155 -9.56 1.64 -1.15
C ALA A 155 -8.39 1.42 -0.19
N GLY A 156 -7.80 0.22 -0.29
CA GLY A 156 -6.66 -0.09 0.56
C GLY A 156 -5.43 0.72 0.20
N ARG A 157 -4.69 1.13 1.23
CA ARG A 157 -3.46 1.88 1.08
C ARG A 157 -2.22 0.97 1.09
N ASP A 158 -2.43 -0.34 1.14
CA ASP A 158 -1.37 -1.30 1.45
C ASP A 158 -0.50 -1.55 0.21
N ASP A 159 0.39 -2.53 0.34
CA ASP A 159 1.30 -3.01 -0.69
C ASP A 159 1.16 -4.53 -0.76
N THR A 160 1.37 -5.17 0.38
CA THR A 160 1.32 -6.63 0.45
C THR A 160 0.06 -7.23 -0.16
N LEU A 161 -1.04 -6.46 -0.26
CA LEU A 161 -2.31 -6.96 -0.82
C LEU A 161 -2.72 -6.10 -2.00
N PRO A 162 -2.17 -6.42 -3.19
CA PRO A 162 -2.45 -5.54 -4.36
C PRO A 162 -3.96 -5.47 -4.69
N MET A 163 -4.74 -6.51 -4.31
CA MET A 163 -6.15 -6.59 -4.72
C MET A 163 -6.97 -5.41 -4.19
N LEU A 164 -6.65 -4.94 -2.99
CA LEU A 164 -7.45 -3.91 -2.32
C LEU A 164 -7.00 -2.50 -2.64
N THR A 165 -5.82 -2.32 -3.23
CA THR A 165 -5.26 -0.99 -3.44
C THR A 165 -5.80 -0.30 -4.68
N GLY A 166 -6.68 -0.95 -5.44
CA GLY A 166 -7.19 -0.42 -6.68
C GLY A 166 -8.65 -0.01 -6.61
N ILE A 167 -9.09 0.63 -7.69
CA ILE A 167 -10.50 0.97 -7.91
C ILE A 167 -10.99 0.18 -9.12
N ARG A 168 -12.03 -0.62 -8.92
CA ARG A 168 -12.56 -1.42 -10.02
C ARG A 168 -13.54 -0.59 -10.85
N VAL A 169 -13.37 -0.63 -12.17
CA VAL A 169 -14.23 0.07 -13.12
C VAL A 169 -14.99 -0.96 -13.92
N GLU A 170 -16.31 -1.00 -13.73
CA GLU A 170 -17.20 -1.85 -14.50
C GLU A 170 -17.97 -0.97 -15.46
N ILE A 171 -17.86 -1.26 -16.75
CA ILE A 171 -18.48 -0.46 -17.81
C ILE A 171 -19.50 -1.33 -18.52
N LEU A 172 -20.77 -0.95 -18.44
CA LEU A 172 -21.83 -1.58 -19.22
C LEU A 172 -22.63 -0.49 -19.90
N GLY A 173 -22.51 -0.39 -21.22
CA GLY A 173 -23.26 0.62 -21.96
C GLY A 173 -22.95 2.01 -21.47
N GLU A 174 -24.00 2.73 -21.07
CA GLU A 174 -23.88 4.09 -20.56
C GLU A 174 -23.71 4.15 -19.04
N THR A 175 -23.85 3.04 -18.34
CA THR A 175 -23.74 3.00 -16.90
C THR A 175 -22.34 2.56 -16.49
N VAL A 176 -21.73 3.32 -15.57
CA VAL A 176 -20.42 2.99 -15.03
C VAL A 176 -20.58 2.77 -13.53
N VAL A 177 -19.99 1.68 -13.03
CA VAL A 177 -20.03 1.35 -11.61
C VAL A 177 -18.59 1.34 -11.10
N LEU A 178 -18.35 2.03 -9.99
CA LEU A 178 -17.03 2.14 -9.39
C LEU A 178 -17.05 1.54 -7.99
N ALA A 179 -16.01 0.77 -7.65
CA ALA A 179 -15.95 0.10 -6.36
C ALA A 179 -14.51 0.01 -5.86
N ALA A 180 -14.35 0.05 -4.53
CA ALA A 180 -13.08 -0.18 -3.88
C ALA A 180 -13.32 -0.69 -2.47
N THR A 181 -12.38 -1.49 -1.95
CA THR A 181 -12.48 -1.98 -0.58
C THR A 181 -11.10 -2.32 -0.03
N ASP A 182 -10.95 -2.14 1.29
CA ASP A 182 -9.77 -2.56 2.04
C ASP A 182 -10.04 -3.81 2.87
N ARG A 183 -11.21 -4.42 2.66
CA ARG A 183 -11.80 -5.57 3.35
C ARG A 183 -12.55 -5.17 4.61
N PHE A 184 -12.35 -3.95 5.09
CA PHE A 184 -13.16 -3.45 6.20
C PHE A 184 -14.34 -2.59 5.75
N ARG A 185 -14.28 -2.05 4.53
CA ARG A 185 -15.26 -1.08 4.08
C ARG A 185 -15.37 -1.16 2.56
N LEU A 186 -16.58 -0.99 2.03
CA LEU A 186 -16.80 -1.04 0.60
C LEU A 186 -17.56 0.20 0.14
N ALA A 187 -17.05 0.86 -0.88
CA ALA A 187 -17.67 2.04 -1.48
C ALA A 187 -18.04 1.73 -2.93
N VAL A 188 -19.27 2.00 -3.30
CA VAL A 188 -19.78 1.76 -4.66
C VAL A 188 -20.51 3.00 -5.13
N ARG A 189 -20.15 3.50 -6.31
CA ARG A 189 -20.83 4.60 -6.95
C ARG A 189 -21.25 4.13 -8.34
N GLU A 190 -22.51 4.39 -8.70
CA GLU A 190 -23.03 4.05 -10.02
C GLU A 190 -23.51 5.32 -10.69
N LEU A 191 -23.03 5.57 -11.91
CA LEU A 191 -23.30 6.80 -12.62
C LEU A 191 -23.55 6.48 -14.09
N LYS A 192 -24.08 7.46 -14.81
CA LYS A 192 -24.29 7.37 -16.24
C LYS A 192 -23.39 8.36 -16.95
N TRP A 193 -22.78 7.91 -18.04
CA TRP A 193 -21.80 8.70 -18.77
C TRP A 193 -22.10 8.61 -20.25
N SER A 194 -21.40 9.44 -21.03
CA SER A 194 -21.56 9.43 -22.48
C SER A 194 -20.52 8.49 -23.04
N ALA A 195 -20.98 7.34 -23.53
CA ALA A 195 -20.12 6.25 -23.96
C ALA A 195 -19.99 6.24 -25.47
N SER A 196 -18.81 5.83 -25.94
CA SER A 196 -18.55 5.76 -27.37
C SER A 196 -18.79 4.36 -27.92
N SER A 197 -19.17 3.44 -27.05
CA SER A 197 -19.44 2.09 -27.51
C SER A 197 -20.67 1.54 -26.80
N PRO A 198 -21.81 2.21 -26.92
CA PRO A 198 -22.97 1.66 -26.22
C PRO A 198 -23.83 0.81 -27.15
N ASP A 199 -24.03 -0.46 -26.77
CA ASP A 199 -23.45 -0.99 -25.55
C ASP A 199 -22.19 -1.82 -25.83
N ILE A 200 -21.17 -1.65 -25.00
CA ILE A 200 -20.02 -2.56 -24.95
C ILE A 200 -19.58 -2.69 -23.50
N GLU A 201 -19.29 -3.92 -23.10
CA GLU A 201 -19.04 -4.30 -21.72
C GLU A 201 -17.55 -4.36 -21.42
N ALA A 202 -17.18 -4.04 -20.18
CA ALA A 202 -15.80 -4.17 -19.75
C ALA A 202 -15.68 -3.93 -18.25
N ALA A 203 -14.65 -4.54 -17.66
CA ALA A 203 -14.30 -4.34 -16.26
C ALA A 203 -12.78 -4.34 -16.12
N VAL A 204 -12.24 -3.29 -15.51
CA VAL A 204 -10.81 -3.18 -15.25
C VAL A 204 -10.60 -2.73 -13.81
N LEU A 205 -9.35 -2.81 -13.35
CA LEU A 205 -9.00 -2.35 -12.01
C LEU A 205 -7.78 -1.45 -12.10
N VAL A 206 -7.93 -0.22 -11.60
CA VAL A 206 -6.95 0.85 -11.77
C VAL A 206 -6.43 1.21 -10.38
N PRO A 207 -5.14 1.50 -10.20
CA PRO A 207 -4.63 1.84 -8.87
C PRO A 207 -5.36 3.04 -8.27
N ALA A 208 -5.78 2.91 -7.01
CA ALA A 208 -6.63 3.93 -6.40
C ALA A 208 -5.93 5.28 -6.29
N LYS A 209 -4.72 5.29 -5.74
CA LYS A 209 -4.05 6.54 -5.42
C LYS A 209 -3.85 7.40 -6.67
N THR A 210 -3.38 6.80 -7.75
CA THR A 210 -3.19 7.55 -8.99
C THR A 210 -4.53 8.02 -9.55
N LEU A 211 -5.53 7.13 -9.56
CA LEU A 211 -6.83 7.51 -10.11
C LEU A 211 -7.51 8.55 -9.23
N ALA A 212 -7.22 8.56 -7.92
CA ALA A 212 -7.78 9.58 -7.03
C ALA A 212 -7.11 10.93 -7.24
N GLU A 213 -5.78 10.95 -7.38
CA GLU A 213 -5.08 12.22 -7.59
C GLU A 213 -5.39 12.80 -8.96
N ALA A 214 -5.49 11.95 -9.97
CA ALA A 214 -5.83 12.42 -11.31
C ALA A 214 -7.22 13.04 -11.35
N ALA A 215 -8.14 12.53 -10.53
CA ALA A 215 -9.50 13.08 -10.49
C ALA A 215 -9.54 14.45 -9.84
N LYS A 216 -8.91 14.59 -8.67
CA LYS A 216 -8.86 15.89 -8.00
C LYS A 216 -8.10 16.91 -8.83
N ALA A 217 -7.16 16.46 -9.61
CA ALA A 217 -6.42 17.36 -10.44
C ALA A 217 -7.29 17.93 -11.48
N GLY A 218 -8.07 17.06 -12.06
CA GLY A 218 -8.94 17.36 -13.17
C GLY A 218 -10.05 18.31 -13.03
N ILE A 219 -10.49 18.54 -11.82
CA ILE A 219 -11.63 19.36 -11.59
C ILE A 219 -11.44 20.67 -12.30
N GLY A 220 -12.49 21.15 -12.92
CA GLY A 220 -12.48 22.39 -13.61
C GLY A 220 -13.91 22.76 -13.94
N GLY A 221 -14.37 22.48 -15.15
CA GLY A 221 -13.54 21.89 -16.16
C GLY A 221 -14.28 21.31 -17.29
N SER A 222 -13.49 20.80 -18.22
CA SER A 222 -14.12 20.18 -19.38
C SER A 222 -14.62 18.78 -19.01
N ASP A 223 -15.07 18.03 -20.00
CA ASP A 223 -15.37 16.61 -19.86
C ASP A 223 -14.12 15.75 -19.89
N VAL A 224 -13.93 14.90 -18.88
CA VAL A 224 -12.79 14.00 -18.80
C VAL A 224 -13.11 12.71 -19.55
N ARG A 225 -12.17 12.27 -20.39
CA ARG A 225 -12.33 11.10 -21.24
C ARG A 225 -11.47 9.95 -20.73
N LEU A 226 -12.07 8.77 -20.63
CA LEU A 226 -11.34 7.57 -20.22
C LEU A 226 -11.10 6.69 -21.44
N SER A 227 -9.88 6.17 -21.55
CA SER A 227 -9.44 5.41 -22.72
C SER A 227 -9.00 4.05 -22.19
N LEU A 228 -9.74 3.01 -22.59
CA LEU A 228 -9.45 1.64 -22.16
C LEU A 228 -9.27 0.73 -23.37
N GLY A 229 -10.29 0.57 -24.19
CA GLY A 229 -10.13 -0.20 -25.41
C GLY A 229 -11.12 0.23 -26.48
N THR A 230 -11.06 -0.48 -27.59
CA THR A 230 -11.98 -0.26 -28.69
C THR A 230 -13.38 -0.91 -28.55
N GLY A 231 -13.55 -2.09 -27.94
CA GLY A 231 -12.51 -2.96 -27.41
C GLY A 231 -12.33 -4.24 -28.23
N PRO A 232 -11.78 -5.30 -27.61
CA PRO A 232 -11.54 -6.56 -28.33
C PRO A 232 -12.78 -7.21 -28.98
N GLY A 233 -13.95 -7.35 -28.32
CA GLY A 233 -14.21 -6.98 -26.94
C GLY A 233 -14.93 -5.66 -26.77
N GLY A 235 -13.20 -3.87 -23.09
CA GLY A 235 -11.96 -3.69 -22.35
C GLY A 235 -10.77 -3.53 -23.28
N LYS A 236 -9.58 -3.83 -22.76
CA LYS A 236 -8.34 -3.97 -23.53
C LYS A 236 -7.17 -4.17 -22.58
N ASP A 237 -5.98 -4.35 -23.14
CA ASP A 237 -4.75 -4.31 -22.34
C ASP A 237 -3.86 -3.20 -22.90
N GLY A 238 -2.95 -2.66 -22.10
CA GLY A 238 -2.92 -2.77 -20.65
C GLY A 238 -3.12 -1.49 -19.84
N LEU A 239 -3.76 -0.46 -20.39
CA LEU A 239 -3.63 0.86 -19.80
C LEU A 239 -4.95 1.63 -19.78
N LEU A 240 -4.99 2.64 -18.91
CA LEU A 240 -6.11 3.57 -18.78
C LEU A 240 -5.61 4.99 -19.08
N GLY A 241 -6.05 5.55 -20.20
CA GLY A 241 -5.80 6.94 -20.49
C GLY A 241 -6.86 7.82 -19.84
N ILE A 242 -6.43 8.96 -19.32
CA ILE A 242 -7.32 9.99 -18.80
C ILE A 242 -6.96 11.28 -19.50
N SER A 243 -7.85 11.75 -20.39
CA SER A 243 -7.60 12.91 -21.21
C SER A 243 -8.65 13.98 -20.95
N GLY A 244 -8.48 15.12 -21.60
CA GLY A 244 -9.42 16.20 -21.51
C GLY A 244 -8.83 17.40 -20.79
N ASN A 245 -9.39 18.57 -21.09
CA ASN A 245 -8.89 19.86 -20.62
C ASN A 245 -7.38 19.97 -20.80
N GLY A 246 -6.94 19.71 -22.03
CA GLY A 246 -5.55 19.93 -22.42
C GLY A 246 -4.54 19.00 -21.80
N LYS A 247 -4.96 18.04 -20.98
CA LYS A 247 -4.04 17.17 -20.28
C LYS A 247 -4.36 15.72 -20.63
N ARG A 248 -3.34 14.86 -20.59
CA ARG A 248 -3.55 13.46 -20.92
C ARG A 248 -2.55 12.62 -20.14
N SER A 249 -3.02 11.47 -19.64
CA SER A 249 -2.20 10.66 -18.75
C SER A 249 -2.57 9.20 -18.89
N THR A 250 -1.56 8.33 -18.85
CA THR A 250 -1.76 6.88 -18.84
C THR A 250 -1.33 6.28 -17.51
N THR A 251 -2.11 5.31 -17.03
CA THR A 251 -1.78 4.53 -15.85
C THR A 251 -1.92 3.05 -16.18
N ARG A 252 -0.91 2.26 -15.85
CA ARG A 252 -0.99 0.82 -16.05
C ARG A 252 -1.97 0.20 -15.07
N LEU A 253 -2.85 -0.67 -15.58
CA LEU A 253 -3.87 -1.27 -14.74
C LEU A 253 -3.21 -2.29 -13.82
N LEU A 254 -4.01 -2.91 -12.96
CA LEU A 254 -3.53 -3.95 -12.06
C LEU A 254 -4.12 -5.29 -12.50
N ASP A 255 -3.31 -6.34 -12.39
CA ASP A 255 -3.73 -7.68 -12.78
C ASP A 255 -4.67 -8.35 -11.77
N ALA A 256 -4.67 -7.90 -10.52
CA ALA A 256 -5.43 -8.58 -9.49
C ALA A 256 -6.92 -8.58 -9.79
N GLU A 257 -7.61 -9.62 -9.33
CA GLU A 257 -9.05 -9.77 -9.54
C GLU A 257 -9.79 -9.17 -8.35
N PHE A 258 -10.64 -8.19 -8.64
CA PHE A 258 -11.40 -7.53 -7.59
C PHE A 258 -12.48 -8.50 -7.08
N PRO A 259 -12.75 -8.50 -5.77
CA PRO A 259 -13.77 -9.42 -5.23
C PRO A 259 -15.11 -9.16 -5.89
N LYS A 260 -16.01 -10.16 -5.80
CA LYS A 260 -17.35 -10.00 -6.36
C LYS A 260 -18.15 -9.36 -5.23
N PHE A 261 -18.40 -8.06 -5.36
CA PHE A 261 -18.79 -7.26 -4.22
C PHE A 261 -20.29 -7.18 -3.99
N ARG A 262 -21.10 -7.51 -5.00
CA ARG A 262 -22.54 -7.40 -4.81
C ARG A 262 -23.12 -8.54 -3.99
N GLN A 263 -22.34 -9.59 -3.70
CA GLN A 263 -22.81 -10.56 -2.72
C GLN A 263 -22.77 -9.98 -1.30
N LEU A 264 -21.90 -9.01 -1.06
CA LEU A 264 -21.71 -8.46 0.27
C LEU A 264 -22.75 -7.43 0.67
N LEU A 265 -23.46 -6.85 -0.30
CA LEU A 265 -24.43 -5.80 0.00
C LEU A 265 -25.72 -6.44 0.51
N PRO A 266 -26.22 -6.04 1.68
CA PRO A 266 -27.41 -6.70 2.23
C PRO A 266 -28.67 -6.34 1.45
N THR A 267 -29.54 -7.34 1.30
CA THR A 267 -30.85 -7.17 0.69
C THR A 267 -31.88 -6.64 1.68
N GLU A 268 -31.64 -6.82 2.98
CA GLU A 268 -32.58 -6.45 4.03
C GLU A 268 -31.84 -5.80 5.18
N HIS A 269 -32.60 -5.11 6.01
CA HIS A 269 -32.10 -4.55 7.26
C HIS A 269 -33.09 -4.87 8.35
N THR A 270 -32.59 -5.31 9.51
CA THR A 270 -33.48 -5.53 10.64
C THR A 270 -33.84 -4.23 11.34
N ALA A 271 -32.96 -3.23 11.26
CA ALA A 271 -33.22 -1.92 11.82
C ALA A 271 -32.52 -0.89 10.95
N VAL A 272 -33.11 0.29 10.84
CA VAL A 272 -32.56 1.37 10.05
C VAL A 272 -32.60 2.66 10.84
N ALA A 273 -31.64 3.54 10.57
CA ALA A 273 -31.51 4.80 11.28
C ALA A 273 -31.13 5.88 10.28
N THR A 274 -31.80 7.03 10.37
CA THR A 274 -31.53 8.17 9.52
C THR A 274 -31.21 9.39 10.38
N MET A 275 -30.09 10.04 10.08
CA MET A 275 -29.57 11.12 10.90
C MET A 275 -29.05 12.24 10.02
N ASP A 276 -28.76 13.38 10.64
CA ASP A 276 -28.06 14.46 9.96
C ASP A 276 -26.57 14.18 9.96
N VAL A 277 -25.95 14.25 8.78
CA VAL A 277 -24.55 13.82 8.67
C VAL A 277 -23.62 14.83 9.32
N ALA A 278 -23.89 16.13 9.11
CA ALA A 278 -23.03 17.16 9.69
C ALA A 278 -23.05 17.07 11.21
N GLU A 279 -24.22 16.81 11.80
CA GLU A 279 -24.28 16.76 13.25
C GLU A 279 -23.64 15.48 13.80
N LEU A 280 -23.74 14.37 13.04
CA LEU A 280 -23.13 13.12 13.50
C LEU A 280 -21.61 13.17 13.36
N ILE A 281 -21.10 13.72 12.26
CA ILE A 281 -19.65 13.79 12.04
C ILE A 281 -18.97 14.56 13.18
N GLU A 282 -19.54 15.70 13.57
CA GLU A 282 -18.95 16.48 14.66
C GLU A 282 -19.06 15.74 15.99
N ALA A 283 -20.13 14.97 16.17
CA ALA A 283 -20.31 14.22 17.40
C ALA A 283 -19.27 13.11 17.55
N ILE A 284 -19.00 12.40 16.45
CA ILE A 284 -18.09 11.27 16.47
C ILE A 284 -16.71 11.68 16.96
N LYS A 285 -16.08 12.63 16.26
CA LYS A 285 -14.71 12.99 16.59
C LYS A 285 -14.62 14.00 17.72
N LEU A 286 -15.75 14.41 18.30
CA LEU A 286 -15.71 14.98 19.64
C LEU A 286 -15.63 13.87 20.69
N VAL A 287 -16.49 12.86 20.56
CA VAL A 287 -16.48 11.73 21.50
C VAL A 287 -15.18 10.95 21.38
N ALA A 288 -14.66 10.81 20.16
CA ALA A 288 -13.48 10.00 19.91
C ALA A 288 -12.21 10.63 20.45
N LEU A 289 -12.28 11.86 20.96
CA LEU A 289 -11.10 12.50 21.54
C LEU A 289 -10.54 11.68 22.68
N VAL A 290 -11.40 11.02 23.45
CA VAL A 290 -10.93 10.16 24.54
C VAL A 290 -10.87 8.69 24.14
N ALA A 291 -11.25 8.35 22.90
CA ALA A 291 -11.18 6.96 22.48
C ALA A 291 -9.72 6.53 22.42
N ASP A 292 -9.41 5.43 23.11
CA ASP A 292 -8.03 4.92 23.17
C ASP A 292 -7.57 4.46 21.81
N ARG A 293 -6.45 5.01 21.36
CA ARG A 293 -5.80 4.66 20.10
C ARG A 293 -6.67 4.93 18.88
N GLY A 294 -7.67 5.81 19.02
CA GLY A 294 -8.66 5.98 17.98
C GLY A 294 -9.39 4.71 17.61
N ALA A 295 -9.44 3.74 18.51
CA ALA A 295 -9.96 2.41 18.19
C ALA A 295 -11.41 2.42 17.75
N GLN A 296 -12.33 2.76 18.65
CA GLN A 296 -13.75 2.56 18.35
C GLN A 296 -14.60 3.58 19.07
N VAL A 297 -15.74 3.89 18.45
CA VAL A 297 -16.79 4.68 19.07
C VAL A 297 -18.06 3.83 19.07
N ARG A 298 -18.77 3.85 20.19
CA ARG A 298 -19.92 2.99 20.38
C ARG A 298 -21.21 3.76 20.16
N MET A 299 -22.18 3.11 19.52
CA MET A 299 -23.48 3.71 19.25
C MET A 299 -24.57 2.81 19.81
N GLU A 300 -25.33 3.33 20.78
CA GLU A 300 -26.47 2.62 21.34
C GLU A 300 -27.71 3.19 20.68
N PHE A 301 -28.29 2.42 19.77
CA PHE A 301 -29.49 2.86 19.07
C PHE A 301 -30.73 2.44 19.86
N ALA A 302 -31.52 3.43 20.24
CA ALA A 302 -32.90 3.27 20.67
C ALA A 302 -33.70 4.17 19.74
N ASP A 303 -35.00 4.28 19.95
CA ASP A 303 -35.77 5.05 18.97
C ASP A 303 -35.75 6.51 19.36
N GLY A 304 -35.63 7.37 18.35
CA GLY A 304 -35.42 8.78 18.52
C GLY A 304 -34.12 9.21 19.16
N SER A 305 -33.20 8.29 19.46
CA SER A 305 -31.92 8.69 20.05
C SER A 305 -30.87 7.63 19.76
N VAL A 306 -29.63 8.09 19.59
CA VAL A 306 -28.44 7.24 19.59
C VAL A 306 -27.44 7.86 20.55
N ARG A 307 -26.77 7.02 21.33
CA ARG A 307 -25.78 7.48 22.30
C ARG A 307 -24.38 7.06 21.84
N LEU A 308 -23.56 8.06 21.48
CA LEU A 308 -22.17 7.82 21.14
C LEU A 308 -21.32 7.84 22.41
N SER A 309 -20.39 6.89 22.50
CA SER A 309 -19.56 6.75 23.69
C SER A 309 -18.21 6.17 23.31
N ALA A 310 -17.18 6.56 24.07
CA ALA A 310 -15.83 6.04 23.88
C ALA A 310 -15.01 6.36 25.12
N GLY A 311 -13.76 5.90 25.12
CA GLY A 311 -12.79 6.27 26.13
C GLY A 311 -12.65 5.24 27.25
N ALA A 312 -11.59 5.43 28.03
CA ALA A 312 -11.33 4.64 29.22
C ALA A 312 -11.01 5.58 30.37
N ASP A 313 -11.16 5.05 31.59
CA ASP A 313 -10.92 5.85 32.79
C ASP A 313 -9.50 6.40 32.86
N ASP A 314 -8.55 5.76 32.18
CA ASP A 314 -7.15 6.17 32.29
C ASP A 314 -6.91 7.55 31.70
N VAL A 315 -7.71 7.94 30.71
CA VAL A 315 -7.62 9.23 30.03
C VAL A 315 -8.91 10.01 30.13
N GLY A 316 -10.03 9.40 29.79
CA GLY A 316 -11.32 10.06 29.90
C GLY A 316 -12.43 9.25 29.26
N ARG A 317 -13.65 9.67 29.58
CA ARG A 317 -14.86 9.07 29.03
C ARG A 317 -15.73 10.16 28.40
N ALA A 318 -16.43 9.79 27.33
CA ALA A 318 -17.25 10.73 26.58
C ALA A 318 -18.61 10.12 26.29
N GLU A 319 -19.61 10.99 26.21
CA GLU A 319 -20.97 10.59 25.87
C GLU A 319 -21.67 11.75 25.17
N GLU A 320 -22.42 11.44 24.12
CA GLU A 320 -23.28 12.43 23.48
C GLU A 320 -24.48 11.72 22.86
N ASP A 321 -25.65 12.33 23.02
CA ASP A 321 -26.89 11.82 22.45
C ASP A 321 -27.33 12.68 21.28
N LEU A 322 -27.74 12.04 20.20
CA LEU A 322 -28.25 12.74 19.02
C LEU A 322 -29.62 12.21 18.67
N VAL A 323 -30.36 13.02 17.92
CA VAL A 323 -31.71 12.66 17.49
C VAL A 323 -31.61 11.78 16.25
N VAL A 324 -32.41 10.71 16.22
CA VAL A 324 -32.42 9.75 15.13
C VAL A 324 -33.87 9.46 14.78
N ASP A 325 -34.11 9.17 13.51
CA ASP A 325 -35.40 8.62 13.08
C ASP A 325 -35.09 7.14 12.90
N TYR A 326 -35.54 6.34 13.87
CA TYR A 326 -35.14 4.96 14.01
C TYR A 326 -36.34 4.05 13.77
N ALA A 327 -36.08 2.90 13.13
CA ALA A 327 -37.12 1.91 12.93
C ALA A 327 -36.55 0.53 13.25
N GLY A 328 -37.28 -0.24 14.03
CA GLY A 328 -36.84 -1.54 14.51
C GLY A 328 -36.49 -1.49 15.99
N GLU A 329 -36.02 -2.67 16.51
CA GLU A 329 -35.71 -2.73 17.94
C GLU A 329 -34.26 -2.34 18.22
N PRO A 330 -34.02 -1.91 19.46
CA PRO A 330 -32.72 -1.31 19.81
C PRO A 330 -31.53 -2.21 19.51
N LEU A 331 -30.45 -1.56 19.05
CA LEU A 331 -29.20 -2.21 18.66
C LEU A 331 -28.06 -1.36 19.15
N THR A 332 -27.05 -2.01 19.74
CA THR A 332 -25.83 -1.34 20.19
C THR A 332 -24.67 -1.82 19.32
N ILE A 333 -24.06 -0.91 18.58
CA ILE A 333 -23.03 -1.23 17.61
C ILE A 333 -21.90 -0.21 17.70
N ALA A 334 -20.67 -0.67 17.47
CA ALA A 334 -19.48 0.16 17.57
C ALA A 334 -18.69 0.10 16.27
N PHE A 335 -18.22 1.26 15.82
CA PHE A 335 -17.45 1.37 14.58
C PHE A 335 -16.11 2.04 14.85
N ASN A 336 -15.22 1.91 13.87
CA ASN A 336 -13.98 2.70 13.86
C ASN A 336 -14.36 4.14 13.56
N PRO A 337 -14.02 5.09 14.44
CA PRO A 337 -14.44 6.49 14.19
C PRO A 337 -13.91 7.06 12.89
N THR A 338 -12.67 6.74 12.51
CA THR A 338 -12.12 7.23 11.26
C THR A 338 -12.85 6.61 10.06
N TYR A 339 -13.02 5.29 10.07
CA TYR A 339 -13.78 4.64 9.01
C TYR A 339 -15.20 5.16 8.97
N LEU A 340 -15.75 5.50 10.14
CA LEU A 340 -17.13 5.95 10.22
C LEU A 340 -17.32 7.34 9.62
N THR A 341 -16.46 8.30 9.97
CA THR A 341 -16.59 9.63 9.37
C THR A 341 -16.15 9.62 7.91
N ASP A 342 -15.21 8.75 7.55
CA ASP A 342 -14.84 8.58 6.14
C ASP A 342 -16.06 8.27 5.30
N GLY A 343 -16.93 7.38 5.79
CA GLY A 343 -18.16 7.07 5.07
C GLY A 343 -19.11 8.26 5.04
N LEU A 344 -19.32 8.90 6.20
CA LEU A 344 -20.28 10.00 6.28
C LEU A 344 -19.85 11.17 5.39
N SER A 345 -18.56 11.49 5.38
CA SER A 345 -18.08 12.55 4.51
C SER A 345 -18.22 12.18 3.03
N SER A 346 -18.28 10.88 2.73
CA SER A 346 -18.35 10.42 1.35
C SER A 346 -19.76 10.46 0.76
N LEU A 347 -20.81 10.51 1.60
CA LEU A 347 -22.16 10.43 1.07
C LEU A 347 -22.57 11.69 0.32
N ARG A 348 -22.05 12.84 0.74
CA ARG A 348 -22.34 14.13 0.12
C ARG A 348 -23.85 14.39 0.08
N SER A 349 -24.51 14.15 1.21
CA SER A 349 -25.94 14.41 1.34
C SER A 349 -26.20 15.03 2.72
N GLU A 350 -27.38 15.65 2.85
CA GLU A 350 -27.69 16.31 4.12
C GLU A 350 -27.98 15.31 5.22
N ARG A 351 -28.47 14.11 4.87
CA ARG A 351 -28.82 13.12 5.86
C ARG A 351 -28.27 11.77 5.41
N VAL A 352 -28.24 10.81 6.34
CA VAL A 352 -27.67 9.49 6.12
C VAL A 352 -28.71 8.44 6.52
N SER A 353 -28.67 7.28 5.86
CA SER A 353 -29.51 6.14 6.23
C SER A 353 -28.61 4.95 6.53
N PHE A 354 -28.73 4.42 7.75
CA PHE A 354 -27.95 3.27 8.20
C PHE A 354 -28.77 1.99 8.07
N GLY A 355 -28.40 1.11 7.16
CA GLY A 355 -28.92 -0.24 7.20
C GLY A 355 -28.21 -1.14 8.20
N PHE A 356 -28.93 -1.70 9.16
CA PHE A 356 -28.32 -2.54 10.19
C PHE A 356 -28.86 -3.96 10.14
N THR A 357 -28.05 -4.91 10.61
CA THR A 357 -28.55 -6.24 10.92
C THR A 357 -28.26 -6.62 12.37
N THR A 358 -27.02 -7.04 12.63
CA THR A 358 -26.54 -7.37 13.96
C THR A 358 -25.29 -6.54 14.25
N ALA A 359 -24.91 -6.48 15.53
CA ALA A 359 -23.70 -5.75 15.90
C ALA A 359 -22.44 -6.38 15.30
N GLY A 360 -22.54 -7.55 14.69
CA GLY A 360 -21.39 -8.17 14.06
C GLY A 360 -21.40 -8.18 12.55
N LYS A 361 -22.47 -7.67 11.94
CA LYS A 361 -22.62 -7.71 10.49
C LYS A 361 -22.54 -6.31 9.93
N SER A 362 -22.60 -6.23 8.60
CA SER A 362 -22.28 -4.98 7.92
C SER A 362 -23.37 -3.94 8.13
N ALA A 363 -22.96 -2.69 8.26
CA ALA A 363 -23.87 -1.55 8.27
C ALA A 363 -23.75 -0.85 6.92
N LEU A 364 -24.88 -0.55 6.31
CA LEU A 364 -24.90 -0.01 4.96
C LEU A 364 -25.30 1.46 5.07
N LEU A 365 -24.34 2.35 4.79
CA LEU A 365 -24.61 3.78 4.84
C LEU A 365 -25.02 4.25 3.46
N ARG A 366 -26.20 4.86 3.38
CA ARG A 366 -26.83 5.25 2.15
C ARG A 366 -27.12 6.74 2.18
N PRO A 367 -26.88 7.46 1.08
CA PRO A 367 -27.22 8.89 1.05
C PRO A 367 -28.72 9.08 0.93
N VAL A 368 -29.23 10.08 1.61
CA VAL A 368 -30.64 10.45 1.54
C VAL A 368 -30.74 11.96 1.38
N SER A 369 -31.74 12.40 0.64
CA SER A 369 -31.90 13.79 0.26
C SER A 369 -32.27 14.64 1.48
N GLY A 370 -32.56 15.91 1.24
CA GLY A 370 -32.90 16.74 2.36
C GLY A 370 -34.16 16.24 3.00
N ASP A 371 -35.28 16.26 2.27
CA ASP A 371 -36.52 15.70 2.80
C ASP A 371 -37.33 15.07 1.68
N ASP A 372 -37.45 13.73 1.69
CA ASP A 372 -38.27 13.01 0.72
C ASP A 372 -39.08 11.88 1.33
N ARG A 373 -38.37 10.90 1.89
CA ARG A 373 -38.73 9.52 2.24
C ARG A 373 -39.94 9.40 3.16
N PRO A 374 -40.59 8.22 3.21
CA PRO A 374 -41.74 7.99 4.10
C PRO A 374 -41.45 8.25 5.57
N ASN A 379 -43.08 0.81 6.99
CA ASN A 379 -41.96 1.19 7.85
C ASN A 379 -42.35 1.10 9.33
N GLY A 380 -43.33 0.25 9.63
CA GLY A 380 -43.68 0.02 11.01
C GLY A 380 -42.75 -0.78 11.90
N ASN A 381 -42.55 -2.07 11.62
CA ASN A 381 -41.71 -2.91 12.49
C ASN A 381 -40.83 -3.89 11.72
N GLY A 382 -41.45 -4.69 10.83
CA GLY A 382 -40.81 -5.84 10.25
C GLY A 382 -39.60 -5.50 9.38
N PRO A 383 -39.00 -6.53 8.78
CA PRO A 383 -37.75 -6.32 8.03
C PRO A 383 -37.89 -5.30 6.91
N PHE A 384 -36.91 -4.39 6.82
CA PHE A 384 -36.96 -3.30 5.87
C PHE A 384 -36.01 -3.59 4.71
N PRO A 385 -36.47 -3.58 3.46
CA PRO A 385 -35.55 -3.85 2.34
C PRO A 385 -34.60 -2.68 2.12
N ALA A 386 -33.46 -2.99 1.49
CA ALA A 386 -32.47 -1.99 1.13
C ALA A 386 -32.91 -1.21 -0.10
N VAL A 387 -33.08 0.10 0.06
CA VAL A 387 -33.51 0.97 -1.03
C VAL A 387 -32.34 1.29 -1.94
N SER A 388 -32.60 1.36 -3.25
CA SER A 388 -31.58 1.60 -4.25
C SER A 388 -31.08 3.04 -4.20
N THR A 389 -29.76 3.21 -4.32
CA THR A 389 -29.15 4.52 -4.47
C THR A 389 -27.94 4.39 -5.40
N ASP A 390 -27.46 5.54 -5.87
CA ASP A 390 -26.30 5.56 -6.74
C ASP A 390 -25.02 5.31 -5.97
N TYR A 391 -25.00 5.63 -4.68
CA TYR A 391 -23.83 5.42 -3.84
C TYR A 391 -24.16 4.52 -2.66
N VAL A 392 -23.16 3.74 -2.26
CA VAL A 392 -23.25 2.90 -1.07
C VAL A 392 -21.88 2.87 -0.40
N TYR A 393 -21.86 3.06 0.92
CA TYR A 393 -20.65 2.91 1.72
C TYR A 393 -20.98 1.88 2.78
N LEU A 394 -20.42 0.68 2.64
CA LEU A 394 -20.73 -0.43 3.53
C LEU A 394 -19.55 -0.65 4.46
N LEU A 395 -19.82 -0.58 5.76
CA LEU A 395 -18.77 -0.61 6.78
C LEU A 395 -19.08 -1.73 7.76
N MET A 396 -18.05 -2.47 8.15
CA MET A 396 -18.35 -3.49 9.13
C MET A 396 -17.79 -3.07 10.48
N PRO A 397 -18.52 -3.40 11.53
CA PRO A 397 -18.21 -2.85 12.86
C PRO A 397 -17.05 -3.48 13.59
N VAL A 398 -16.85 -3.06 14.84
CA VAL A 398 -15.79 -3.57 15.71
C VAL A 398 -16.42 -4.31 16.89
N ARG A 399 -15.72 -5.33 17.38
CA ARG A 399 -16.26 -6.14 18.48
C ARG A 399 -16.35 -5.32 19.75
N LEU A 400 -17.48 -5.44 20.45
CA LEU A 400 -17.77 -4.61 21.60
C LEU A 400 -17.08 -5.13 22.86
N PRO A 401 -16.65 -4.22 23.75
CA PRO A 401 -16.06 -4.51 25.06
C PRO A 401 -16.95 -5.39 25.93
N VAL B 8 -12.88 24.04 53.83
CA VAL B 8 -12.61 23.98 52.40
C VAL B 8 -13.90 23.70 51.62
N GLY B 9 -14.67 22.72 52.09
CA GLY B 9 -16.04 22.47 51.69
C GLY B 9 -16.22 21.20 50.87
N LEU B 10 -17.41 20.62 51.00
CA LEU B 10 -17.75 19.34 50.38
C LEU B 10 -17.86 19.49 48.86
N THR B 11 -18.60 20.50 48.41
CA THR B 11 -18.64 20.80 46.98
C THR B 11 -17.33 21.37 46.47
N ASP B 12 -16.72 20.64 45.55
CA ASP B 12 -15.51 21.09 44.89
C ASP B 12 -15.87 22.14 43.85
N LEU B 13 -14.90 22.49 43.01
CA LEU B 13 -15.09 23.56 42.04
C LEU B 13 -16.23 23.25 41.08
N THR B 14 -17.16 24.20 40.96
CA THR B 14 -18.27 24.08 40.04
C THR B 14 -18.50 25.43 39.38
N PHE B 15 -18.56 25.47 38.05
CA PHE B 15 -18.73 26.74 37.37
C PHE B 15 -19.45 26.53 36.04
N ARG B 16 -19.78 27.66 35.41
CA ARG B 16 -20.41 27.74 34.11
C ARG B 16 -19.85 28.94 33.38
N LEU B 17 -19.55 28.76 32.09
CA LEU B 17 -19.04 29.80 31.23
C LEU B 17 -19.28 29.50 29.77
N LEU B 18 -19.08 30.48 28.89
CA LEU B 18 -19.27 30.25 27.46
C LEU B 18 -18.19 29.26 27.06
N ARG B 19 -18.35 28.58 25.92
CA ARG B 19 -17.32 27.62 25.53
C ARG B 19 -16.16 28.29 24.82
N GLU B 20 -16.47 29.19 23.88
CA GLU B 20 -15.40 29.83 23.11
C GLU B 20 -14.52 30.70 24.01
N SER B 21 -15.12 31.37 24.99
CA SER B 21 -14.33 32.05 25.99
C SER B 21 -13.49 31.06 26.77
N PHE B 22 -14.10 29.94 27.17
CA PHE B 22 -13.37 28.88 27.84
C PHE B 22 -12.30 28.30 26.92
N ALA B 23 -12.66 28.00 25.68
CA ALA B 23 -11.76 27.31 24.76
C ALA B 23 -10.54 28.15 24.41
N ASP B 24 -10.77 29.42 24.07
CA ASP B 24 -9.66 30.27 23.64
C ASP B 24 -8.64 30.46 24.76
N ALA B 25 -9.10 30.53 26.01
CA ALA B 25 -8.18 30.70 27.13
C ALA B 25 -7.40 29.43 27.41
N VAL B 26 -8.05 28.26 27.32
CA VAL B 26 -7.37 27.00 27.58
C VAL B 26 -6.39 26.68 26.46
N SER B 27 -6.78 26.95 25.21
CA SER B 27 -5.89 26.67 24.09
C SER B 27 -4.56 27.42 24.23
N TRP B 28 -4.60 28.68 24.66
CA TRP B 28 -3.38 29.46 24.79
C TRP B 28 -2.49 28.94 25.93
N VAL B 29 -3.08 28.66 27.09
CA VAL B 29 -2.28 28.21 28.23
C VAL B 29 -1.71 26.82 27.96
N ALA B 30 -2.48 25.95 27.31
CA ALA B 30 -2.11 24.56 27.10
C ALA B 30 -1.10 24.35 25.99
N LYS B 31 -0.87 25.36 25.14
CA LYS B 31 -0.17 25.16 23.87
C LYS B 31 1.21 24.57 24.05
N ASN B 32 2.03 25.15 24.92
CA ASN B 32 3.43 24.74 25.04
C ASN B 32 3.69 23.76 26.19
N LEU B 33 2.65 23.28 26.87
CA LEU B 33 2.83 22.36 27.98
C LEU B 33 3.52 21.07 27.52
N PRO B 34 4.33 20.45 28.39
CA PRO B 34 5.00 19.20 28.02
C PRO B 34 4.04 18.03 27.94
N ALA B 35 4.38 17.09 27.05
CA ALA B 35 3.50 15.94 26.80
C ALA B 35 3.62 14.87 27.89
N ARG B 36 4.85 14.50 28.25
CA ARG B 36 5.11 13.46 29.25
C ARG B 36 6.28 13.90 30.11
N PRO B 37 6.08 14.88 30.98
CA PRO B 37 7.19 15.41 31.76
C PRO B 37 7.57 14.52 32.94
N ALA B 38 8.84 14.61 33.33
CA ALA B 38 9.34 13.86 34.48
C ALA B 38 8.52 14.15 35.73
N VAL B 39 8.03 15.38 35.87
CA VAL B 39 7.09 15.74 36.92
C VAL B 39 5.68 15.75 36.28
N PRO B 40 4.85 14.74 36.57
CA PRO B 40 3.67 14.50 35.71
C PRO B 40 2.60 15.58 35.76
N VAL B 41 2.56 16.39 36.83
CA VAL B 41 1.52 17.42 36.93
C VAL B 41 1.70 18.53 35.90
N LEU B 42 2.94 18.87 35.52
CA LEU B 42 3.13 19.93 34.52
C LEU B 42 2.37 19.62 33.23
N SER B 43 2.20 18.34 32.89
CA SER B 43 1.38 17.98 31.75
C SER B 43 -0.04 18.55 31.86
N GLY B 44 -0.45 18.90 33.08
CA GLY B 44 -1.82 19.27 33.35
C GLY B 44 -2.03 20.77 33.33
N VAL B 45 -3.29 21.14 33.46
CA VAL B 45 -3.72 22.53 33.49
C VAL B 45 -4.60 22.69 34.72
N LEU B 46 -4.45 23.82 35.41
CA LEU B 46 -5.08 24.03 36.70
C LEU B 46 -6.15 25.10 36.58
N LEU B 47 -7.37 24.76 36.96
CA LEU B 47 -8.52 25.65 36.89
C LEU B 47 -8.89 26.09 38.29
N THR B 48 -9.08 27.39 38.50
CA THR B 48 -9.44 27.89 39.83
C THR B 48 -10.48 29.02 39.80
N GLY B 49 -11.69 28.73 40.28
CA GLY B 49 -12.75 29.71 40.34
C GLY B 49 -12.71 30.51 41.63
N SER B 50 -13.11 31.77 41.53
CA SER B 50 -13.25 32.66 42.67
C SER B 50 -14.38 33.64 42.37
N ASP B 51 -14.54 34.66 43.22
CA ASP B 51 -15.51 35.70 42.93
C ASP B 51 -15.24 36.35 41.58
N ASN B 52 -13.97 36.62 41.30
CA ASN B 52 -13.52 37.33 40.11
C ASN B 52 -13.61 36.51 38.83
N GLY B 53 -14.09 35.28 38.86
CA GLY B 53 -14.06 34.46 37.66
C GLY B 53 -13.08 33.32 37.79
N LEU B 54 -12.93 32.59 36.67
CA LEU B 54 -12.14 31.39 36.60
C LEU B 54 -10.79 31.67 35.96
N THR B 55 -9.75 31.07 36.53
CA THR B 55 -8.37 31.28 36.08
C THR B 55 -7.81 29.95 35.61
N ILE B 56 -7.22 29.96 34.42
CA ILE B 56 -6.62 28.78 33.82
C ILE B 56 -5.11 28.98 33.85
N SER B 57 -4.39 28.00 34.41
CA SER B 57 -2.97 28.15 34.69
C SER B 57 -2.21 26.99 34.08
N GLY B 58 -0.98 27.29 33.70
CA GLY B 58 -0.03 26.36 33.14
C GLY B 58 1.42 26.63 33.50
N PHE B 59 2.23 25.59 33.64
CA PHE B 59 3.62 25.80 34.03
C PHE B 59 4.55 24.70 33.64
N ASP B 60 5.81 25.03 33.41
CA ASP B 60 6.85 24.06 33.16
C ASP B 60 8.14 24.30 33.91
N TYR B 61 8.10 25.14 34.90
CA TYR B 61 9.22 25.46 35.76
C TYR B 61 10.11 26.45 35.11
N GLU B 62 9.79 26.78 33.87
CA GLU B 62 10.48 27.74 33.08
C GLU B 62 9.54 28.77 32.56
N VAL B 63 8.47 28.36 31.92
CA VAL B 63 7.56 29.36 31.38
C VAL B 63 6.13 29.25 31.92
N SER B 64 5.55 30.36 32.29
CA SER B 64 4.23 30.38 32.88
C SER B 64 3.15 30.98 31.99
N ALA B 65 1.93 30.49 32.09
CA ALA B 65 0.83 31.04 31.35
C ALA B 65 -0.38 31.06 32.24
N GLU B 66 -1.05 32.18 32.34
CA GLU B 66 -2.22 32.30 33.18
C GLU B 66 -3.25 33.16 32.53
N ALA B 67 -4.42 32.63 32.34
CA ALA B 67 -5.51 33.35 31.68
C ALA B 67 -6.70 33.49 32.61
N GLN B 68 -7.24 34.70 32.70
CA GLN B 68 -8.44 35.00 33.47
C GLN B 68 -9.63 35.17 32.54
N VAL B 69 -10.71 34.44 32.82
CA VAL B 69 -11.96 34.56 32.08
C VAL B 69 -13.10 34.78 33.04
N GLY B 70 -14.11 35.50 32.57
CA GLY B 70 -15.33 35.64 33.35
C GLY B 70 -16.11 34.33 33.34
N ALA B 71 -16.59 33.95 34.52
CA ALA B 71 -17.36 32.72 34.63
C ALA B 71 -18.31 32.86 35.81
N GLU B 72 -19.35 32.02 35.79
CA GLU B 72 -20.29 31.92 36.90
C GLU B 72 -19.78 30.82 37.82
N ILE B 73 -19.33 31.20 39.01
CA ILE B 73 -18.75 30.26 39.95
C ILE B 73 -19.85 29.83 40.90
N VAL B 74 -20.32 28.60 40.75
CA VAL B 74 -21.32 28.07 41.66
C VAL B 74 -20.66 27.63 42.97
N SER B 75 -19.43 27.13 42.92
CA SER B 75 -18.69 26.88 44.15
C SER B 75 -17.20 27.13 43.95
N PRO B 76 -16.51 27.71 44.94
CA PRO B 76 -15.06 27.88 44.83
C PRO B 76 -14.36 26.54 44.74
N GLY B 77 -13.14 26.58 44.24
CA GLY B 77 -12.27 25.41 44.26
C GLY B 77 -11.26 25.48 43.13
N SER B 78 -10.39 24.46 43.11
CA SER B 78 -9.42 24.29 42.04
C SER B 78 -9.39 22.84 41.62
N VAL B 79 -8.95 22.60 40.38
CA VAL B 79 -8.80 21.24 39.87
C VAL B 79 -7.70 21.24 38.82
N LEU B 80 -6.96 20.13 38.76
CA LEU B 80 -5.87 19.95 37.82
C LEU B 80 -6.22 18.77 36.92
N VAL B 81 -6.42 19.06 35.62
CA VAL B 81 -6.82 18.08 34.63
C VAL B 81 -5.80 18.13 33.49
N SER B 82 -5.81 17.08 32.67
CA SER B 82 -4.85 16.98 31.57
C SER B 82 -4.98 18.17 30.63
N GLY B 83 -3.85 18.80 30.32
CA GLY B 83 -3.83 20.04 29.57
C GLY B 83 -4.26 19.97 28.12
N ARG B 84 -3.58 19.13 27.33
CA ARG B 84 -3.86 19.07 25.90
C ARG B 84 -5.28 18.60 25.65
N LEU B 85 -5.71 17.54 26.33
CA LEU B 85 -7.04 16.98 26.11
C LEU B 85 -8.12 18.02 26.35
N LEU B 86 -8.00 18.82 27.42
CA LEU B 86 -9.08 19.72 27.77
C LEU B 86 -9.18 20.90 26.80
N SER B 87 -8.06 21.32 26.20
CA SER B 87 -8.15 22.30 25.13
C SER B 87 -8.70 21.66 23.85
N ASP B 88 -8.42 20.38 23.65
CA ASP B 88 -9.01 19.67 22.52
C ASP B 88 -10.51 19.49 22.71
N ILE B 89 -10.96 19.26 23.95
CA ILE B 89 -12.38 19.05 24.20
C ILE B 89 -13.18 20.31 23.90
N THR B 90 -12.84 21.40 24.58
CA THR B 90 -13.62 22.64 24.47
C THR B 90 -13.52 23.27 23.09
N ARG B 91 -12.47 22.94 22.35
CA ARG B 91 -12.40 23.38 20.96
C ARG B 91 -13.42 22.65 20.10
N ALA B 92 -13.68 21.38 20.43
CA ALA B 92 -14.58 20.54 19.66
C ALA B 92 -16.00 20.48 20.21
N LEU B 93 -16.28 21.10 21.36
CA LEU B 93 -17.64 21.07 21.89
C LEU B 93 -18.57 21.93 21.04
N PRO B 94 -19.87 21.68 21.08
CA PRO B 94 -20.81 22.54 20.36
C PRO B 94 -20.82 23.93 20.96
N ASN B 95 -21.35 24.90 20.20
CA ASN B 95 -21.32 26.26 20.69
C ASN B 95 -22.55 26.40 21.58
N LYS B 96 -22.31 26.25 22.87
CA LYS B 96 -23.32 26.30 23.92
C LYS B 96 -22.61 26.52 25.25
N PRO B 97 -23.33 26.71 26.36
CA PRO B 97 -22.65 26.83 27.66
C PRO B 97 -21.96 25.53 28.07
N VAL B 98 -20.88 25.68 28.83
CA VAL B 98 -20.12 24.57 29.37
C VAL B 98 -20.30 24.53 30.88
N ASP B 99 -20.74 23.39 31.40
CA ASP B 99 -20.89 23.18 32.83
C ASP B 99 -19.76 22.26 33.29
N VAL B 100 -19.00 22.70 34.30
CA VAL B 100 -17.89 21.92 34.84
C VAL B 100 -18.13 21.74 36.33
N HIS B 101 -18.14 20.48 36.78
CA HIS B 101 -18.37 20.14 38.17
C HIS B 101 -17.35 19.09 38.58
N VAL B 102 -16.51 19.42 39.55
CA VAL B 102 -15.50 18.48 40.04
C VAL B 102 -16.17 17.51 40.99
N GLU B 103 -16.10 16.22 40.68
CA GLU B 103 -16.63 15.17 41.54
C GLU B 103 -15.45 14.33 41.98
N GLY B 104 -15.02 14.52 43.23
CA GLY B 104 -13.90 13.75 43.74
C GLY B 104 -12.66 13.95 42.91
N ASN B 105 -12.06 12.83 42.49
CA ASN B 105 -10.89 12.80 41.64
C ASN B 105 -11.21 12.91 40.15
N ARG B 106 -12.48 13.14 39.79
CA ARG B 106 -12.92 13.27 38.41
C ARG B 106 -13.61 14.61 38.21
N VAL B 107 -13.76 15.01 36.94
CA VAL B 107 -14.40 16.25 36.55
C VAL B 107 -15.52 15.94 35.57
N ALA B 108 -16.73 16.39 35.88
CA ALA B 108 -17.88 16.20 34.99
C ALA B 108 -18.03 17.46 34.16
N LEU B 109 -17.91 17.31 32.83
CA LEU B 109 -18.02 18.42 31.90
C LEU B 109 -19.17 18.13 30.94
N THR B 110 -20.13 19.06 30.87
CA THR B 110 -21.33 18.89 30.06
C THR B 110 -21.56 20.14 29.22
N CYS B 111 -21.68 19.96 27.90
CA CYS B 111 -22.00 21.07 26.99
C CYS B 111 -23.04 20.57 26.00
N GLY B 112 -24.23 21.16 26.03
CA GLY B 112 -25.30 20.72 25.16
C GLY B 112 -25.69 19.29 25.46
N ASN B 113 -25.62 18.43 24.44
CA ASN B 113 -25.88 17.01 24.61
C ASN B 113 -24.61 16.20 24.82
N ALA B 114 -23.45 16.84 24.86
CA ALA B 114 -22.18 16.16 25.09
C ALA B 114 -21.83 16.14 26.57
N ARG B 115 -21.30 15.00 27.02
CA ARG B 115 -20.88 14.85 28.41
C ARG B 115 -19.54 14.14 28.48
N PHE B 116 -18.67 14.65 29.35
CA PHE B 116 -17.35 14.08 29.59
C PHE B 116 -17.13 13.96 31.09
N SER B 117 -16.50 12.86 31.52
CA SER B 117 -15.95 12.73 32.85
C SER B 117 -14.46 12.41 32.69
N LEU B 118 -13.60 13.31 33.15
CA LEU B 118 -12.17 13.19 32.92
C LEU B 118 -11.41 13.05 34.24
N PRO B 119 -10.34 12.25 34.26
CA PRO B 119 -9.57 12.08 35.49
C PRO B 119 -8.77 13.34 35.79
N THR B 120 -8.43 13.48 37.07
CA THR B 120 -7.69 14.62 37.58
C THR B 120 -6.36 14.16 38.16
N MET B 121 -5.60 15.14 38.61
CA MET B 121 -4.33 14.96 39.29
C MET B 121 -4.40 15.73 40.59
N PRO B 122 -3.62 15.35 41.60
CA PRO B 122 -3.71 16.03 42.89
C PRO B 122 -3.35 17.51 42.76
N VAL B 123 -4.29 18.36 43.19
CA VAL B 123 -4.13 19.81 43.08
C VAL B 123 -3.09 20.29 44.07
N GLU B 124 -2.71 19.39 44.96
CA GLU B 124 -1.72 19.70 45.97
C GLU B 124 -0.31 19.48 45.42
N ASP B 125 -0.24 18.85 44.25
CA ASP B 125 1.05 18.56 43.63
C ASP B 125 1.42 19.54 42.54
N TYR B 126 0.63 20.60 42.36
CA TYR B 126 0.95 21.56 41.32
C TYR B 126 1.89 22.65 41.86
N PRO B 127 2.97 22.96 41.14
CA PRO B 127 3.89 24.01 41.60
C PRO B 127 3.15 25.34 41.71
N THR B 128 3.56 26.14 42.70
CA THR B 128 3.06 27.51 42.79
C THR B 128 3.74 28.35 41.73
N LEU B 129 2.94 29.00 40.89
CA LEU B 129 3.49 29.79 39.80
C LEU B 129 4.28 30.97 40.34
N PRO B 130 5.33 31.39 39.65
CA PRO B 130 6.07 32.58 40.07
C PRO B 130 5.16 33.79 40.09
N THR B 131 5.36 34.63 41.10
CA THR B 131 4.70 35.93 41.15
C THR B 131 5.38 36.89 40.18
N LEU B 132 4.59 37.76 39.58
CA LEU B 132 5.13 38.75 38.66
C LEU B 132 5.96 39.77 39.41
N PRO B 133 7.10 40.18 38.86
CA PRO B 133 7.84 41.30 39.45
C PRO B 133 7.01 42.58 39.39
N GLU B 134 7.51 43.66 39.97
CA GLU B 134 6.79 44.92 39.84
C GLU B 134 6.87 45.40 38.40
N GLU B 135 5.80 46.05 37.95
CA GLU B 135 5.72 46.50 36.57
C GLU B 135 6.84 47.50 36.26
N THR B 136 7.59 47.20 35.20
CA THR B 136 8.66 48.07 34.71
C THR B 136 8.19 49.06 33.65
N GLY B 137 7.03 48.82 33.05
CA GLY B 137 6.48 49.73 32.08
C GLY B 137 5.55 49.01 31.15
N LEU B 138 4.91 49.78 30.27
CA LEU B 138 3.93 49.20 29.37
C LEU B 138 3.90 49.97 28.06
N LEU B 139 3.51 49.26 27.00
CA LEU B 139 3.49 49.79 25.64
C LEU B 139 2.30 49.21 24.89
N PRO B 140 1.80 49.91 23.88
CA PRO B 140 0.68 49.39 23.09
C PRO B 140 1.01 48.02 22.50
N ALA B 141 0.00 47.15 22.48
CA ALA B 141 0.20 45.79 22.00
C ALA B 141 0.59 45.75 20.53
N GLU B 142 0.10 46.70 19.73
CA GLU B 142 0.46 46.72 18.31
C GLU B 142 1.96 46.97 18.14
N LEU B 143 2.52 47.88 18.94
CA LEU B 143 3.95 48.18 18.85
C LEU B 143 4.80 47.02 19.35
N PHE B 144 4.43 46.43 20.49
CA PHE B 144 5.17 45.28 20.98
C PHE B 144 5.16 44.14 19.96
N ALA B 145 4.03 43.95 19.28
CA ALA B 145 3.94 42.92 18.25
C ALA B 145 4.91 43.21 17.12
N GLU B 146 4.95 44.46 16.65
CA GLU B 146 5.81 44.79 15.52
C GLU B 146 7.28 44.79 15.94
N ALA B 147 7.58 45.32 17.12
CA ALA B 147 8.97 45.42 17.57
C ALA B 147 9.60 44.04 17.71
N ILE B 148 8.86 43.08 18.28
CA ILE B 148 9.41 41.74 18.45
C ILE B 148 9.56 41.04 17.11
N SER B 149 8.60 41.23 16.21
CA SER B 149 8.65 40.58 14.91
C SER B 149 9.88 40.99 14.12
N GLN B 150 10.32 42.25 14.27
CA GLN B 150 11.46 42.73 13.51
C GLN B 150 12.78 42.10 13.99
N VAL B 151 13.00 42.11 15.31
CA VAL B 151 14.30 41.66 15.83
C VAL B 151 14.37 40.13 15.95
N ALA B 152 13.22 39.46 16.18
CA ALA B 152 13.24 38.03 16.45
C ALA B 152 13.78 37.22 15.27
N ILE B 153 13.56 37.69 14.04
CA ILE B 153 13.96 36.95 12.86
C ILE B 153 15.47 36.75 12.79
N ALA B 154 16.25 37.60 13.47
CA ALA B 154 17.70 37.51 13.42
C ALA B 154 18.30 36.65 14.53
N ALA B 155 17.50 36.18 15.48
CA ALA B 155 18.03 35.36 16.56
C ALA B 155 18.34 33.96 16.03
N GLY B 156 19.30 33.30 16.66
CA GLY B 156 19.66 31.99 16.23
C GLY B 156 18.59 30.95 16.43
N ARG B 157 18.45 30.04 15.48
CA ARG B 157 17.44 29.03 15.60
C ARG B 157 17.91 27.69 16.07
N ASP B 158 19.11 27.58 16.62
CA ASP B 158 19.58 26.28 17.01
C ASP B 158 20.12 26.25 18.38
N ASP B 159 19.42 25.60 19.30
CA ASP B 159 19.87 25.53 20.68
C ASP B 159 21.25 24.88 20.83
N THR B 160 21.79 24.18 19.82
CA THR B 160 23.13 23.69 20.12
C THR B 160 24.17 24.81 20.23
N LEU B 161 23.81 26.05 19.90
CA LEU B 161 24.57 27.24 20.31
C LEU B 161 23.57 28.25 20.86
N PRO B 162 23.20 28.11 22.14
CA PRO B 162 22.14 28.97 22.71
C PRO B 162 22.38 30.48 22.72
N MET B 163 23.62 30.96 22.84
CA MET B 163 23.85 32.39 23.05
C MET B 163 23.22 33.25 21.95
N LEU B 164 22.95 32.66 20.79
CA LEU B 164 22.29 33.32 19.68
C LEU B 164 20.77 33.19 19.72
N THR B 165 20.23 32.33 20.59
CA THR B 165 18.81 32.03 20.58
C THR B 165 17.96 33.05 21.33
N GLY B 166 18.54 34.10 21.89
CA GLY B 166 17.79 35.06 22.68
C GLY B 166 17.60 36.41 22.01
N ILE B 167 16.73 37.21 22.62
CA ILE B 167 16.48 38.60 22.25
C ILE B 167 16.91 39.46 23.43
N ARG B 168 17.87 40.36 23.20
CA ARG B 168 18.32 41.21 24.30
C ARG B 168 17.38 42.42 24.42
N VAL B 169 16.92 42.67 25.64
CA VAL B 169 16.01 43.77 25.92
C VAL B 169 16.76 44.76 26.82
N GLU B 170 17.05 45.94 26.28
CA GLU B 170 17.70 47.00 27.05
C GLU B 170 16.69 48.11 27.31
N ILE B 171 16.50 48.44 28.59
CA ILE B 171 15.54 49.45 29.01
C ILE B 171 16.33 50.56 29.71
N LEU B 172 16.28 51.76 29.13
CA LEU B 172 16.81 52.96 29.79
C LEU B 172 15.72 54.02 29.73
N GLY B 173 15.13 54.33 30.87
CA GLY B 173 14.08 55.33 30.90
C GLY B 173 12.92 54.95 30.01
N GLU B 174 12.54 55.88 29.13
CA GLU B 174 11.44 55.65 28.19
C GLU B 174 11.88 54.90 26.93
N THR B 175 13.18 54.83 26.66
CA THR B 175 13.67 54.18 25.45
C THR B 175 13.89 52.70 25.71
N VAL B 176 13.37 51.87 24.82
CA VAL B 176 13.58 50.42 24.87
C VAL B 176 14.30 50.02 23.60
N VAL B 177 15.36 49.24 23.75
CA VAL B 177 16.15 48.75 22.62
C VAL B 177 16.09 47.24 22.64
N LEU B 178 15.75 46.65 21.49
CA LEU B 178 15.67 45.21 21.34
C LEU B 178 16.68 44.77 20.29
N ALA B 179 17.40 43.70 20.56
CA ALA B 179 18.42 43.23 19.63
C ALA B 179 18.49 41.71 19.66
N ALA B 180 18.83 41.15 18.50
CA ALA B 180 19.08 39.72 18.38
C ALA B 180 20.01 39.51 17.20
N THR B 181 20.86 38.48 17.30
CA THR B 181 21.75 38.16 16.20
C THR B 181 22.11 36.68 16.25
N ASP B 182 22.33 36.11 15.05
CA ASP B 182 22.80 34.73 14.87
C ASP B 182 24.27 34.66 14.46
N ARG B 183 24.99 35.78 14.49
CA ARG B 183 26.37 36.00 14.07
C ARG B 183 26.44 36.28 12.58
N PHE B 184 25.38 35.94 11.85
CA PHE B 184 25.27 36.30 10.44
C PHE B 184 24.52 37.59 10.19
N ARG B 185 23.60 37.96 11.08
CA ARG B 185 22.75 39.12 10.88
C ARG B 185 22.36 39.68 12.23
N LEU B 186 22.24 41.01 12.31
CA LEU B 186 21.87 41.69 13.55
C LEU B 186 20.67 42.58 13.28
N ALA B 187 19.62 42.43 14.09
CA ALA B 187 18.44 43.27 14.00
C ALA B 187 18.28 44.02 15.32
N VAL B 188 18.13 45.34 15.22
CA VAL B 188 17.99 46.21 16.39
C VAL B 188 16.85 47.18 16.11
N ARG B 189 15.89 47.28 17.02
CA ARG B 189 14.85 48.29 16.92
C ARG B 189 14.78 49.09 18.22
N GLU B 190 14.69 50.40 18.08
CA GLU B 190 14.51 51.30 19.22
C GLU B 190 13.08 51.81 19.23
N LEU B 191 12.46 51.81 20.41
CA LEU B 191 11.12 52.34 20.58
C LEU B 191 11.05 53.08 21.91
N LYS B 192 10.00 53.86 22.08
CA LYS B 192 9.74 54.57 23.32
C LYS B 192 8.44 54.05 23.94
N TRP B 193 8.46 53.86 25.26
CA TRP B 193 7.35 53.29 25.98
C TRP B 193 7.11 54.11 27.24
N SER B 194 6.01 53.83 27.92
CA SER B 194 5.69 54.53 29.16
C SER B 194 6.26 53.73 30.32
N ALA B 195 7.32 54.24 30.93
CA ALA B 195 8.01 53.51 31.98
C ALA B 195 7.65 54.06 33.35
N SER B 196 7.40 53.13 34.28
CA SER B 196 7.25 53.43 35.70
C SER B 196 8.40 52.77 36.43
N SER B 197 9.40 53.55 36.87
CA SER B 197 9.35 55.02 36.89
C SER B 197 10.54 55.54 36.00
N PRO B 198 10.73 56.87 35.78
CA PRO B 198 11.97 57.31 35.13
C PRO B 198 13.22 56.89 35.89
N ASP B 199 14.28 56.70 35.10
CA ASP B 199 15.65 56.40 35.48
C ASP B 199 15.80 54.90 35.67
N ILE B 200 14.73 54.13 35.50
CA ILE B 200 14.85 52.68 35.38
C ILE B 200 15.89 52.34 34.32
N GLU B 201 16.87 51.51 34.68
CA GLU B 201 17.80 50.97 33.70
C GLU B 201 18.09 49.51 34.01
N ALA B 202 17.78 48.63 33.05
CA ALA B 202 18.01 47.20 33.18
C ALA B 202 18.21 46.61 31.79
N ALA B 203 18.99 45.53 31.71
CA ALA B 203 19.16 44.81 30.46
C ALA B 203 19.15 43.33 30.74
N VAL B 204 18.28 42.61 30.03
CA VAL B 204 18.15 41.17 30.16
C VAL B 204 18.15 40.56 28.76
N LEU B 205 18.30 39.24 28.70
CA LEU B 205 18.27 38.52 27.44
C LEU B 205 17.30 37.36 27.57
N VAL B 206 16.31 37.32 26.68
CA VAL B 206 15.14 36.47 26.80
C VAL B 206 15.11 35.48 25.64
N PRO B 207 14.71 34.23 25.85
CA PRO B 207 14.63 33.28 24.73
C PRO B 207 13.72 33.84 23.64
N ALA B 208 14.22 33.82 22.41
CA ALA B 208 13.53 34.49 21.31
C ALA B 208 12.14 33.89 21.07
N LYS B 209 12.07 32.57 20.95
CA LYS B 209 10.84 31.92 20.50
C LYS B 209 9.67 32.21 21.43
N THR B 210 9.87 32.07 22.73
CA THR B 210 8.79 32.34 23.68
C THR B 210 8.41 33.81 23.68
N LEU B 211 9.42 34.71 23.70
CA LEU B 211 9.11 36.14 23.71
C LEU B 211 8.45 36.55 22.40
N ALA B 212 8.74 35.81 21.33
CA ALA B 212 8.07 36.03 20.04
C ALA B 212 6.64 35.55 20.10
N GLU B 213 6.38 34.43 20.78
CA GLU B 213 5.02 33.91 20.89
C GLU B 213 4.15 34.83 21.73
N ALA B 214 4.69 35.37 22.83
CA ALA B 214 3.91 36.27 23.66
C ALA B 214 3.52 37.54 22.90
N ALA B 215 4.39 38.00 22.01
CA ALA B 215 4.07 39.19 21.22
C ALA B 215 3.02 38.89 20.16
N LYS B 216 3.18 37.76 19.45
CA LYS B 216 2.25 37.42 18.39
C LYS B 216 0.87 37.11 18.95
N ALA B 217 0.80 36.38 20.06
CA ALA B 217 -0.47 36.10 20.72
C ALA B 217 -1.12 37.35 21.28
N GLY B 218 -0.40 38.47 21.34
CA GLY B 218 -0.90 39.66 21.96
C GLY B 218 -1.42 40.74 21.02
N ILE B 219 -1.88 40.38 19.82
CA ILE B 219 -2.50 41.36 18.95
C ILE B 219 -4.00 41.13 19.10
N GLY B 220 -4.58 41.76 20.13
CA GLY B 220 -5.98 42.10 20.22
C GLY B 220 -6.36 43.59 20.24
N GLY B 221 -5.48 44.49 20.71
CA GLY B 221 -4.34 44.18 21.56
C GLY B 221 -4.30 44.59 23.03
N SER B 222 -5.16 45.53 23.43
CA SER B 222 -5.12 46.19 24.74
C SER B 222 -3.74 46.85 24.90
N ASP B 223 -3.18 46.84 26.10
CA ASP B 223 -1.82 47.33 26.37
C ASP B 223 -1.00 46.26 27.05
N VAL B 224 0.19 46.00 26.50
CA VAL B 224 1.09 44.98 27.03
C VAL B 224 2.00 45.59 28.10
N ARG B 225 2.08 44.91 29.24
CA ARG B 225 2.89 45.32 30.38
C ARG B 225 4.05 44.36 30.53
N LEU B 226 5.27 44.88 30.65
CA LEU B 226 6.45 44.06 30.89
C LEU B 226 6.95 44.29 32.31
N SER B 227 7.27 43.20 32.99
CA SER B 227 7.64 43.21 34.41
C SER B 227 8.98 42.50 34.55
N LEU B 228 9.98 43.21 35.08
CA LEU B 228 11.31 42.65 35.26
C LEU B 228 11.66 42.63 36.74
N GLY B 229 12.19 41.50 37.21
CA GLY B 229 12.60 41.35 38.58
C GLY B 229 13.33 40.06 38.84
N GLY B 238 16.32 35.42 37.16
CA GLY B 238 15.36 36.49 36.96
C GLY B 238 14.28 36.13 35.95
N LEU B 239 13.17 36.84 36.01
CA LEU B 239 12.06 36.60 35.11
C LEU B 239 11.39 37.84 34.56
N LEU B 240 10.94 37.68 33.32
CA LEU B 240 10.23 38.67 32.53
C LEU B 240 8.75 38.33 32.50
N GLY B 241 7.92 39.15 33.13
CA GLY B 241 6.48 39.01 32.99
C GLY B 241 5.98 39.77 31.77
N ILE B 242 5.01 39.17 31.08
CA ILE B 242 4.27 39.85 30.02
C ILE B 242 2.79 39.67 30.35
N SER B 243 2.13 40.76 30.74
CA SER B 243 0.76 40.74 31.20
C SER B 243 -0.10 41.64 30.31
N GLY B 244 -1.39 41.67 30.59
CA GLY B 244 -2.30 42.51 29.86
C GLY B 244 -3.26 41.70 29.01
N ASN B 245 -4.40 42.32 28.71
CA ASN B 245 -5.51 41.68 28.01
C ASN B 245 -5.86 40.32 28.63
N GLY B 246 -6.10 40.33 29.94
CA GLY B 246 -6.61 39.16 30.63
C GLY B 246 -5.64 37.99 30.70
N LYS B 247 -4.45 38.15 30.14
CA LYS B 247 -3.47 37.08 30.06
C LYS B 247 -2.18 37.52 30.72
N ARG B 248 -1.45 36.54 31.25
CA ARG B 248 -0.25 36.87 32.01
C ARG B 248 0.74 35.72 31.93
N SER B 249 2.02 36.04 31.78
CA SER B 249 3.05 35.03 31.58
C SER B 249 4.39 35.53 32.11
N THR B 250 5.14 34.63 32.75
CA THR B 250 6.51 34.89 33.18
C THR B 250 7.43 33.96 32.41
N THR B 251 8.60 34.48 32.02
CA THR B 251 9.62 33.71 31.33
C THR B 251 10.96 33.83 32.04
N ARG B 252 11.61 32.69 32.24
CA ARG B 252 12.95 32.67 32.81
C ARG B 252 13.94 33.18 31.77
N LEU B 253 14.83 34.09 32.20
CA LEU B 253 15.79 34.70 31.29
C LEU B 253 16.87 33.69 30.93
N LEU B 254 17.82 34.12 30.09
CA LEU B 254 18.97 33.32 29.70
C LEU B 254 20.25 33.87 30.31
N ASP B 255 21.13 32.97 30.71
CA ASP B 255 22.41 33.30 31.32
C ASP B 255 23.45 33.80 30.34
N ALA B 256 23.29 33.50 29.05
CA ALA B 256 24.32 33.75 28.06
C ALA B 256 24.64 35.24 27.94
N GLU B 257 25.88 35.53 27.51
CA GLU B 257 26.34 36.88 27.28
C GLU B 257 26.02 37.29 25.84
N PHE B 258 25.30 38.41 25.69
CA PHE B 258 24.99 38.91 24.36
C PHE B 258 26.14 39.78 23.87
N PRO B 259 26.50 39.71 22.58
CA PRO B 259 27.61 40.52 22.09
C PRO B 259 27.34 41.99 22.30
N LYS B 260 28.41 42.76 22.47
CA LYS B 260 28.24 44.21 22.47
C LYS B 260 28.05 44.58 21.01
N PHE B 261 26.84 44.99 20.66
CA PHE B 261 26.46 45.00 19.26
C PHE B 261 26.59 46.34 18.57
N ARG B 262 26.71 47.44 19.32
CA ARG B 262 26.78 48.74 18.66
C ARG B 262 28.15 49.06 18.08
N GLN B 263 29.20 48.30 18.43
CA GLN B 263 30.45 48.41 17.70
C GLN B 263 30.32 47.85 16.29
N LEU B 264 29.30 47.03 16.04
CA LEU B 264 29.12 46.44 14.72
C LEU B 264 28.40 47.36 13.75
N LEU B 265 27.65 48.34 14.24
CA LEU B 265 26.88 49.21 13.35
C LEU B 265 27.77 50.28 12.76
N PRO B 266 27.86 50.40 11.43
CA PRO B 266 28.71 51.45 10.83
C PRO B 266 28.08 52.83 10.99
N THR B 267 28.93 53.82 11.24
CA THR B 267 28.50 55.20 11.27
C THR B 267 28.45 55.84 9.88
N GLU B 268 29.21 55.31 8.92
CA GLU B 268 29.30 55.84 7.58
C GLU B 268 29.30 54.70 6.57
N HIS B 269 29.02 55.04 5.32
CA HIS B 269 29.00 54.07 4.23
C HIS B 269 29.75 54.62 3.04
N THR B 270 30.48 53.73 2.33
CA THR B 270 31.14 54.16 1.11
C THR B 270 30.16 54.30 -0.05
N ALA B 271 29.06 53.55 -0.02
CA ALA B 271 28.02 53.64 -1.03
C ALA B 271 26.68 53.35 -0.38
N VAL B 272 25.64 53.99 -0.89
CA VAL B 272 24.29 53.78 -0.38
C VAL B 272 23.34 53.59 -1.56
N ALA B 273 22.31 52.78 -1.33
CA ALA B 273 21.33 52.45 -2.36
C ALA B 273 19.95 52.32 -1.72
N THR B 274 18.95 52.88 -2.38
CA THR B 274 17.56 52.79 -1.92
C THR B 274 16.70 52.18 -3.02
N MET B 275 15.87 51.21 -2.64
CA MET B 275 15.12 50.40 -3.59
C MET B 275 13.70 50.20 -3.09
N ASP B 276 12.85 49.69 -3.98
CA ASP B 276 11.53 49.24 -3.57
C ASP B 276 11.66 47.82 -3.04
N VAL B 277 11.14 47.58 -1.83
CA VAL B 277 11.38 46.30 -1.17
C VAL B 277 10.54 45.19 -1.79
N ALA B 278 9.26 45.47 -2.07
CA ALA B 278 8.39 44.46 -2.66
C ALA B 278 8.95 43.98 -4.00
N GLU B 279 9.51 44.91 -4.77
CA GLU B 279 10.10 44.57 -6.05
C GLU B 279 11.37 43.76 -5.88
N LEU B 280 12.16 44.09 -4.86
CA LEU B 280 13.40 43.37 -4.62
C LEU B 280 13.14 41.99 -4.03
N ILE B 281 12.17 41.88 -3.10
CA ILE B 281 11.86 40.58 -2.50
C ILE B 281 11.44 39.57 -3.57
N GLU B 282 10.60 39.98 -4.51
CA GLU B 282 10.18 39.09 -5.59
C GLU B 282 11.35 38.73 -6.50
N ALA B 283 12.24 39.69 -6.72
CA ALA B 283 13.40 39.44 -7.58
C ALA B 283 14.33 38.43 -6.94
N ILE B 284 14.62 38.59 -5.65
CA ILE B 284 15.50 37.66 -4.96
C ILE B 284 14.94 36.25 -5.00
N LYS B 285 13.65 36.10 -4.67
CA LYS B 285 13.06 34.77 -4.60
C LYS B 285 13.14 34.04 -5.94
N LEU B 286 12.94 34.77 -7.05
CA LEU B 286 12.97 34.11 -8.34
C LEU B 286 14.40 33.86 -8.82
N VAL B 287 15.31 34.83 -8.66
CA VAL B 287 16.70 34.64 -9.07
C VAL B 287 17.34 33.51 -8.27
N ALA B 288 17.03 33.44 -6.97
CA ALA B 288 17.66 32.46 -6.10
C ALA B 288 17.16 31.03 -6.33
N LEU B 289 16.16 30.83 -7.20
CA LEU B 289 15.68 29.48 -7.47
C LEU B 289 16.79 28.59 -8.02
N VAL B 290 17.71 29.16 -8.79
CA VAL B 290 18.84 28.41 -9.33
C VAL B 290 20.10 28.56 -8.48
N ALA B 291 20.04 29.34 -7.41
CA ALA B 291 21.19 29.49 -6.53
C ALA B 291 21.50 28.18 -5.82
N ASP B 292 22.78 27.79 -5.87
CA ASP B 292 23.20 26.54 -5.24
C ASP B 292 22.96 26.62 -3.73
N ARG B 293 22.17 25.68 -3.22
CA ARG B 293 21.83 25.52 -1.80
C ARG B 293 21.13 26.75 -1.23
N GLY B 294 20.55 27.60 -2.08
CA GLY B 294 20.10 28.88 -1.56
C GLY B 294 21.21 29.66 -0.90
N ALA B 295 22.48 29.35 -1.24
CA ALA B 295 23.61 29.93 -0.55
C ALA B 295 23.67 31.44 -0.73
N GLN B 296 23.77 31.90 -1.98
CA GLN B 296 24.09 33.30 -2.20
C GLN B 296 23.42 33.82 -3.46
N VAL B 297 23.12 35.12 -3.42
CA VAL B 297 22.67 35.90 -4.56
C VAL B 297 23.67 37.04 -4.75
N ARG B 298 24.08 37.27 -5.98
CA ARG B 298 25.00 38.36 -6.28
C ARG B 298 24.23 39.61 -6.64
N MET B 299 24.75 40.75 -6.21
CA MET B 299 24.20 42.06 -6.56
C MET B 299 25.33 42.93 -7.08
N GLU B 300 25.25 43.34 -8.34
CA GLU B 300 26.23 44.27 -8.90
C GLU B 300 25.58 45.65 -8.87
N PHE B 301 26.04 46.49 -7.95
CA PHE B 301 25.56 47.85 -7.83
C PHE B 301 26.39 48.73 -8.74
N ALA B 302 25.71 49.37 -9.70
CA ALA B 302 26.25 50.46 -10.48
C ALA B 302 25.25 51.59 -10.35
N ASP B 303 25.43 52.67 -11.08
CA ASP B 303 24.56 53.81 -10.88
C ASP B 303 23.27 53.62 -11.66
N GLY B 304 22.15 53.92 -11.01
CA GLY B 304 20.83 53.68 -11.55
C GLY B 304 20.41 52.23 -11.79
N SER B 305 21.22 51.25 -11.39
CA SER B 305 20.85 49.87 -11.65
C SER B 305 21.52 48.93 -10.67
N VAL B 306 20.83 47.82 -10.39
CA VAL B 306 21.41 46.66 -9.72
C VAL B 306 21.10 45.43 -10.56
N ARG B 307 22.09 44.57 -10.74
CA ARG B 307 21.91 43.31 -11.44
C ARG B 307 22.04 42.19 -10.42
N LEU B 308 20.92 41.55 -10.12
CA LEU B 308 20.91 40.38 -9.26
C LEU B 308 21.16 39.15 -10.10
N SER B 309 21.99 38.25 -9.57
CA SER B 309 22.37 37.06 -10.30
C SER B 309 22.67 35.96 -9.30
N ALA B 310 22.45 34.73 -9.71
CA ALA B 310 22.79 33.59 -8.88
C ALA B 310 22.91 32.38 -9.79
N GLY B 311 23.32 31.27 -9.19
CA GLY B 311 23.37 30.02 -9.91
C GLY B 311 24.71 29.79 -10.56
N ALA B 312 24.90 28.54 -10.94
CA ALA B 312 26.06 28.09 -11.69
C ALA B 312 25.58 27.23 -12.84
N ASP B 313 26.52 26.85 -13.69
CA ASP B 313 26.19 25.90 -14.74
C ASP B 313 25.66 24.58 -14.16
N ASP B 314 25.78 24.40 -12.83
CA ASP B 314 25.20 23.29 -12.06
C ASP B 314 23.75 23.01 -12.43
N VAL B 315 22.90 23.96 -12.09
CA VAL B 315 21.46 23.86 -12.21
C VAL B 315 20.89 24.76 -13.29
N GLY B 316 21.32 26.00 -13.29
CA GLY B 316 20.92 27.03 -14.23
C GLY B 316 21.42 28.30 -13.61
N ARG B 317 21.39 29.37 -14.39
CA ARG B 317 21.78 30.66 -13.82
C ARG B 317 20.67 31.66 -14.13
N ALA B 318 20.50 32.62 -13.23
CA ALA B 318 19.45 33.61 -13.38
C ALA B 318 20.02 34.99 -13.14
N GLU B 319 19.43 35.98 -13.80
CA GLU B 319 19.83 37.37 -13.60
C GLU B 319 18.63 38.25 -13.89
N GLU B 320 18.49 39.31 -13.10
CA GLU B 320 17.44 40.31 -13.27
C GLU B 320 17.98 41.66 -12.83
N ASP B 321 17.62 42.69 -13.57
CA ASP B 321 18.06 44.06 -13.31
C ASP B 321 16.95 44.87 -12.69
N LEU B 322 17.28 45.66 -11.67
CA LEU B 322 16.31 46.51 -11.00
C LEU B 322 16.79 47.97 -11.03
N VAL B 323 15.84 48.89 -10.89
CA VAL B 323 16.17 50.31 -10.88
C VAL B 323 16.48 50.71 -9.45
N VAL B 324 17.50 51.53 -9.25
CA VAL B 324 17.85 51.92 -7.89
C VAL B 324 18.68 53.20 -7.73
N ASP B 325 18.24 54.05 -6.81
CA ASP B 325 18.96 55.29 -6.53
C ASP B 325 20.26 54.85 -5.88
N TYR B 326 21.38 55.15 -6.53
CA TYR B 326 22.67 54.73 -6.04
C TYR B 326 23.60 55.93 -5.88
N ALA B 327 24.42 55.88 -4.83
CA ALA B 327 25.43 56.91 -4.58
C ALA B 327 26.71 56.22 -4.15
N GLY B 328 27.83 56.65 -4.71
CA GLY B 328 29.11 56.00 -4.48
C GLY B 328 29.59 55.23 -5.70
N GLU B 329 30.73 54.53 -5.51
CA GLU B 329 31.35 53.82 -6.61
C GLU B 329 30.75 52.42 -6.73
N PRO B 330 30.76 51.86 -7.95
CA PRO B 330 30.10 50.57 -8.16
C PRO B 330 30.68 49.48 -7.27
N LEU B 331 29.79 48.62 -6.76
CA LEU B 331 30.17 47.59 -5.81
C LEU B 331 29.44 46.29 -6.14
N THR B 332 30.18 45.18 -6.09
CA THR B 332 29.62 43.85 -6.29
C THR B 332 29.69 43.09 -4.98
N ILE B 333 28.52 42.74 -4.45
CA ILE B 333 28.40 42.10 -3.14
C ILE B 333 27.34 41.01 -3.24
N ALA B 334 27.56 39.93 -2.48
CA ALA B 334 26.66 38.78 -2.49
C ALA B 334 26.16 38.48 -1.09
N PHE B 335 24.87 38.20 -0.97
CA PHE B 335 24.24 37.91 0.31
C PHE B 335 23.55 36.56 0.27
N ASN B 336 23.22 36.06 1.44
CA ASN B 336 22.34 34.91 1.55
C ASN B 336 20.93 35.35 1.16
N PRO B 337 20.31 34.74 0.15
CA PRO B 337 18.98 35.19 -0.27
C PRO B 337 17.94 35.07 0.83
N THR B 338 18.01 34.00 1.63
CA THR B 338 17.07 33.86 2.74
C THR B 338 17.31 34.93 3.80
N TYR B 339 18.57 35.12 4.20
CA TYR B 339 18.87 36.16 5.18
C TYR B 339 18.51 37.54 4.65
N LEU B 340 18.70 37.76 3.34
CA LEU B 340 18.43 39.08 2.78
C LEU B 340 16.93 39.37 2.72
N THR B 341 16.13 38.38 2.29
CA THR B 341 14.69 38.58 2.24
C THR B 341 14.10 38.66 3.64
N ASP B 342 14.69 37.95 4.61
CA ASP B 342 14.29 38.11 6.01
C ASP B 342 14.40 39.56 6.45
N GLY B 343 15.50 40.22 6.10
CA GLY B 343 15.68 41.61 6.47
C GLY B 343 14.70 42.54 5.78
N LEU B 344 14.53 42.37 4.47
CA LEU B 344 13.64 43.24 3.72
C LEU B 344 12.21 43.15 4.22
N SER B 345 11.77 41.94 4.58
CA SER B 345 10.44 41.76 5.15
C SER B 345 10.31 42.41 6.51
N SER B 346 11.42 42.63 7.22
CA SER B 346 11.36 43.20 8.56
C SER B 346 11.17 44.71 8.55
N LEU B 347 11.46 45.39 7.44
CA LEU B 347 11.42 46.85 7.46
C LEU B 347 10.00 47.37 7.55
N ARG B 348 9.03 46.67 6.95
CA ARG B 348 7.64 47.11 6.92
C ARG B 348 7.54 48.55 6.43
N SER B 349 8.26 48.82 5.34
CA SER B 349 8.25 50.10 4.65
C SER B 349 8.25 49.82 3.16
N GLU B 350 7.88 50.84 2.38
CA GLU B 350 7.81 50.65 0.93
C GLU B 350 9.19 50.59 0.31
N ARG B 351 10.20 51.20 0.94
CA ARG B 351 11.55 51.25 0.39
C ARG B 351 12.59 50.89 1.44
N VAL B 352 13.81 50.62 0.95
CA VAL B 352 14.93 50.15 1.75
C VAL B 352 16.13 51.03 1.45
N SER B 353 17.00 51.22 2.44
CA SER B 353 18.27 51.93 2.26
C SER B 353 19.42 51.02 2.67
N PHE B 354 20.34 50.76 1.73
CA PHE B 354 21.48 49.88 1.96
C PHE B 354 22.73 50.69 2.28
N GLY B 355 23.21 50.60 3.51
CA GLY B 355 24.55 51.06 3.81
C GLY B 355 25.63 50.07 3.43
N PHE B 356 26.55 50.45 2.56
CA PHE B 356 27.61 49.56 2.09
C PHE B 356 28.98 50.13 2.46
N THR B 357 29.95 49.24 2.61
CA THR B 357 31.36 49.66 2.60
C THR B 357 32.11 48.86 1.56
N THR B 358 32.46 47.63 1.92
CA THR B 358 33.12 46.67 1.04
C THR B 358 32.31 45.38 0.95
N ALA B 359 32.62 44.61 -0.08
CA ALA B 359 31.98 43.32 -0.30
C ALA B 359 32.29 42.32 0.81
N GLY B 360 33.22 42.62 1.70
CA GLY B 360 33.53 41.74 2.81
C GLY B 360 33.08 42.27 4.16
N LYS B 361 32.54 43.48 4.19
CA LYS B 361 32.04 44.08 5.42
C LYS B 361 30.51 44.02 5.46
N SER B 362 29.95 44.49 6.57
CA SER B 362 28.52 44.39 6.79
C SER B 362 27.75 45.41 5.95
N ALA B 363 26.55 45.01 5.52
CA ALA B 363 25.61 45.89 4.86
C ALA B 363 24.49 46.24 5.81
N LEU B 364 24.14 47.52 5.89
CA LEU B 364 23.19 48.04 6.87
C LEU B 364 21.89 48.42 6.17
N LEU B 365 20.83 47.66 6.42
CA LEU B 365 19.52 47.91 5.83
C LEU B 365 18.67 48.74 6.78
N ARG B 366 17.88 49.65 6.21
CA ARG B 366 17.12 50.63 6.98
C ARG B 366 15.80 50.89 6.28
N PRO B 367 14.73 51.17 7.03
CA PRO B 367 13.44 51.48 6.41
C PRO B 367 13.43 52.86 5.79
N VAL B 368 12.78 52.97 4.62
CA VAL B 368 12.62 54.24 3.93
C VAL B 368 11.21 54.32 3.38
N SER B 369 10.61 55.51 3.50
CA SER B 369 9.26 55.74 2.99
C SER B 369 9.27 55.80 1.47
N ASN B 379 23.22 63.56 -1.73
CA ASN B 379 24.50 64.03 -1.23
C ASN B 379 25.46 64.29 -2.39
N GLY B 380 26.75 64.30 -2.07
CA GLY B 380 27.81 64.40 -3.06
C GLY B 380 28.44 63.05 -3.34
N ASN B 381 29.74 63.09 -3.66
CA ASN B 381 30.48 61.87 -3.94
C ASN B 381 31.20 61.30 -2.73
N GLY B 382 31.27 62.05 -1.62
CA GLY B 382 32.06 61.66 -0.49
C GLY B 382 31.37 60.62 0.38
N PRO B 383 32.03 60.26 1.48
CA PRO B 383 31.45 59.26 2.39
C PRO B 383 30.12 59.73 2.94
N PHE B 384 29.15 58.83 2.95
CA PHE B 384 27.79 59.17 3.34
C PHE B 384 27.49 58.69 4.75
N PRO B 385 27.02 59.57 5.63
CA PRO B 385 26.72 59.15 7.00
C PRO B 385 25.49 58.25 7.05
N ALA B 386 25.45 57.43 8.10
CA ALA B 386 24.29 56.58 8.38
C ALA B 386 23.20 57.42 9.03
N VAL B 387 22.04 57.50 8.39
CA VAL B 387 20.93 58.29 8.92
C VAL B 387 20.28 57.53 10.06
N SER B 388 19.85 58.26 11.09
CA SER B 388 19.25 57.64 12.27
C SER B 388 17.88 57.07 11.93
N THR B 389 17.62 55.86 12.42
CA THR B 389 16.31 55.24 12.30
C THR B 389 16.01 54.45 13.56
N ASP B 390 14.74 54.09 13.72
CA ASP B 390 14.33 53.28 14.86
C ASP B 390 14.68 51.81 14.66
N TYR B 391 14.75 51.36 13.41
CA TYR B 391 15.10 49.98 13.09
C TYR B 391 16.33 49.91 12.19
N VAL B 392 17.12 48.86 12.39
CA VAL B 392 18.26 48.59 11.51
C VAL B 392 18.45 47.08 11.42
N TYR B 393 18.70 46.59 10.20
CA TYR B 393 18.96 45.18 9.95
C TYR B 393 20.33 45.11 9.28
N LEU B 394 21.31 44.62 10.00
CA LEU B 394 22.68 44.62 9.51
C LEU B 394 23.05 43.20 9.12
N LEU B 395 23.47 43.00 7.87
CA LEU B 395 23.65 41.67 7.31
C LEU B 395 25.07 41.49 6.78
N MET B 396 25.69 40.24 7.04
CA MET B 396 27.04 39.98 6.54
C MET B 396 26.99 39.27 5.19
N PRO B 397 27.90 39.60 4.29
CA PRO B 397 27.84 39.07 2.93
C PRO B 397 28.48 37.68 2.83
N VAL B 398 28.55 37.18 1.60
CA VAL B 398 29.12 35.87 1.29
C VAL B 398 30.32 36.08 0.38
N ARG B 399 31.20 35.07 0.33
CA ARG B 399 32.55 35.17 -0.22
C ARG B 399 32.63 35.81 -1.61
N LEU B 400 32.15 35.08 -2.63
CA LEU B 400 32.16 35.40 -4.09
C LEU B 400 32.76 34.22 -4.86
N VAL C 8 -33.46 -38.92 22.22
CA VAL C 8 -33.11 -37.75 23.01
C VAL C 8 -32.92 -38.14 24.47
N GLY C 9 -31.94 -37.51 25.11
CA GLY C 9 -31.60 -37.82 26.47
C GLY C 9 -30.95 -36.61 27.07
N LEU C 10 -30.58 -36.71 28.35
CA LEU C 10 -29.96 -35.58 29.05
C LEU C 10 -28.60 -35.24 28.45
N THR C 11 -27.79 -36.28 28.28
CA THR C 11 -26.45 -36.13 27.73
C THR C 11 -26.57 -36.04 26.22
N ASP C 12 -26.26 -34.87 25.68
CA ASP C 12 -26.36 -34.65 24.24
C ASP C 12 -25.26 -35.47 23.55
N LEU C 13 -25.06 -35.22 22.26
CA LEU C 13 -24.14 -36.05 21.50
C LEU C 13 -22.74 -35.96 22.08
N THR C 14 -22.15 -37.12 22.38
CA THR C 14 -20.80 -37.21 22.90
C THR C 14 -20.10 -38.38 22.24
N PHE C 15 -18.92 -38.14 21.69
CA PHE C 15 -18.21 -39.19 20.99
C PHE C 15 -16.70 -38.96 21.06
N ARG C 16 -15.97 -40.00 20.67
CA ARG C 16 -14.51 -39.97 20.60
C ARG C 16 -14.04 -40.74 19.37
N LEU C 17 -13.11 -40.16 18.63
CA LEU C 17 -12.51 -40.81 17.47
C LEU C 17 -11.16 -40.15 17.19
N LEU C 18 -10.39 -40.79 16.32
CA LEU C 18 -9.06 -40.28 16.01
C LEU C 18 -9.14 -39.03 15.15
N ARG C 19 -8.09 -38.22 15.23
CA ARG C 19 -8.15 -36.88 14.63
C ARG C 19 -8.13 -36.96 13.11
N GLU C 20 -7.18 -37.72 12.56
CA GLU C 20 -7.04 -37.76 11.10
C GLU C 20 -8.28 -38.35 10.44
N SER C 21 -8.89 -39.35 11.06
CA SER C 21 -10.15 -39.89 10.54
C SER C 21 -11.25 -38.83 10.64
N PHE C 22 -11.34 -38.16 11.78
CA PHE C 22 -12.31 -37.08 11.95
C PHE C 22 -12.04 -35.94 10.97
N ALA C 23 -10.78 -35.51 10.87
CA ALA C 23 -10.44 -34.36 10.05
C ALA C 23 -10.69 -34.63 8.57
N ASP C 24 -10.29 -35.81 8.09
CA ASP C 24 -10.41 -36.12 6.66
C ASP C 24 -11.86 -36.08 6.21
N ALA C 25 -12.79 -36.53 7.08
CA ALA C 25 -14.21 -36.51 6.72
C ALA C 25 -14.78 -35.11 6.75
N VAL C 26 -14.35 -34.28 7.71
CA VAL C 26 -14.89 -32.93 7.80
C VAL C 26 -14.38 -32.05 6.66
N SER C 27 -13.08 -32.15 6.33
CA SER C 27 -12.56 -31.34 5.22
C SER C 27 -13.29 -31.66 3.93
N TRP C 28 -13.58 -32.95 3.70
CA TRP C 28 -14.24 -33.36 2.47
C TRP C 28 -15.67 -32.81 2.39
N VAL C 29 -16.43 -32.93 3.47
CA VAL C 29 -17.80 -32.45 3.46
C VAL C 29 -17.85 -30.93 3.42
N ALA C 30 -16.92 -30.27 4.11
CA ALA C 30 -17.06 -28.82 4.30
C ALA C 30 -16.73 -27.99 3.06
N LYS C 31 -15.86 -28.47 2.17
CA LYS C 31 -15.57 -27.72 0.96
C LYS C 31 -16.37 -28.24 -0.23
N ASN C 32 -17.09 -29.34 -0.06
CA ASN C 32 -18.09 -29.77 -1.03
C ASN C 32 -19.42 -29.04 -0.83
N LEU C 33 -19.49 -28.17 0.18
CA LEU C 33 -20.52 -27.17 0.34
C LEU C 33 -19.91 -25.79 0.11
N PRO C 34 -20.45 -25.00 -0.81
CA PRO C 34 -20.02 -23.60 -0.91
C PRO C 34 -20.41 -22.82 0.34
N ALA C 35 -19.49 -21.96 0.79
CA ALA C 35 -19.70 -21.18 2.01
C ALA C 35 -20.94 -20.30 1.93
N ARG C 36 -20.87 -19.20 1.16
CA ARG C 36 -22.02 -18.36 0.83
C ARG C 36 -22.84 -18.00 2.07
N PRO C 37 -22.40 -17.03 2.89
CA PRO C 37 -22.95 -16.87 4.25
C PRO C 37 -24.45 -16.99 4.38
N ALA C 38 -25.22 -16.41 3.46
CA ALA C 38 -26.68 -16.55 3.52
C ALA C 38 -27.11 -17.84 2.83
N VAL C 39 -28.02 -18.60 3.44
CA VAL C 39 -28.60 -18.32 4.74
C VAL C 39 -27.69 -18.95 5.81
N PRO C 40 -27.47 -18.24 6.94
CA PRO C 40 -26.38 -18.64 7.87
C PRO C 40 -26.36 -20.09 8.32
N VAL C 41 -27.48 -20.82 8.23
CA VAL C 41 -27.45 -22.23 8.61
C VAL C 41 -26.62 -23.04 7.61
N LEU C 42 -26.76 -22.75 6.32
CA LEU C 42 -26.15 -23.57 5.27
C LEU C 42 -24.64 -23.44 5.21
N SER C 43 -24.03 -22.55 5.99
CA SER C 43 -22.58 -22.52 6.10
C SER C 43 -22.05 -23.69 6.90
N GLY C 44 -22.91 -24.35 7.70
CA GLY C 44 -22.46 -25.31 8.69
C GLY C 44 -22.47 -26.75 8.20
N VAL C 45 -21.96 -27.62 9.06
CA VAL C 45 -21.85 -29.05 8.79
C VAL C 45 -22.47 -29.81 9.96
N LEU C 46 -23.16 -30.91 9.68
CA LEU C 46 -23.98 -31.60 10.67
C LEU C 46 -23.35 -32.93 11.04
N LEU C 47 -23.13 -33.14 12.34
CA LEU C 47 -22.55 -34.36 12.88
C LEU C 47 -23.64 -35.16 13.57
N THR C 48 -23.70 -36.46 13.29
CA THR C 48 -24.70 -37.35 13.87
C THR C 48 -24.03 -38.58 14.45
N GLY C 49 -24.28 -38.84 15.73
CA GLY C 49 -23.88 -40.07 16.37
C GLY C 49 -25.03 -41.05 16.42
N SER C 50 -24.69 -42.35 16.37
CA SER C 50 -25.74 -43.37 16.47
C SER C 50 -25.36 -44.51 17.40
N ASP C 51 -24.45 -45.38 16.96
CA ASP C 51 -23.98 -46.45 17.83
C ASP C 51 -22.46 -46.61 17.78
N ASN C 52 -21.98 -47.22 16.70
CA ASN C 52 -20.56 -47.41 16.46
C ASN C 52 -19.97 -46.43 15.46
N GLY C 53 -20.74 -45.47 14.96
CA GLY C 53 -20.21 -44.60 13.92
C GLY C 53 -20.81 -43.22 13.91
N LEU C 54 -20.04 -42.30 13.33
CA LEU C 54 -20.35 -40.88 13.23
C LEU C 54 -20.56 -40.51 11.77
N THR C 55 -21.58 -39.70 11.50
CA THR C 55 -21.87 -39.28 10.13
C THR C 55 -21.78 -37.75 10.04
N ILE C 56 -21.03 -37.27 9.05
CA ILE C 56 -20.85 -35.85 8.80
C ILE C 56 -21.55 -35.52 7.49
N SER C 57 -22.43 -34.52 7.52
CA SER C 57 -23.34 -34.23 6.42
C SER C 57 -23.26 -32.77 6.01
N GLY C 58 -23.42 -32.55 4.71
CA GLY C 58 -23.34 -31.25 4.11
C GLY C 58 -24.41 -31.05 3.09
N PHE C 59 -24.91 -29.85 3.01
CA PHE C 59 -25.91 -29.61 2.07
C PHE C 59 -25.61 -28.44 1.15
N ASP C 60 -25.96 -28.64 -0.09
CA ASP C 60 -26.10 -27.60 -1.09
C ASP C 60 -27.26 -28.12 -1.95
N TYR C 61 -28.22 -27.26 -2.28
CA TYR C 61 -29.08 -27.62 -3.40
C TYR C 61 -28.13 -27.89 -4.56
N GLU C 62 -28.33 -29.00 -5.27
CA GLU C 62 -27.32 -29.39 -6.26
C GLU C 62 -25.98 -29.70 -5.58
N VAL C 63 -25.74 -30.98 -5.26
CA VAL C 63 -24.56 -31.53 -4.58
C VAL C 63 -24.51 -31.43 -3.05
N SER C 64 -25.09 -32.43 -2.39
CA SER C 64 -24.94 -32.66 -0.97
C SER C 64 -24.00 -33.85 -0.76
N ALA C 65 -23.14 -33.78 0.36
CA ALA C 65 -22.22 -34.84 0.72
C ALA C 65 -22.34 -35.39 2.13
N GLU C 66 -22.25 -36.69 2.28
CA GLU C 66 -22.32 -37.31 3.57
C GLU C 66 -21.18 -38.30 3.79
N ALA C 67 -20.41 -38.18 4.84
CA ALA C 67 -19.35 -39.15 5.12
C ALA C 67 -19.56 -39.71 6.52
N GLN C 68 -19.55 -41.04 6.62
CA GLN C 68 -19.64 -41.72 7.91
C GLN C 68 -18.30 -42.33 8.26
N VAL C 69 -17.84 -42.10 9.49
CA VAL C 69 -16.61 -42.67 10.00
C VAL C 69 -16.91 -43.38 11.32
N GLY C 70 -16.13 -44.42 11.60
CA GLY C 70 -16.29 -45.11 12.87
C GLY C 70 -15.83 -44.26 14.04
N ALA C 71 -16.64 -44.24 15.09
CA ALA C 71 -16.34 -43.50 16.31
C ALA C 71 -17.03 -44.18 17.47
N GLU C 72 -16.55 -43.88 18.67
CA GLU C 72 -17.18 -44.36 19.90
C GLU C 72 -18.21 -43.35 20.34
N ILE C 73 -19.48 -43.72 20.29
CA ILE C 73 -20.59 -42.82 20.58
C ILE C 73 -20.92 -42.99 22.05
N VAL C 74 -20.58 -41.98 22.87
CA VAL C 74 -20.89 -42.05 24.29
C VAL C 74 -22.36 -41.76 24.54
N SER C 75 -22.95 -40.83 23.77
CA SER C 75 -24.38 -40.65 23.80
C SER C 75 -24.86 -40.24 22.41
N PRO C 76 -26.00 -40.74 21.95
CA PRO C 76 -26.52 -40.31 20.64
C PRO C 76 -26.83 -38.83 20.61
N GLY C 77 -26.95 -38.30 19.41
CA GLY C 77 -27.42 -36.95 19.21
C GLY C 77 -26.90 -36.37 17.91
N SER C 78 -27.31 -35.13 17.65
CA SER C 78 -26.84 -34.38 16.49
C SER C 78 -26.46 -32.97 16.91
N VAL C 79 -25.55 -32.37 16.16
CA VAL C 79 -25.14 -31.00 16.39
C VAL C 79 -24.66 -30.42 15.06
N LEU C 80 -24.91 -29.13 14.86
CA LEU C 80 -24.53 -28.46 13.62
C LEU C 80 -23.60 -27.30 13.95
N VAL C 81 -22.36 -27.37 13.47
CA VAL C 81 -21.35 -26.35 13.72
C VAL C 81 -20.82 -25.85 12.38
N SER C 82 -20.17 -24.70 12.42
CA SER C 82 -19.67 -24.05 11.20
C SER C 82 -18.71 -24.95 10.45
N GLY C 83 -18.93 -25.07 9.14
CA GLY C 83 -18.20 -26.00 8.31
C GLY C 83 -16.73 -25.72 8.16
N ARG C 84 -16.39 -24.50 7.69
CA ARG C 84 -14.98 -24.22 7.41
C ARG C 84 -14.17 -24.10 8.69
N LEU C 85 -14.77 -23.64 9.79
CA LEU C 85 -14.02 -23.53 11.03
C LEU C 85 -13.65 -24.90 11.56
N LEU C 86 -14.58 -25.85 11.55
CA LEU C 86 -14.30 -27.17 12.12
C LEU C 86 -13.38 -27.97 11.23
N SER C 87 -13.38 -27.72 9.92
CA SER C 87 -12.39 -28.35 9.06
C SER C 87 -11.00 -27.79 9.30
N ASP C 88 -10.90 -26.50 9.62
CA ASP C 88 -9.60 -25.90 9.93
C ASP C 88 -9.09 -26.37 11.30
N ILE C 89 -9.99 -26.56 12.26
CA ILE C 89 -9.57 -26.99 13.59
C ILE C 89 -8.98 -28.40 13.54
N THR C 90 -9.74 -29.34 12.99
CA THR C 90 -9.35 -30.75 13.03
C THR C 90 -8.05 -31.02 12.26
N ARG C 91 -7.67 -30.14 11.34
CA ARG C 91 -6.37 -30.28 10.68
C ARG C 91 -5.23 -29.90 11.61
N ALA C 92 -5.44 -28.88 12.44
CA ALA C 92 -4.38 -28.30 13.26
C ALA C 92 -4.31 -28.88 14.67
N LEU C 93 -5.21 -29.78 15.04
CA LEU C 93 -5.13 -30.39 16.35
C LEU C 93 -3.95 -31.35 16.40
N PRO C 94 -3.44 -31.65 17.60
CA PRO C 94 -2.38 -32.65 17.70
C PRO C 94 -2.91 -34.01 17.31
N ASN C 95 -2.00 -34.93 16.99
CA ASN C 95 -2.44 -36.24 16.54
C ASN C 95 -2.63 -37.07 17.80
N LYS C 96 -3.89 -37.12 18.25
CA LYS C 96 -4.36 -37.82 19.43
C LYS C 96 -5.86 -38.03 19.26
N PRO C 97 -6.53 -38.74 20.17
CA PRO C 97 -8.00 -38.84 20.07
C PRO C 97 -8.67 -37.50 20.27
N VAL C 98 -9.82 -37.33 19.63
CA VAL C 98 -10.62 -36.10 19.71
C VAL C 98 -11.90 -36.41 20.47
N ASP C 99 -12.16 -35.65 21.52
CA ASP C 99 -13.37 -35.77 22.32
C ASP C 99 -14.32 -34.63 21.97
N VAL C 100 -15.56 -34.99 21.62
CA VAL C 100 -16.59 -34.01 21.27
C VAL C 100 -17.80 -34.26 22.17
N HIS C 101 -18.22 -33.22 22.90
CA HIS C 101 -19.36 -33.30 23.81
C HIS C 101 -20.20 -32.06 23.63
N VAL C 102 -21.45 -32.23 23.24
CA VAL C 102 -22.37 -31.10 23.06
C VAL C 102 -22.88 -30.68 24.43
N GLU C 103 -22.61 -29.42 24.80
CA GLU C 103 -23.10 -28.86 26.05
C GLU C 103 -24.02 -27.69 25.74
N GLY C 104 -25.33 -27.88 25.88
CA GLY C 104 -26.25 -26.78 25.67
C GLY C 104 -26.16 -26.22 24.26
N ASN C 105 -25.96 -24.91 24.18
CA ASN C 105 -25.83 -24.20 22.91
C ASN C 105 -24.44 -24.29 22.32
N ARG C 106 -23.51 -25.00 22.97
CA ARG C 106 -22.15 -25.09 22.49
C ARG C 106 -21.70 -26.54 22.43
N VAL C 107 -20.58 -26.75 21.75
CA VAL C 107 -19.96 -28.06 21.61
C VAL C 107 -18.53 -27.94 22.14
N ALA C 108 -18.19 -28.77 23.12
CA ALA C 108 -16.87 -28.76 23.72
C ALA C 108 -16.00 -29.80 23.03
N LEU C 109 -14.86 -29.37 22.49
CA LEU C 109 -13.96 -30.23 21.75
C LEU C 109 -12.61 -30.30 22.48
N THR C 110 -12.16 -31.52 22.77
CA THR C 110 -10.94 -31.75 23.54
C THR C 110 -10.05 -32.72 22.79
N CYS C 111 -8.83 -32.29 22.47
CA CYS C 111 -7.84 -33.16 21.86
C CYS C 111 -6.49 -32.89 22.52
N GLY C 112 -5.96 -33.86 23.24
CA GLY C 112 -4.69 -33.65 23.93
C GLY C 112 -4.78 -32.53 24.94
N ASN C 113 -3.90 -31.55 24.78
CA ASN C 113 -3.89 -30.35 25.60
C ASN C 113 -4.63 -29.18 24.95
N ALA C 114 -5.22 -29.39 23.77
CA ALA C 114 -6.00 -28.35 23.12
C ALA C 114 -7.47 -28.50 23.49
N ARG C 115 -8.13 -27.37 23.74
CA ARG C 115 -9.54 -27.36 24.10
C ARG C 115 -10.23 -26.24 23.34
N PHE C 116 -11.40 -26.54 22.81
CA PHE C 116 -12.19 -25.59 22.05
C PHE C 116 -13.63 -25.62 22.56
N SER C 117 -14.23 -24.43 22.61
CA SER C 117 -15.67 -24.29 22.84
C SER C 117 -16.24 -23.59 21.61
N LEU C 118 -17.10 -24.28 20.87
CA LEU C 118 -17.58 -23.69 19.65
C LEU C 118 -19.09 -23.51 19.71
N PRO C 119 -19.62 -22.42 19.15
CA PRO C 119 -21.06 -22.23 19.14
C PRO C 119 -21.71 -23.14 18.12
N THR C 120 -23.00 -23.39 18.32
CA THR C 120 -23.77 -24.22 17.43
C THR C 120 -24.89 -23.40 16.81
N MET C 121 -25.62 -24.02 15.90
CA MET C 121 -26.79 -23.46 15.25
C MET C 121 -27.91 -24.49 15.37
N PRO C 122 -29.17 -24.08 15.27
CA PRO C 122 -30.26 -25.06 15.41
C PRO C 122 -30.17 -26.10 14.30
N VAL C 123 -30.07 -27.37 14.69
CA VAL C 123 -30.05 -28.49 13.75
C VAL C 123 -31.38 -28.66 13.08
N GLU C 124 -32.38 -28.07 13.72
CA GLU C 124 -33.74 -28.31 13.33
C GLU C 124 -34.11 -27.48 12.11
N ASP C 125 -33.35 -26.40 11.82
CA ASP C 125 -33.39 -25.62 10.56
C ASP C 125 -32.51 -26.14 9.40
N TYR C 126 -31.76 -27.23 9.57
CA TYR C 126 -30.89 -27.69 8.49
C TYR C 126 -31.67 -28.54 7.50
N PRO C 127 -31.51 -28.30 6.20
CA PRO C 127 -32.25 -29.09 5.20
C PRO C 127 -31.92 -30.56 5.30
N THR C 128 -32.92 -31.40 5.02
CA THR C 128 -32.72 -32.84 4.91
C THR C 128 -32.08 -33.17 3.57
N LEU C 129 -31.08 -34.07 3.61
CA LEU C 129 -30.32 -34.36 2.40
C LEU C 129 -31.03 -35.41 1.56
N PRO C 130 -30.94 -35.31 0.23
CA PRO C 130 -31.56 -36.33 -0.63
C PRO C 130 -30.97 -37.71 -0.37
N THR C 131 -31.82 -38.72 -0.42
CA THR C 131 -31.38 -40.11 -0.40
C THR C 131 -30.87 -40.55 -1.77
N LEU C 132 -29.84 -41.39 -1.78
CA LEU C 132 -29.34 -41.94 -3.03
C LEU C 132 -30.32 -42.94 -3.62
N PRO C 133 -30.56 -42.88 -4.93
CA PRO C 133 -31.33 -43.94 -5.59
C PRO C 133 -30.61 -45.28 -5.53
N GLU C 134 -31.25 -46.33 -6.05
CA GLU C 134 -30.64 -47.65 -6.05
C GLU C 134 -29.45 -47.72 -7.00
N GLU C 135 -28.45 -48.48 -6.60
CA GLU C 135 -27.21 -48.63 -7.36
C GLU C 135 -27.43 -49.32 -8.70
N THR C 136 -26.92 -48.69 -9.76
CA THR C 136 -26.84 -49.24 -11.10
C THR C 136 -25.57 -50.03 -11.38
N GLY C 137 -24.52 -49.84 -10.60
CA GLY C 137 -23.30 -50.59 -10.82
C GLY C 137 -22.10 -49.86 -10.26
N LEU C 138 -20.95 -50.50 -10.44
CA LEU C 138 -19.71 -49.99 -9.88
C LEU C 138 -18.56 -50.32 -10.80
N LEU C 139 -17.52 -49.49 -10.72
CA LEU C 139 -16.34 -49.61 -11.56
C LEU C 139 -15.14 -49.26 -10.73
N PRO C 140 -13.95 -49.77 -11.07
CA PRO C 140 -12.75 -49.45 -10.31
C PRO C 140 -12.53 -47.94 -10.20
N ALA C 141 -12.05 -47.52 -9.03
CA ALA C 141 -11.88 -46.09 -8.77
C ALA C 141 -10.86 -45.46 -9.70
N GLU C 142 -9.83 -46.19 -10.11
CA GLU C 142 -8.84 -45.61 -11.01
C GLU C 142 -9.36 -45.56 -12.44
N LEU C 143 -10.23 -46.49 -12.84
CA LEU C 143 -10.86 -46.40 -14.15
C LEU C 143 -11.82 -45.22 -14.21
N PHE C 144 -12.66 -45.07 -13.18
CA PHE C 144 -13.55 -43.93 -13.09
C PHE C 144 -12.78 -42.61 -13.07
N ALA C 145 -11.65 -42.58 -12.35
CA ALA C 145 -10.84 -41.37 -12.28
C ALA C 145 -10.32 -40.97 -13.65
N GLU C 146 -9.76 -41.93 -14.40
CA GLU C 146 -9.21 -41.60 -15.71
C GLU C 146 -10.32 -41.32 -16.72
N ALA C 147 -11.42 -42.07 -16.65
CA ALA C 147 -12.50 -41.90 -17.62
C ALA C 147 -13.11 -40.50 -17.55
N ILE C 148 -13.36 -40.01 -16.33
CA ILE C 148 -13.95 -38.68 -16.18
C ILE C 148 -12.94 -37.59 -16.54
N SER C 149 -11.68 -37.78 -16.14
CA SER C 149 -10.66 -36.77 -16.40
C SER C 149 -10.47 -36.51 -17.90
N GLN C 150 -10.61 -37.54 -18.72
CA GLN C 150 -10.42 -37.35 -20.17
C GLN C 150 -11.57 -36.56 -20.78
N VAL C 151 -12.81 -36.92 -20.48
CA VAL C 151 -13.94 -36.28 -21.14
C VAL C 151 -14.28 -34.92 -20.52
N ALA C 152 -13.98 -34.75 -19.22
CA ALA C 152 -14.37 -33.51 -18.55
C ALA C 152 -13.68 -32.29 -19.14
N ILE C 153 -12.45 -32.47 -19.65
CA ILE C 153 -11.67 -31.35 -20.17
C ILE C 153 -12.35 -30.70 -21.37
N ALA C 154 -13.25 -31.42 -22.05
CA ALA C 154 -13.95 -30.91 -23.21
C ALA C 154 -15.30 -30.27 -22.89
N ALA C 155 -15.73 -30.30 -21.63
CA ALA C 155 -17.05 -29.77 -21.27
C ALA C 155 -17.08 -28.25 -21.28
N GLY C 156 -18.23 -27.70 -21.64
CA GLY C 156 -18.39 -26.25 -21.68
C GLY C 156 -18.39 -25.63 -20.30
N ARG C 157 -17.73 -24.47 -20.20
CA ARG C 157 -17.63 -23.74 -18.93
C ARG C 157 -18.60 -22.57 -18.76
N ASP C 158 -19.43 -22.23 -19.74
CA ASP C 158 -20.35 -21.12 -19.57
C ASP C 158 -21.79 -21.60 -19.49
N ASP C 159 -22.62 -20.84 -18.78
CA ASP C 159 -23.99 -21.25 -18.52
C ASP C 159 -24.94 -20.99 -19.69
N THR C 160 -24.53 -20.22 -20.70
CA THR C 160 -25.46 -19.81 -21.73
C THR C 160 -26.05 -21.00 -22.49
N LEU C 161 -25.31 -22.10 -22.58
CA LEU C 161 -25.78 -23.34 -23.21
C LEU C 161 -25.66 -24.45 -22.18
N PRO C 162 -26.68 -24.65 -21.34
CA PRO C 162 -26.58 -25.65 -20.26
C PRO C 162 -26.22 -27.05 -20.76
N MET C 163 -26.47 -27.35 -22.04
CA MET C 163 -26.17 -28.68 -22.56
C MET C 163 -24.67 -28.99 -22.47
N LEU C 164 -23.84 -27.99 -22.68
CA LEU C 164 -22.40 -28.22 -22.79
C LEU C 164 -21.71 -28.28 -21.44
N THR C 165 -22.36 -27.83 -20.37
CA THR C 165 -21.71 -27.80 -19.07
C THR C 165 -21.76 -29.15 -18.37
N GLY C 166 -22.41 -30.14 -18.98
CA GLY C 166 -22.58 -31.44 -18.39
C GLY C 166 -21.73 -32.49 -19.10
N ILE C 167 -21.70 -33.66 -18.49
CA ILE C 167 -21.07 -34.84 -19.07
C ILE C 167 -22.16 -35.86 -19.34
N ARG C 168 -22.26 -36.30 -20.60
CA ARG C 168 -23.23 -37.30 -20.97
C ARG C 168 -22.75 -38.67 -20.53
N VAL C 169 -23.57 -39.36 -19.76
CA VAL C 169 -23.27 -40.70 -19.28
C VAL C 169 -24.29 -41.64 -19.90
N GLU C 170 -23.85 -42.51 -20.80
CA GLU C 170 -24.73 -43.48 -21.42
C GLU C 170 -24.42 -44.86 -20.85
N ILE C 171 -25.44 -45.51 -20.32
CA ILE C 171 -25.30 -46.82 -19.71
C ILE C 171 -26.16 -47.78 -20.53
N LEU C 172 -25.51 -48.75 -21.17
CA LEU C 172 -26.19 -49.85 -21.85
C LEU C 172 -25.56 -51.15 -21.38
N GLY C 173 -26.30 -51.92 -20.60
CA GLY C 173 -25.77 -53.17 -20.11
C GLY C 173 -24.52 -52.96 -19.27
N GLU C 174 -23.44 -53.63 -19.65
CA GLU C 174 -22.19 -53.59 -18.91
C GLU C 174 -21.21 -52.55 -19.45
N THR C 175 -21.60 -51.79 -20.47
CA THR C 175 -20.72 -50.81 -21.09
C THR C 175 -21.26 -49.41 -20.83
N VAL C 176 -20.37 -48.50 -20.42
CA VAL C 176 -20.71 -47.11 -20.16
C VAL C 176 -19.92 -46.23 -21.12
N VAL C 177 -20.61 -45.28 -21.75
CA VAL C 177 -19.99 -44.33 -22.68
C VAL C 177 -20.14 -42.94 -22.10
N LEU C 178 -19.04 -42.19 -22.06
CA LEU C 178 -19.03 -40.83 -21.55
C LEU C 178 -18.65 -39.86 -22.65
N ALA C 179 -19.34 -38.72 -22.70
CA ALA C 179 -19.11 -37.74 -23.75
C ALA C 179 -19.31 -36.35 -23.17
N ALA C 180 -18.54 -35.39 -23.69
CA ALA C 180 -18.69 -33.98 -23.34
C ALA C 180 -18.17 -33.13 -24.50
N THR C 181 -18.76 -31.95 -24.67
CA THR C 181 -18.28 -31.03 -25.69
C THR C 181 -18.63 -29.59 -25.29
N ASP C 182 -17.74 -28.67 -25.67
CA ASP C 182 -17.94 -27.23 -25.49
C ASP C 182 -18.28 -26.51 -26.79
N ARG C 183 -18.57 -27.26 -27.86
CA ARG C 183 -18.84 -26.82 -29.24
C ARG C 183 -17.57 -26.64 -30.07
N PHE C 184 -16.40 -26.57 -29.44
CA PHE C 184 -15.16 -26.56 -30.19
C PHE C 184 -14.46 -27.91 -30.25
N ARG C 185 -14.78 -28.81 -29.33
CA ARG C 185 -14.08 -30.08 -29.21
C ARG C 185 -15.01 -31.11 -28.55
N LEU C 186 -14.90 -32.36 -28.98
CA LEU C 186 -15.72 -33.44 -28.44
C LEU C 186 -14.84 -34.57 -27.98
N ALA C 187 -15.03 -35.01 -26.74
CA ALA C 187 -14.31 -36.14 -26.17
C ALA C 187 -15.31 -37.22 -25.80
N VAL C 188 -15.05 -38.45 -26.25
CA VAL C 188 -15.93 -39.58 -25.97
C VAL C 188 -15.06 -40.74 -25.50
N ARG C 189 -15.40 -41.33 -24.35
CA ARG C 189 -14.76 -42.55 -23.92
C ARG C 189 -15.81 -43.61 -23.65
N GLU C 190 -15.55 -44.81 -24.14
CA GLU C 190 -16.44 -45.95 -23.95
C GLU C 190 -15.73 -47.00 -23.12
N LEU C 191 -16.29 -47.33 -21.97
CA LEU C 191 -15.69 -48.22 -20.98
C LEU C 191 -16.70 -49.30 -20.61
N LYS C 192 -16.20 -50.35 -19.96
CA LYS C 192 -17.03 -51.42 -19.44
C LYS C 192 -16.90 -51.47 -17.93
N TRP C 193 -18.03 -51.67 -17.25
CA TRP C 193 -18.12 -51.62 -15.81
C TRP C 193 -18.91 -52.81 -15.30
N SER C 194 -18.98 -52.94 -13.97
CA SER C 194 -19.73 -54.01 -13.34
C SER C 194 -21.13 -53.48 -13.09
N ALA C 195 -22.09 -54.00 -13.85
CA ALA C 195 -23.47 -53.54 -13.86
C ALA C 195 -24.34 -54.49 -13.05
N SER C 196 -25.36 -53.92 -12.42
CA SER C 196 -26.34 -54.69 -11.69
C SER C 196 -27.61 -54.75 -12.54
N SER C 197 -27.98 -55.96 -12.97
CA SER C 197 -29.09 -56.30 -13.87
C SER C 197 -29.03 -55.78 -15.31
N PRO C 198 -28.14 -56.34 -16.18
CA PRO C 198 -28.33 -56.14 -17.63
C PRO C 198 -29.68 -56.72 -18.14
N ASP C 199 -30.37 -56.06 -19.10
CA ASP C 199 -29.91 -54.87 -19.79
C ASP C 199 -30.64 -53.67 -19.23
N ILE C 200 -29.90 -52.66 -18.79
CA ILE C 200 -30.45 -51.36 -18.45
C ILE C 200 -30.08 -50.38 -19.55
N GLU C 201 -31.08 -49.69 -20.10
CA GLU C 201 -30.85 -48.57 -20.98
C GLU C 201 -30.97 -47.28 -20.15
N ALA C 202 -29.93 -46.46 -20.18
CA ALA C 202 -30.05 -45.17 -19.52
C ALA C 202 -29.09 -44.17 -20.16
N ALA C 203 -29.53 -42.92 -20.19
CA ALA C 203 -28.70 -41.79 -20.59
C ALA C 203 -29.07 -40.61 -19.70
N VAL C 204 -28.07 -40.04 -19.03
CA VAL C 204 -28.27 -38.86 -18.19
C VAL C 204 -27.18 -37.85 -18.53
N LEU C 205 -27.35 -36.64 -18.02
CA LEU C 205 -26.38 -35.57 -18.19
C LEU C 205 -26.08 -34.99 -16.83
N VAL C 206 -24.80 -35.02 -16.44
CA VAL C 206 -24.36 -34.72 -15.08
C VAL C 206 -23.48 -33.47 -15.14
N PRO C 207 -23.57 -32.55 -14.18
CA PRO C 207 -22.74 -31.33 -14.26
C PRO C 207 -21.27 -31.70 -14.26
N ALA C 208 -20.52 -31.11 -15.19
CA ALA C 208 -19.13 -31.51 -15.41
C ALA C 208 -18.28 -31.24 -14.17
N LYS C 209 -18.34 -30.02 -13.64
CA LYS C 209 -17.40 -29.61 -12.59
C LYS C 209 -17.53 -30.48 -11.35
N THR C 210 -18.76 -30.73 -10.91
CA THR C 210 -18.95 -31.58 -9.73
C THR C 210 -18.48 -33.00 -9.98
N LEU C 211 -18.86 -33.57 -11.12
CA LEU C 211 -18.45 -34.93 -11.44
C LEU C 211 -16.95 -35.03 -11.73
N ALA C 212 -16.32 -33.95 -12.19
CA ALA C 212 -14.89 -34.01 -12.45
C ALA C 212 -14.08 -34.02 -11.16
N GLU C 213 -14.40 -33.13 -10.22
CA GLU C 213 -13.68 -33.13 -8.95
C GLU C 213 -14.07 -34.32 -8.08
N ALA C 214 -15.35 -34.73 -8.13
CA ALA C 214 -15.75 -35.91 -7.37
C ALA C 214 -14.98 -37.13 -7.82
N ALA C 215 -14.64 -37.20 -9.11
CA ALA C 215 -13.83 -38.31 -9.60
C ALA C 215 -12.37 -38.18 -9.17
N LYS C 216 -11.79 -36.98 -9.36
CA LYS C 216 -10.37 -36.81 -9.07
C LYS C 216 -10.09 -36.89 -7.58
N ALA C 217 -10.96 -36.31 -6.75
CA ALA C 217 -10.90 -36.57 -5.33
C ALA C 217 -11.34 -38.00 -5.07
N GLY C 218 -10.57 -38.73 -4.27
CA GLY C 218 -10.89 -40.13 -4.09
C GLY C 218 -10.41 -41.06 -5.17
N ILE C 219 -9.19 -40.85 -5.70
CA ILE C 219 -8.76 -41.86 -6.67
C ILE C 219 -8.31 -43.01 -5.79
N GLY C 220 -9.25 -43.92 -5.57
CA GLY C 220 -9.16 -45.01 -4.64
C GLY C 220 -9.30 -44.51 -3.21
N GLY C 221 -10.11 -45.15 -2.38
CA GLY C 221 -11.19 -46.03 -2.82
C GLY C 221 -10.94 -47.41 -3.37
N SER C 222 -12.00 -48.21 -3.37
CA SER C 222 -11.89 -49.56 -3.90
C SER C 222 -12.61 -49.59 -5.24
N ASP C 223 -13.94 -49.61 -5.19
CA ASP C 223 -14.80 -49.48 -6.36
C ASP C 223 -15.81 -48.35 -6.13
N VAL C 224 -15.94 -47.48 -7.12
CA VAL C 224 -16.88 -46.36 -7.05
C VAL C 224 -18.24 -46.87 -7.51
N ARG C 225 -19.27 -46.58 -6.72
CA ARG C 225 -20.63 -47.03 -7.00
C ARG C 225 -21.49 -45.84 -7.41
N LEU C 226 -22.16 -45.96 -8.55
CA LEU C 226 -23.07 -44.95 -9.04
C LEU C 226 -24.51 -45.46 -8.94
N SER C 227 -25.38 -44.62 -8.43
CA SER C 227 -26.74 -44.97 -8.20
C SER C 227 -27.66 -44.12 -9.01
N LEU C 228 -28.49 -44.68 -9.87
CA LEU C 228 -29.34 -43.82 -10.71
C LEU C 228 -30.86 -43.95 -10.82
N GLY C 229 -31.45 -45.13 -10.92
CA GLY C 229 -30.70 -46.34 -10.93
C GLY C 229 -31.39 -47.67 -10.75
N THR C 230 -32.67 -47.77 -10.54
CA THR C 230 -33.20 -49.13 -10.32
C THR C 230 -33.34 -49.99 -11.62
N GLY C 231 -33.85 -49.47 -12.75
CA GLY C 231 -34.46 -48.16 -12.94
C GLY C 231 -35.97 -48.19 -13.15
N PRO C 232 -36.57 -47.02 -13.44
CA PRO C 232 -38.00 -46.78 -13.64
C PRO C 232 -38.75 -47.66 -14.66
N GLY C 233 -38.24 -47.96 -15.87
CA GLY C 233 -36.96 -47.51 -16.38
C GLY C 233 -35.97 -48.66 -16.55
N GLY C 235 -34.10 -45.95 -16.90
CA GLY C 235 -33.77 -44.55 -16.75
C GLY C 235 -33.44 -44.19 -15.32
N LYS C 236 -33.78 -42.95 -14.93
CA LYS C 236 -33.59 -42.49 -13.56
C LYS C 236 -34.12 -41.07 -13.36
N ASP C 237 -34.47 -40.73 -12.13
CA ASP C 237 -34.89 -39.38 -11.76
C ASP C 237 -34.62 -39.15 -10.29
N GLY C 238 -34.21 -37.93 -9.91
CA GLY C 238 -33.61 -36.94 -10.77
C GLY C 238 -32.14 -36.73 -10.45
N LEU C 239 -31.48 -37.75 -9.89
CA LEU C 239 -30.22 -37.51 -9.19
C LEU C 239 -29.19 -38.59 -9.50
N LEU C 240 -27.92 -38.24 -9.28
CA LEU C 240 -26.80 -39.16 -9.41
C LEU C 240 -26.11 -39.29 -8.05
N GLY C 241 -26.25 -40.45 -7.42
CA GLY C 241 -25.49 -40.76 -6.23
C GLY C 241 -24.13 -41.35 -6.59
N ILE C 242 -23.11 -40.96 -5.84
CA ILE C 242 -21.78 -41.56 -5.94
C ILE C 242 -21.38 -41.98 -4.54
N SER C 243 -21.30 -43.28 -4.30
CA SER C 243 -21.05 -43.85 -2.98
C SER C 243 -19.75 -44.64 -3.00
N GLY C 244 -19.38 -45.18 -1.86
CA GLY C 244 -18.16 -45.97 -1.78
C GLY C 244 -17.12 -45.26 -0.93
N ASN C 245 -16.18 -46.07 -0.45
CA ASN C 245 -15.09 -45.67 0.45
C ASN C 245 -15.60 -44.72 1.53
N GLY C 246 -16.66 -45.15 2.21
CA GLY C 246 -17.22 -44.47 3.36
C GLY C 246 -17.92 -43.16 3.07
N LYS C 247 -18.02 -42.75 1.81
CA LYS C 247 -18.61 -41.46 1.46
C LYS C 247 -19.71 -41.65 0.43
N ARG C 248 -20.64 -40.70 0.41
CA ARG C 248 -21.74 -40.72 -0.55
C ARG C 248 -22.17 -39.29 -0.84
N SER C 249 -22.52 -39.03 -2.09
CA SER C 249 -22.81 -37.68 -2.57
C SER C 249 -23.87 -37.77 -3.66
N THR C 250 -24.79 -36.79 -3.65
CA THR C 250 -25.81 -36.68 -4.69
C THR C 250 -25.52 -35.45 -5.53
N THR C 251 -25.76 -35.56 -6.82
CA THR C 251 -25.66 -34.45 -7.75
C THR C 251 -26.98 -34.36 -8.50
N ARG C 252 -27.60 -33.19 -8.49
CA ARG C 252 -28.80 -33.01 -9.29
C ARG C 252 -28.41 -32.91 -10.75
N LEU C 253 -29.07 -33.71 -11.59
CA LEU C 253 -28.74 -33.79 -13.01
C LEU C 253 -29.21 -32.54 -13.74
N LEU C 254 -28.97 -32.51 -15.05
CA LEU C 254 -29.42 -31.43 -15.92
C LEU C 254 -30.54 -31.97 -16.79
N ASP C 255 -31.58 -31.17 -16.99
CA ASP C 255 -32.68 -31.60 -17.83
C ASP C 255 -32.36 -31.49 -19.32
N ALA C 256 -31.39 -30.66 -19.69
CA ALA C 256 -31.12 -30.39 -21.10
C ALA C 256 -30.72 -31.66 -21.84
N GLU C 257 -31.06 -31.69 -23.14
CA GLU C 257 -30.74 -32.83 -24.00
C GLU C 257 -29.35 -32.62 -24.59
N PHE C 258 -28.44 -33.56 -24.32
CA PHE C 258 -27.12 -33.52 -24.92
C PHE C 258 -27.24 -33.65 -26.43
N PRO C 259 -26.42 -32.95 -27.21
CA PRO C 259 -26.51 -33.06 -28.67
C PRO C 259 -26.27 -34.49 -29.11
N LYS C 260 -26.62 -34.79 -30.37
CA LYS C 260 -26.36 -36.12 -30.89
C LYS C 260 -24.94 -36.03 -31.43
N PHE C 261 -24.01 -36.59 -30.65
CA PHE C 261 -22.59 -36.34 -30.91
C PHE C 261 -22.02 -37.27 -31.96
N ARG C 262 -22.68 -38.41 -32.20
CA ARG C 262 -22.17 -39.35 -33.19
C ARG C 262 -22.37 -38.89 -34.63
N GLN C 263 -23.10 -37.80 -34.87
CA GLN C 263 -23.06 -37.22 -36.20
C GLN C 263 -21.72 -36.54 -36.48
N LEU C 264 -21.07 -36.02 -35.43
CA LEU C 264 -19.86 -35.21 -35.60
C LEU C 264 -18.61 -36.04 -35.87
N LEU C 265 -18.62 -37.32 -35.53
CA LEU C 265 -17.44 -38.16 -35.66
C LEU C 265 -17.25 -38.60 -37.11
N PRO C 266 -16.08 -38.38 -37.70
CA PRO C 266 -15.89 -38.74 -39.12
C PRO C 266 -15.85 -40.24 -39.32
N THR C 267 -16.46 -40.69 -40.43
CA THR C 267 -16.40 -42.10 -40.78
C THR C 267 -15.12 -42.46 -41.53
N GLU C 268 -14.51 -41.52 -42.25
CA GLU C 268 -13.28 -41.81 -43.00
C GLU C 268 -12.41 -40.57 -43.02
N HIS C 269 -11.11 -40.71 -43.27
CA HIS C 269 -10.38 -39.47 -43.47
C HIS C 269 -9.47 -39.52 -44.69
N THR C 270 -9.23 -38.33 -45.24
CA THR C 270 -8.35 -38.08 -46.37
C THR C 270 -6.87 -38.16 -46.01
N ALA C 271 -6.49 -37.90 -44.76
CA ALA C 271 -5.09 -37.99 -44.35
C ALA C 271 -5.02 -38.41 -42.90
N VAL C 272 -3.95 -39.14 -42.54
CA VAL C 272 -3.73 -39.59 -41.17
C VAL C 272 -2.28 -39.31 -40.79
N ALA C 273 -2.06 -39.06 -39.50
CA ALA C 273 -0.75 -38.70 -38.98
C ALA C 273 -0.54 -39.37 -37.63
N THR C 274 0.65 -39.93 -37.43
CA THR C 274 1.03 -40.57 -36.18
C THR C 274 2.30 -39.94 -35.63
N MET C 275 2.26 -39.54 -34.36
CA MET C 275 3.34 -38.81 -33.71
C MET C 275 3.53 -39.32 -32.29
N ASP C 276 4.65 -38.92 -31.68
CA ASP C 276 4.88 -39.16 -30.26
C ASP C 276 4.23 -38.03 -29.46
N VAL C 277 3.47 -38.42 -28.42
CA VAL C 277 2.65 -37.44 -27.71
C VAL C 277 3.52 -36.52 -26.86
N ALA C 278 4.50 -37.09 -26.15
CA ALA C 278 5.36 -36.28 -25.29
C ALA C 278 6.13 -35.23 -26.08
N GLU C 279 6.63 -35.60 -27.27
CA GLU C 279 7.41 -34.66 -28.06
C GLU C 279 6.54 -33.55 -28.64
N LEU C 280 5.32 -33.87 -29.03
CA LEU C 280 4.46 -32.85 -29.64
C LEU C 280 3.95 -31.87 -28.60
N ILE C 281 3.55 -32.35 -27.43
CA ILE C 281 3.14 -31.46 -26.34
C ILE C 281 4.27 -30.52 -25.98
N GLU C 282 5.50 -31.04 -25.92
CA GLU C 282 6.65 -30.21 -25.59
C GLU C 282 6.88 -29.16 -26.65
N ALA C 283 6.66 -29.53 -27.91
CA ALA C 283 6.84 -28.58 -29.02
C ALA C 283 5.78 -27.49 -28.99
N ILE C 284 4.51 -27.86 -28.77
CA ILE C 284 3.43 -26.89 -28.76
C ILE C 284 3.66 -25.84 -27.67
N LYS C 285 3.94 -26.30 -26.45
CA LYS C 285 4.17 -25.39 -25.34
C LYS C 285 5.33 -24.44 -25.63
N LEU C 286 6.33 -24.90 -26.39
CA LEU C 286 7.45 -24.04 -26.75
C LEU C 286 7.11 -23.11 -27.92
N VAL C 287 6.52 -23.65 -28.98
CA VAL C 287 6.20 -22.83 -30.16
C VAL C 287 5.16 -21.76 -29.82
N ALA C 288 4.19 -22.11 -28.97
CA ALA C 288 3.10 -21.19 -28.65
C ALA C 288 3.50 -20.03 -27.75
N LEU C 289 4.74 -20.01 -27.24
CA LEU C 289 5.15 -18.92 -26.37
C LEU C 289 5.04 -17.57 -27.07
N VAL C 290 5.29 -17.52 -28.38
CA VAL C 290 5.14 -16.29 -29.15
C VAL C 290 3.80 -16.21 -29.86
N ALA C 291 2.95 -17.23 -29.71
CA ALA C 291 1.65 -17.25 -30.37
C ALA C 291 0.79 -16.09 -29.88
N ASP C 292 0.23 -15.35 -30.82
CA ASP C 292 -0.55 -14.17 -30.51
C ASP C 292 -1.77 -14.55 -29.67
N ARG C 293 -1.87 -13.98 -28.48
CA ARG C 293 -3.00 -14.18 -27.55
C ARG C 293 -3.19 -15.66 -27.20
N GLY C 294 -2.16 -16.48 -27.40
CA GLY C 294 -2.35 -17.92 -27.36
C GLY C 294 -3.37 -18.42 -28.36
N ALA C 295 -3.61 -17.67 -29.43
CA ALA C 295 -4.71 -17.98 -30.35
C ALA C 295 -4.51 -19.32 -31.05
N GLN C 296 -3.43 -19.46 -31.83
CA GLN C 296 -3.33 -20.62 -32.69
C GLN C 296 -1.88 -21.04 -32.91
N VAL C 297 -1.70 -22.34 -33.10
CA VAL C 297 -0.45 -22.94 -33.55
C VAL C 297 -0.75 -23.70 -34.83
N ARG C 298 0.08 -23.49 -35.86
CA ARG C 298 -0.16 -24.06 -37.18
C ARG C 298 0.72 -25.27 -37.41
N MET C 299 0.16 -26.27 -38.09
CA MET C 299 0.87 -27.51 -38.39
C MET C 299 0.82 -27.72 -39.90
N GLU C 300 2.00 -27.72 -40.52
CA GLU C 300 2.13 -27.97 -41.95
C GLU C 300 2.54 -29.43 -42.08
N PHE C 301 1.57 -30.28 -42.47
CA PHE C 301 1.83 -31.71 -42.61
C PHE C 301 2.31 -32.02 -44.02
N ALA C 302 3.50 -32.60 -44.11
CA ALA C 302 3.99 -33.24 -45.32
C ALA C 302 4.41 -34.64 -44.92
N ASP C 303 5.04 -35.39 -45.82
CA ASP C 303 5.36 -36.77 -45.52
C ASP C 303 6.67 -36.84 -44.75
N GLY C 304 6.69 -37.67 -43.71
CA GLY C 304 7.79 -37.78 -42.78
C GLY C 304 8.14 -36.56 -41.95
N SER C 305 7.36 -35.48 -42.04
CA SER C 305 7.65 -34.29 -41.24
C SER C 305 6.39 -33.47 -41.06
N VAL C 306 6.29 -32.81 -39.90
CA VAL C 306 5.31 -31.77 -39.64
C VAL C 306 6.05 -30.55 -39.10
N ARG C 307 5.66 -29.37 -39.57
CA ARG C 307 6.26 -28.12 -39.14
C ARG C 307 5.23 -27.34 -38.33
N LEU C 308 5.47 -27.23 -37.02
CA LEU C 308 4.64 -26.38 -36.17
C LEU C 308 5.19 -24.96 -36.17
N SER C 309 4.28 -23.99 -36.22
CA SER C 309 4.64 -22.59 -36.29
C SER C 309 3.55 -21.78 -35.61
N ALA C 310 3.95 -20.66 -35.03
CA ALA C 310 3.02 -19.75 -34.37
C ALA C 310 3.69 -18.39 -34.26
N GLY C 311 2.96 -17.43 -33.71
CA GLY C 311 3.49 -16.11 -33.44
C GLY C 311 3.16 -15.12 -34.52
N ALA C 312 3.39 -13.85 -34.20
CA ALA C 312 3.19 -12.77 -35.15
C ALA C 312 4.44 -11.89 -35.21
N ASP C 313 4.53 -11.11 -36.29
CA ASP C 313 5.68 -10.22 -36.48
C ASP C 313 5.83 -9.23 -35.34
N ASP C 314 4.72 -8.89 -34.67
CA ASP C 314 4.76 -7.92 -33.58
C ASP C 314 5.62 -8.42 -32.42
N VAL C 315 5.46 -9.68 -32.08
CA VAL C 315 6.01 -10.25 -30.85
C VAL C 315 7.18 -11.18 -31.16
N GLY C 316 6.95 -12.13 -32.07
CA GLY C 316 7.98 -13.07 -32.46
C GLY C 316 7.40 -14.22 -33.26
N ARG C 317 8.30 -15.02 -33.86
CA ARG C 317 8.01 -16.26 -34.57
C ARG C 317 8.79 -17.40 -33.96
N ALA C 318 8.15 -18.56 -34.01
CA ALA C 318 8.71 -19.81 -33.55
C ALA C 318 8.40 -20.86 -34.61
N GLU C 319 9.30 -21.82 -34.76
CA GLU C 319 9.15 -22.89 -35.72
C GLU C 319 9.84 -24.13 -35.19
N GLU C 320 9.21 -25.29 -35.37
CA GLU C 320 9.85 -26.55 -35.03
C GLU C 320 9.32 -27.65 -35.94
N ASP C 321 10.22 -28.52 -36.39
CA ASP C 321 9.87 -29.67 -37.20
C ASP C 321 9.97 -30.93 -36.34
N LEU C 322 8.96 -31.78 -36.43
CA LEU C 322 8.95 -33.05 -35.72
C LEU C 322 8.73 -34.17 -36.72
N VAL C 323 9.11 -35.38 -36.30
CA VAL C 323 8.95 -36.55 -37.15
C VAL C 323 7.52 -37.06 -36.99
N VAL C 324 6.88 -37.36 -38.11
CA VAL C 324 5.51 -37.85 -38.12
C VAL C 324 5.46 -38.99 -39.15
N ASP C 325 4.60 -39.96 -38.89
CA ASP C 325 4.33 -41.00 -39.87
C ASP C 325 3.03 -40.59 -40.54
N TYR C 326 3.13 -40.07 -41.76
CA TYR C 326 2.04 -39.40 -42.45
C TYR C 326 1.65 -40.18 -43.69
N ALA C 327 0.34 -40.20 -43.97
CA ALA C 327 -0.23 -40.83 -45.15
C ALA C 327 -1.31 -39.93 -45.71
N GLY C 328 -1.32 -39.76 -47.03
CA GLY C 328 -2.23 -38.83 -47.67
C GLY C 328 -1.53 -37.62 -48.22
N GLU C 329 -2.34 -36.67 -48.71
CA GLU C 329 -1.85 -35.47 -49.37
C GLU C 329 -1.47 -34.42 -48.33
N PRO C 330 -0.49 -33.57 -48.65
CA PRO C 330 -0.02 -32.60 -47.66
C PRO C 330 -1.15 -31.67 -47.22
N LEU C 331 -1.18 -31.37 -45.93
CA LEU C 331 -2.24 -30.57 -45.35
C LEU C 331 -1.67 -29.59 -44.35
N THR C 332 -2.13 -28.35 -44.41
CA THR C 332 -1.76 -27.32 -43.45
C THR C 332 -3.00 -26.96 -42.64
N ILE C 333 -2.95 -27.21 -41.34
CA ILE C 333 -4.09 -27.01 -40.45
C ILE C 333 -3.59 -26.36 -39.17
N ALA C 334 -4.41 -25.49 -38.60
CA ALA C 334 -4.05 -24.73 -37.40
C ALA C 334 -5.10 -24.96 -36.32
N PHE C 335 -4.62 -25.15 -35.09
CA PHE C 335 -5.46 -25.41 -33.93
C PHE C 335 -5.17 -24.41 -32.83
N ASN C 336 -6.08 -24.36 -31.87
CA ASN C 336 -5.83 -23.67 -30.61
C ASN C 336 -4.80 -24.48 -29.82
N PRO C 337 -3.67 -23.90 -29.44
CA PRO C 337 -2.65 -24.69 -28.71
C PRO C 337 -3.17 -25.27 -27.40
N THR C 338 -4.00 -24.52 -26.67
CA THR C 338 -4.55 -25.03 -25.43
C THR C 338 -5.49 -26.20 -25.68
N TYR C 339 -6.41 -26.07 -26.64
CA TYR C 339 -7.29 -27.18 -26.98
C TYR C 339 -6.50 -28.38 -27.49
N LEU C 340 -5.42 -28.13 -28.23
CA LEU C 340 -4.65 -29.23 -28.79
C LEU C 340 -3.89 -29.99 -27.72
N THR C 341 -3.27 -29.26 -26.78
CA THR C 341 -2.58 -29.91 -25.67
C THR C 341 -3.56 -30.59 -24.72
N ASP C 342 -4.76 -29.99 -24.56
CA ASP C 342 -5.81 -30.62 -23.77
C ASP C 342 -6.13 -32.02 -24.28
N GLY C 343 -6.26 -32.17 -25.61
CA GLY C 343 -6.55 -33.47 -26.17
C GLY C 343 -5.41 -34.46 -26.03
N LEU C 344 -4.19 -34.02 -26.38
CA LEU C 344 -3.05 -34.92 -26.36
C LEU C 344 -2.75 -35.44 -24.95
N SER C 345 -2.86 -34.59 -23.94
CA SER C 345 -2.64 -35.02 -22.58
C SER C 345 -3.71 -35.98 -22.09
N SER C 346 -4.90 -35.94 -22.70
CA SER C 346 -6.00 -36.81 -22.28
C SER C 346 -5.93 -38.20 -22.88
N LEU C 347 -5.15 -38.42 -23.93
CA LEU C 347 -5.15 -39.71 -24.61
C LEU C 347 -4.52 -40.79 -23.74
N ARG C 348 -3.56 -40.42 -22.89
CA ARG C 348 -2.86 -41.35 -22.01
C ARG C 348 -2.21 -42.47 -22.80
N SER C 349 -1.52 -42.11 -23.89
CA SER C 349 -0.80 -43.06 -24.72
C SER C 349 0.52 -42.46 -25.15
N GLU C 350 1.42 -43.34 -25.62
CA GLU C 350 2.73 -42.89 -26.05
C GLU C 350 2.66 -42.15 -27.39
N ARG C 351 1.65 -42.45 -28.21
CA ARG C 351 1.54 -41.88 -29.53
C ARG C 351 0.10 -41.41 -29.79
N VAL C 352 -0.05 -40.60 -30.83
CA VAL C 352 -1.32 -39.99 -31.20
C VAL C 352 -1.58 -40.26 -32.67
N SER C 353 -2.86 -40.40 -33.04
CA SER C 353 -3.27 -40.56 -34.43
C SER C 353 -4.21 -39.43 -34.79
N PHE C 354 -3.85 -38.67 -35.82
CA PHE C 354 -4.64 -37.53 -36.29
C PHE C 354 -5.45 -37.95 -37.50
N GLY C 355 -6.75 -38.04 -37.34
CA GLY C 355 -7.60 -38.09 -38.51
C GLY C 355 -7.88 -36.71 -39.10
N PHE C 356 -7.56 -36.49 -40.36
CA PHE C 356 -7.79 -35.18 -40.93
C PHE C 356 -8.68 -35.20 -42.11
N THR C 357 -9.24 -34.06 -42.45
CA THR C 357 -10.05 -33.95 -43.64
C THR C 357 -9.64 -32.66 -44.35
N THR C 358 -10.04 -31.51 -43.86
CA THR C 358 -9.70 -30.26 -44.48
C THR C 358 -9.20 -29.30 -43.42
N ALA C 359 -8.49 -28.27 -43.82
CA ALA C 359 -8.12 -27.27 -42.81
C ALA C 359 -9.34 -26.58 -42.21
N GLY C 360 -10.54 -26.81 -42.74
CA GLY C 360 -11.74 -26.23 -42.20
C GLY C 360 -12.65 -27.21 -41.49
N LYS C 361 -12.24 -28.48 -41.43
CA LYS C 361 -13.05 -29.55 -40.87
C LYS C 361 -12.33 -30.21 -39.71
N SER C 362 -13.10 -30.94 -38.91
CA SER C 362 -12.61 -31.45 -37.63
C SER C 362 -11.46 -32.44 -37.83
N ALA C 363 -10.52 -32.40 -36.88
CA ALA C 363 -9.45 -33.38 -36.77
C ALA C 363 -9.74 -34.29 -35.59
N LEU C 364 -9.59 -35.60 -35.79
CA LEU C 364 -9.96 -36.61 -34.82
C LEU C 364 -8.70 -37.26 -34.22
N LEU C 365 -8.47 -37.01 -32.93
CA LEU C 365 -7.29 -37.49 -32.20
C LEU C 365 -7.61 -38.78 -31.48
N ARG C 366 -6.95 -39.87 -31.84
CA ARG C 366 -7.15 -41.14 -31.15
C ARG C 366 -5.86 -41.63 -30.51
N PRO C 367 -5.95 -42.37 -29.39
CA PRO C 367 -4.75 -42.93 -28.77
C PRO C 367 -4.25 -44.17 -29.51
N VAL C 368 -2.92 -44.30 -29.65
CA VAL C 368 -2.28 -45.51 -30.18
C VAL C 368 -1.04 -45.81 -29.33
N SER C 369 -0.78 -47.10 -29.08
CA SER C 369 0.39 -47.49 -28.28
C SER C 369 1.66 -47.31 -29.12
N GLY C 370 2.79 -47.74 -28.56
CA GLY C 370 4.02 -47.73 -29.32
C GLY C 370 4.00 -48.80 -30.41
N ASP C 371 4.21 -48.39 -31.66
CA ASP C 371 4.58 -49.27 -32.77
C ASP C 371 3.90 -50.67 -32.76
N ASP C 372 2.58 -50.82 -32.95
CA ASP C 372 1.58 -49.84 -33.44
C ASP C 372 1.89 -49.31 -34.84
N ARG C 373 1.54 -50.11 -35.84
CA ARG C 373 1.82 -49.91 -37.25
C ARG C 373 1.21 -48.59 -37.76
N PRO C 374 1.43 -48.20 -39.03
CA PRO C 374 0.96 -46.87 -39.43
C PRO C 374 -0.54 -46.77 -39.68
N ASN C 379 -3.71 -48.18 -46.41
CA ASN C 379 -2.26 -48.25 -46.48
C ASN C 379 -1.67 -46.96 -47.04
N GLY C 380 -2.19 -46.50 -48.17
CA GLY C 380 -1.76 -45.21 -48.70
C GLY C 380 -2.49 -44.68 -49.91
N ASN C 381 -2.46 -43.35 -50.04
CA ASN C 381 -3.02 -42.56 -51.13
C ASN C 381 -4.54 -42.54 -51.23
N GLY C 382 -5.24 -43.47 -50.59
CA GLY C 382 -6.68 -43.47 -50.65
C GLY C 382 -7.32 -43.05 -49.35
N PRO C 383 -8.65 -42.98 -49.32
CA PRO C 383 -9.34 -42.62 -48.07
C PRO C 383 -9.08 -43.67 -47.00
N PHE C 384 -8.75 -43.20 -45.80
CA PHE C 384 -8.36 -44.01 -44.66
C PHE C 384 -9.51 -44.14 -43.68
N PRO C 385 -9.83 -45.35 -43.25
CA PRO C 385 -11.00 -45.56 -42.39
C PRO C 385 -10.80 -45.01 -40.99
N ALA C 386 -11.92 -44.70 -40.33
CA ALA C 386 -11.87 -44.34 -38.92
C ALA C 386 -11.78 -45.65 -38.15
N VAL C 387 -10.67 -45.87 -37.48
CA VAL C 387 -10.41 -47.08 -36.73
C VAL C 387 -11.01 -47.00 -35.34
N SER C 388 -11.43 -48.14 -34.82
CA SER C 388 -12.09 -48.20 -33.52
C SER C 388 -11.13 -47.91 -32.37
N THR C 389 -11.58 -47.10 -31.42
CA THR C 389 -10.91 -46.90 -30.14
C THR C 389 -11.97 -46.70 -29.07
N ASP C 390 -11.56 -46.89 -27.81
CA ASP C 390 -12.48 -46.62 -26.72
C ASP C 390 -12.55 -45.13 -26.39
N TYR C 391 -11.46 -44.39 -26.62
CA TYR C 391 -11.43 -42.96 -26.42
C TYR C 391 -11.03 -42.26 -27.72
N VAL C 392 -11.65 -41.12 -27.99
CA VAL C 392 -11.24 -40.27 -29.10
C VAL C 392 -11.61 -38.84 -28.78
N TYR C 393 -10.75 -37.90 -29.16
CA TYR C 393 -10.90 -36.47 -28.91
C TYR C 393 -11.00 -35.74 -30.24
N LEU C 394 -12.19 -35.23 -30.55
CA LEU C 394 -12.47 -34.61 -31.84
C LEU C 394 -12.40 -33.09 -31.70
N LEU C 395 -11.52 -32.47 -32.49
CA LEU C 395 -11.17 -31.07 -32.33
C LEU C 395 -11.38 -30.32 -33.64
N MET C 396 -11.95 -29.06 -33.54
CA MET C 396 -12.16 -28.22 -34.72
C MET C 396 -10.98 -27.26 -34.89
N PRO C 397 -10.54 -27.01 -36.11
CA PRO C 397 -9.34 -26.21 -36.32
C PRO C 397 -9.65 -24.72 -36.29
N VAL C 398 -8.61 -23.91 -36.53
CA VAL C 398 -8.62 -22.45 -36.60
C VAL C 398 -8.36 -22.14 -38.08
N ARG C 399 -8.58 -20.91 -38.55
CA ARG C 399 -8.43 -20.62 -39.99
C ARG C 399 -7.11 -20.04 -40.54
N LEU C 400 -6.82 -18.75 -40.30
CA LEU C 400 -5.62 -18.07 -40.82
C LEU C 400 -5.82 -17.43 -42.19
N PRO C 401 -4.87 -16.56 -42.59
CA PRO C 401 -4.97 -15.81 -43.83
C PRO C 401 -4.04 -16.24 -44.91
N VAL D 8 30.53 -3.27 -33.43
CA VAL D 8 30.34 -2.70 -34.76
C VAL D 8 31.03 -3.53 -35.84
N GLY D 9 30.24 -3.96 -36.82
CA GLY D 9 30.77 -4.58 -38.02
C GLY D 9 29.63 -5.17 -38.81
N LEU D 10 29.97 -5.86 -39.89
CA LEU D 10 28.92 -6.35 -40.79
C LEU D 10 28.10 -7.44 -40.10
N THR D 11 28.75 -8.47 -39.60
CA THR D 11 28.09 -9.50 -38.81
C THR D 11 27.88 -9.00 -37.39
N ASP D 12 26.63 -8.88 -36.96
CA ASP D 12 26.30 -8.44 -35.61
C ASP D 12 26.59 -9.56 -34.62
N LEU D 13 26.13 -9.38 -33.37
CA LEU D 13 26.43 -10.33 -32.32
C LEU D 13 25.88 -11.72 -32.66
N THR D 14 26.77 -12.71 -32.65
CA THR D 14 26.38 -14.09 -32.89
C THR D 14 27.22 -14.95 -31.97
N PHE D 15 26.58 -15.86 -31.24
CA PHE D 15 27.29 -16.68 -30.28
C PHE D 15 26.62 -18.04 -30.20
N ARG D 16 27.26 -18.94 -29.46
CA ARG D 16 26.72 -20.26 -29.25
C ARG D 16 27.06 -20.71 -27.83
N LEU D 17 26.07 -21.25 -27.13
CA LEU D 17 26.32 -21.77 -25.80
C LEU D 17 25.23 -22.78 -25.47
N LEU D 18 25.49 -23.56 -24.42
CA LEU D 18 24.57 -24.61 -24.03
C LEU D 18 23.37 -24.01 -23.29
N ARG D 19 22.24 -24.72 -23.35
CA ARG D 19 20.97 -24.11 -22.99
C ARG D 19 20.87 -23.82 -21.49
N GLU D 20 21.23 -24.81 -20.66
CA GLU D 20 21.10 -24.64 -19.22
C GLU D 20 21.92 -23.46 -18.71
N SER D 21 23.15 -23.31 -19.23
CA SER D 21 23.95 -22.14 -18.86
C SER D 21 23.31 -20.86 -19.34
N PHE D 22 22.81 -20.85 -20.57
CA PHE D 22 22.11 -19.66 -21.09
C PHE D 22 20.87 -19.36 -20.26
N ALA D 23 20.07 -20.39 -19.98
CA ALA D 23 18.78 -20.18 -19.30
C ALA D 23 18.98 -19.66 -17.89
N ASP D 24 19.91 -20.25 -17.12
CA ASP D 24 20.12 -19.85 -15.74
C ASP D 24 20.51 -18.37 -15.64
N ALA D 25 21.30 -17.88 -16.60
CA ALA D 25 21.67 -16.48 -16.58
C ALA D 25 20.51 -15.60 -17.01
N VAL D 26 19.74 -16.02 -18.01
CA VAL D 26 18.60 -15.22 -18.45
C VAL D 26 17.49 -15.26 -17.40
N SER D 27 17.22 -16.43 -16.84
CA SER D 27 16.19 -16.55 -15.80
C SER D 27 16.49 -15.67 -14.59
N TRP D 28 17.76 -15.63 -14.18
CA TRP D 28 18.14 -14.86 -12.99
C TRP D 28 17.94 -13.37 -13.23
N VAL D 29 18.39 -12.88 -14.38
CA VAL D 29 18.26 -11.47 -14.72
C VAL D 29 16.78 -11.14 -14.90
N ALA D 30 16.00 -12.07 -15.42
CA ALA D 30 14.62 -11.80 -15.79
C ALA D 30 13.68 -11.70 -14.59
N LYS D 31 14.06 -12.25 -13.43
CA LYS D 31 13.16 -12.20 -12.29
C LYS D 31 13.05 -10.80 -11.70
N ASN D 32 13.94 -9.90 -12.10
CA ASN D 32 14.05 -8.56 -11.53
C ASN D 32 13.20 -7.52 -12.28
N LEU D 33 12.30 -7.95 -13.20
CA LEU D 33 11.62 -7.00 -14.07
C LEU D 33 10.14 -6.84 -13.69
N PRO D 34 9.57 -5.66 -13.99
CA PRO D 34 8.21 -5.32 -13.55
C PRO D 34 7.09 -6.16 -14.17
N ALA D 35 5.86 -5.70 -14.00
CA ALA D 35 4.74 -6.24 -14.75
C ALA D 35 4.79 -5.74 -16.20
N PRO D 37 6.10 -2.14 -16.46
CA PRO D 37 7.29 -1.29 -16.36
C PRO D 37 6.99 0.19 -16.58
N ALA D 38 7.88 1.05 -16.08
CA ALA D 38 7.69 2.48 -16.24
C ALA D 38 7.81 2.90 -17.70
N VAL D 39 8.77 2.35 -18.42
CA VAL D 39 8.94 2.66 -19.84
C VAL D 39 9.07 1.34 -20.60
N PRO D 40 8.49 1.23 -21.79
CA PRO D 40 8.50 -0.06 -22.50
C PRO D 40 9.89 -0.54 -22.89
N VAL D 41 10.88 0.36 -22.97
CA VAL D 41 12.24 -0.08 -23.29
C VAL D 41 12.81 -0.91 -22.15
N LEU D 42 12.25 -0.79 -20.94
CA LEU D 42 12.69 -1.55 -19.78
C LEU D 42 12.03 -2.93 -19.71
N SER D 43 11.15 -3.26 -20.66
CA SER D 43 10.68 -4.63 -20.79
C SER D 43 11.81 -5.58 -21.17
N GLY D 44 12.88 -5.05 -21.78
CA GLY D 44 13.86 -5.88 -22.43
C GLY D 44 15.06 -6.22 -21.57
N VAL D 45 15.86 -7.16 -22.11
CA VAL D 45 17.08 -7.62 -21.49
C VAL D 45 18.16 -7.55 -22.56
N LEU D 46 19.36 -7.16 -22.16
CA LEU D 46 20.40 -6.84 -23.14
C LEU D 46 21.52 -7.87 -23.05
N LEU D 47 21.83 -8.49 -24.18
CA LEU D 47 22.88 -9.51 -24.31
C LEU D 47 24.07 -8.90 -25.03
N THR D 48 25.26 -9.10 -24.47
CA THR D 48 26.50 -8.58 -25.04
C THR D 48 27.55 -9.67 -25.07
N GLY D 49 28.09 -9.94 -26.27
CA GLY D 49 29.22 -10.84 -26.41
C GLY D 49 30.53 -10.08 -26.48
N SER D 50 31.58 -10.70 -25.94
CA SER D 50 32.93 -10.17 -25.98
C SER D 50 33.89 -11.36 -25.95
N ASP D 51 35.18 -11.07 -25.78
CA ASP D 51 36.15 -12.15 -25.59
C ASP D 51 35.80 -13.01 -24.38
N ASN D 52 35.20 -12.42 -23.36
CA ASN D 52 35.01 -13.05 -22.06
C ASN D 52 33.73 -13.87 -21.98
N GLY D 53 33.00 -14.00 -23.08
CA GLY D 53 31.76 -14.75 -23.10
C GLY D 53 30.53 -13.86 -23.32
N LEU D 54 29.36 -14.36 -22.92
CA LEU D 54 28.11 -13.63 -23.06
C LEU D 54 27.67 -13.06 -21.72
N THR D 55 27.11 -11.86 -21.77
CA THR D 55 26.63 -11.17 -20.56
C THR D 55 25.20 -10.69 -20.75
N ILE D 56 24.34 -10.94 -19.76
CA ILE D 56 22.92 -10.58 -19.78
C ILE D 56 22.68 -9.48 -18.75
N SER D 57 22.04 -8.38 -19.19
CA SER D 57 21.92 -7.18 -18.35
C SER D 57 20.49 -6.65 -18.27
N GLY D 58 20.14 -6.17 -17.10
CA GLY D 58 18.83 -5.67 -16.90
C GLY D 58 18.93 -4.48 -16.02
N PHE D 59 18.08 -3.50 -16.25
CA PHE D 59 18.08 -2.36 -15.43
C PHE D 59 16.68 -1.94 -15.19
N ASP D 60 16.49 -1.34 -14.05
CA ASP D 60 15.19 -0.92 -13.63
C ASP D 60 15.16 0.52 -13.15
N TYR D 61 16.21 1.28 -13.36
CA TYR D 61 16.29 2.62 -12.82
C TYR D 61 16.69 2.34 -11.41
N GLU D 62 16.00 1.45 -10.73
CA GLU D 62 16.38 0.99 -9.41
C GLU D 62 16.62 -0.51 -9.52
N VAL D 63 17.76 -0.98 -9.08
CA VAL D 63 18.03 -2.43 -9.12
C VAL D 63 18.43 -3.01 -10.47
N SER D 64 19.69 -3.34 -10.65
CA SER D 64 20.20 -3.89 -11.90
C SER D 64 20.78 -5.24 -11.68
N ALA D 65 20.60 -6.16 -12.64
CA ALA D 65 21.14 -7.49 -12.50
C ALA D 65 21.92 -7.90 -13.71
N GLU D 66 23.10 -8.43 -13.52
CA GLU D 66 23.92 -8.89 -14.62
C GLU D 66 24.54 -10.23 -14.42
N ALA D 67 24.48 -11.07 -15.42
CA ALA D 67 25.10 -12.39 -15.34
C ALA D 67 26.04 -12.61 -16.51
N GLN D 68 27.25 -13.08 -16.20
CA GLN D 68 28.25 -13.40 -17.21
C GLN D 68 28.36 -14.92 -17.33
N VAL D 69 28.29 -15.42 -18.56
CA VAL D 69 28.43 -16.84 -18.84
C VAL D 69 29.49 -17.04 -19.91
N GLY D 70 30.14 -18.20 -19.84
CA GLY D 70 31.04 -18.57 -20.91
C GLY D 70 30.27 -18.92 -22.17
N ALA D 71 30.74 -18.39 -23.29
CA ALA D 71 30.14 -18.68 -24.58
C ALA D 71 31.19 -18.53 -25.67
N GLU D 72 30.94 -19.14 -26.81
CA GLU D 72 31.81 -18.99 -27.96
C GLU D 72 31.27 -17.84 -28.80
N ILE D 73 32.02 -16.75 -28.85
CA ILE D 73 31.60 -15.55 -29.55
C ILE D 73 32.29 -15.57 -30.90
N VAL D 74 31.55 -15.88 -31.97
CA VAL D 74 32.21 -15.81 -33.27
C VAL D 74 32.25 -14.36 -33.77
N SER D 75 31.29 -13.51 -33.37
CA SER D 75 31.46 -12.07 -33.59
C SER D 75 30.87 -11.26 -32.44
N PRO D 76 31.58 -10.21 -32.01
CA PRO D 76 31.07 -9.34 -30.94
C PRO D 76 29.82 -8.59 -31.32
N GLY D 77 29.15 -8.07 -30.29
CA GLY D 77 28.04 -7.15 -30.48
C GLY D 77 27.12 -7.17 -29.29
N SER D 78 26.09 -6.33 -29.38
CA SER D 78 25.03 -6.27 -28.37
C SER D 78 23.67 -6.25 -29.05
N VAL D 79 22.66 -6.73 -28.32
CA VAL D 79 21.29 -6.74 -28.81
C VAL D 79 20.36 -6.67 -27.61
N LEU D 80 19.22 -6.02 -27.80
CA LEU D 80 18.23 -5.85 -26.74
C LEU D 80 16.94 -6.54 -27.17
N VAL D 81 16.56 -7.60 -26.45
CA VAL D 81 15.39 -8.38 -26.80
C VAL D 81 14.43 -8.40 -25.60
N SER D 82 13.19 -8.79 -25.88
CA SER D 82 12.16 -8.81 -24.85
C SER D 82 12.58 -9.73 -23.71
N GLY D 83 12.45 -9.25 -22.47
CA GLY D 83 13.03 -9.93 -21.33
C GLY D 83 12.48 -11.30 -20.96
N ARG D 84 11.18 -11.38 -20.64
CA ARG D 84 10.60 -12.65 -20.18
C ARG D 84 10.48 -13.65 -21.31
N LEU D 85 10.15 -13.16 -22.50
CA LEU D 85 10.00 -14.05 -23.63
C LEU D 85 11.25 -14.89 -23.81
N LEU D 86 12.43 -14.27 -23.67
CA LEU D 86 13.66 -15.02 -23.91
C LEU D 86 13.98 -15.97 -22.76
N SER D 87 13.58 -15.63 -21.53
CA SER D 87 13.72 -16.60 -20.45
C SER D 87 12.70 -17.72 -20.56
N ASP D 88 11.51 -17.41 -21.06
CA ASP D 88 10.51 -18.45 -21.28
C ASP D 88 10.94 -19.37 -22.42
N ILE D 89 11.56 -18.81 -23.46
CA ILE D 89 12.08 -19.62 -24.55
C ILE D 89 13.21 -20.51 -24.07
N THR D 90 14.22 -19.92 -23.41
CA THR D 90 15.42 -20.66 -23.05
C THR D 90 15.16 -21.82 -22.10
N ARG D 91 14.04 -21.80 -21.37
CA ARG D 91 13.71 -22.95 -20.54
C ARG D 91 13.00 -24.05 -21.32
N ALA D 92 12.19 -23.70 -22.32
CA ALA D 92 11.38 -24.69 -23.02
C ALA D 92 12.07 -25.28 -24.24
N LEU D 93 13.25 -24.80 -24.62
CA LEU D 93 13.97 -25.35 -25.76
C LEU D 93 14.54 -26.71 -25.39
N PRO D 94 14.84 -27.55 -26.38
CA PRO D 94 15.48 -28.83 -26.09
C PRO D 94 16.87 -28.62 -25.50
N ASN D 95 17.39 -29.65 -24.84
CA ASN D 95 18.69 -29.52 -24.20
C ASN D 95 19.70 -29.88 -25.27
N LYS D 96 20.22 -28.84 -25.92
CA LYS D 96 21.19 -28.87 -26.99
C LYS D 96 21.85 -27.50 -27.02
N PRO D 97 22.86 -27.28 -27.86
CA PRO D 97 23.43 -25.93 -27.97
C PRO D 97 22.43 -24.94 -28.55
N VAL D 98 22.59 -23.68 -28.15
CA VAL D 98 21.73 -22.59 -28.59
C VAL D 98 22.53 -21.67 -29.50
N ASP D 99 22.02 -21.43 -30.71
CA ASP D 99 22.62 -20.52 -31.66
C ASP D 99 21.82 -19.22 -31.72
N VAL D 100 22.51 -18.10 -31.53
CA VAL D 100 21.89 -16.79 -31.57
C VAL D 100 22.65 -15.93 -32.58
N HIS D 101 21.93 -15.38 -33.55
CA HIS D 101 22.51 -14.56 -34.60
C HIS D 101 21.63 -13.33 -34.81
N VAL D 102 22.18 -12.15 -34.57
CA VAL D 102 21.41 -10.91 -34.76
C VAL D 102 21.38 -10.58 -36.25
N GLU D 103 20.18 -10.53 -36.81
CA GLU D 103 19.98 -10.18 -38.22
C GLU D 103 19.16 -8.90 -38.27
N GLY D 104 19.82 -7.77 -38.55
CA GLY D 104 19.10 -6.51 -38.64
C GLY D 104 18.40 -6.18 -37.34
N ASN D 105 17.11 -5.87 -37.45
CA ASN D 105 16.27 -5.57 -36.29
C ASN D 105 15.70 -6.81 -35.63
N ARG D 106 16.08 -8.00 -36.08
CA ARG D 106 15.62 -9.26 -35.51
C ARG D 106 16.80 -10.13 -35.09
N VAL D 107 16.50 -11.10 -34.25
CA VAL D 107 17.49 -12.03 -33.73
C VAL D 107 16.99 -13.44 -34.00
N ALA D 108 17.81 -14.24 -34.68
CA ALA D 108 17.46 -15.62 -35.01
C ALA D 108 18.03 -16.53 -33.94
N LEU D 109 17.18 -17.34 -33.31
CA LEU D 109 17.58 -18.27 -32.27
C LEU D 109 17.29 -19.68 -32.75
N THR D 110 18.31 -20.53 -32.74
CA THR D 110 18.21 -21.90 -33.25
C THR D 110 18.76 -22.86 -32.21
N CYS D 111 17.92 -23.82 -31.80
CA CYS D 111 18.33 -24.87 -30.88
C CYS D 111 17.73 -26.18 -31.37
N GLY D 112 18.58 -27.12 -31.78
CA GLY D 112 18.09 -28.38 -32.30
C GLY D 112 17.27 -28.14 -33.56
N ASN D 113 16.03 -28.63 -33.53
CA ASN D 113 15.08 -28.43 -34.62
C ASN D 113 14.13 -27.26 -34.36
N ALA D 114 14.27 -26.56 -33.24
CA ALA D 114 13.45 -25.40 -32.94
C ALA D 114 14.15 -24.13 -33.42
N ARG D 115 13.38 -23.20 -33.98
CA ARG D 115 13.92 -21.96 -34.50
C ARG D 115 13.02 -20.79 -34.13
N PHE D 116 13.65 -19.67 -33.73
CA PHE D 116 12.96 -18.46 -33.33
C PHE D 116 13.51 -17.26 -34.09
N SER D 117 12.62 -16.35 -34.46
CA SER D 117 12.97 -15.02 -34.93
C SER D 117 12.27 -14.03 -34.00
N LEU D 118 13.05 -13.26 -33.24
CA LEU D 118 12.38 -12.38 -32.31
C LEU D 118 12.69 -10.92 -32.64
N PRO D 119 11.73 -10.02 -32.50
CA PRO D 119 12.01 -8.59 -32.73
C PRO D 119 12.83 -8.04 -31.59
N THR D 120 13.61 -7.03 -31.91
CA THR D 120 14.40 -6.36 -30.90
C THR D 120 14.00 -4.88 -30.85
N MET D 121 14.62 -4.18 -29.92
CA MET D 121 14.42 -2.75 -29.70
C MET D 121 15.80 -2.13 -29.76
N PRO D 122 15.91 -0.83 -30.03
CA PRO D 122 17.23 -0.22 -30.17
C PRO D 122 18.03 -0.38 -28.87
N VAL D 123 19.25 -0.90 -29.01
CA VAL D 123 20.17 -0.96 -27.88
C VAL D 123 20.50 0.44 -27.42
N GLU D 124 20.26 1.41 -28.29
CA GLU D 124 20.44 2.82 -28.00
C GLU D 124 19.71 3.21 -26.73
N ASP D 125 18.45 2.79 -26.62
CA ASP D 125 17.48 3.31 -25.67
C ASP D 125 17.61 2.71 -24.28
N TYR D 126 18.52 1.78 -24.07
CA TYR D 126 18.53 1.13 -22.77
C TYR D 126 19.39 1.92 -21.80
N PRO D 127 18.93 2.16 -20.57
CA PRO D 127 19.73 2.91 -19.61
C PRO D 127 21.07 2.22 -19.39
N THR D 128 22.09 3.04 -19.15
CA THR D 128 23.42 2.51 -18.83
C THR D 128 23.42 1.98 -17.39
N LEU D 129 23.99 0.79 -17.22
CA LEU D 129 23.94 0.11 -15.94
C LEU D 129 24.94 0.74 -14.96
N PRO D 130 24.58 0.87 -13.68
CA PRO D 130 25.53 1.39 -12.70
C PRO D 130 26.73 0.47 -12.55
N THR D 131 27.90 1.08 -12.36
CA THR D 131 29.07 0.30 -11.97
C THR D 131 29.00 -0.05 -10.49
N LEU D 132 29.50 -1.24 -10.15
CA LEU D 132 29.55 -1.67 -8.76
C LEU D 132 30.62 -0.87 -8.01
N PRO D 133 30.32 -0.35 -6.81
CA PRO D 133 31.40 0.26 -6.02
C PRO D 133 32.48 -0.76 -5.66
N GLU D 134 33.55 -0.30 -5.01
CA GLU D 134 34.64 -1.19 -4.61
C GLU D 134 34.19 -2.18 -3.55
N GLU D 135 34.76 -3.39 -3.63
CA GLU D 135 34.37 -4.47 -2.71
C GLU D 135 34.72 -4.11 -1.27
N THR D 136 33.73 -4.20 -0.40
CA THR D 136 33.95 -4.01 1.04
C THR D 136 34.20 -5.32 1.78
N GLY D 137 33.88 -6.47 1.17
CA GLY D 137 34.13 -7.74 1.82
C GLY D 137 33.18 -8.79 1.29
N LEU D 138 33.36 -10.01 1.83
CA LEU D 138 32.58 -11.15 1.36
C LEU D 138 32.32 -12.12 2.52
N LEU D 139 31.21 -12.85 2.41
CA LEU D 139 30.73 -13.76 3.44
C LEU D 139 30.09 -14.96 2.79
N PRO D 140 29.99 -16.10 3.46
CA PRO D 140 29.39 -17.28 2.83
C PRO D 140 27.98 -17.02 2.33
N ALA D 141 27.68 -17.59 1.16
CA ALA D 141 26.35 -17.41 0.58
C ALA D 141 25.28 -18.07 1.44
N GLU D 142 25.63 -19.19 2.08
CA GLU D 142 24.68 -19.87 2.95
C GLU D 142 24.29 -18.99 4.12
N LEU D 143 25.26 -18.27 4.69
CA LEU D 143 25.02 -17.44 5.86
C LEU D 143 24.31 -16.13 5.49
N PHE D 144 24.75 -15.49 4.40
CA PHE D 144 24.06 -14.29 3.92
C PHE D 144 22.59 -14.56 3.62
N ALA D 145 22.28 -15.74 3.07
CA ALA D 145 20.90 -16.09 2.78
C ALA D 145 20.06 -16.11 4.04
N GLU D 146 20.55 -16.77 5.10
CA GLU D 146 19.78 -16.86 6.34
C GLU D 146 19.79 -15.53 7.09
N ALA D 147 20.92 -14.81 7.07
CA ALA D 147 21.03 -13.56 7.82
C ALA D 147 19.99 -12.54 7.35
N ILE D 148 19.78 -12.42 6.04
CA ILE D 148 18.78 -11.49 5.53
C ILE D 148 17.37 -12.00 5.81
N SER D 149 17.17 -13.31 5.68
CA SER D 149 15.83 -13.87 5.87
C SER D 149 15.29 -13.62 7.28
N GLN D 150 16.17 -13.64 8.29
CA GLN D 150 15.73 -13.42 9.66
C GLN D 150 15.34 -11.97 9.90
N VAL D 151 16.16 -11.02 9.45
CA VAL D 151 15.89 -9.62 9.76
C VAL D 151 14.81 -9.04 8.85
N ALA D 152 14.69 -9.55 7.61
CA ALA D 152 13.75 -8.97 6.67
C ALA D 152 12.31 -9.11 7.14
N ILE D 153 12.00 -10.19 7.88
CA ILE D 153 10.62 -10.44 8.29
C ILE D 153 10.09 -9.35 9.20
N ALA D 154 10.98 -8.59 9.85
CA ALA D 154 10.59 -7.51 10.74
C ALA D 154 10.52 -6.15 10.06
N ALA D 155 10.92 -6.05 8.80
CA ALA D 155 10.94 -4.76 8.13
C ALA D 155 9.54 -4.28 7.78
N GLY D 156 9.34 -2.97 7.83
CA GLY D 156 8.05 -2.40 7.51
C GLY D 156 7.73 -2.52 6.02
N ARG D 157 6.47 -2.81 5.73
CA ARG D 157 6.01 -2.93 4.35
C ARG D 157 5.30 -1.68 3.83
N ASP D 158 5.20 -0.61 4.62
CA ASP D 158 4.45 0.59 4.25
C ASP D 158 5.38 1.68 3.76
N ASP D 159 5.09 2.21 2.57
CA ASP D 159 5.99 3.17 1.92
C ASP D 159 5.93 4.58 2.50
N THR D 160 4.81 4.96 3.14
CA THR D 160 4.72 6.29 3.72
C THR D 160 5.56 6.44 4.99
N LEU D 161 6.13 5.35 5.50
CA LEU D 161 7.16 5.42 6.54
C LEU D 161 8.43 4.80 5.97
N PRO D 162 9.21 5.58 5.18
CA PRO D 162 10.44 5.01 4.60
C PRO D 162 11.43 4.51 5.62
N MET D 163 11.46 5.14 6.81
CA MET D 163 12.43 4.76 7.83
C MET D 163 12.31 3.29 8.21
N LEU D 164 11.10 2.72 8.10
CA LEU D 164 10.86 1.33 8.49
C LEU D 164 11.00 0.32 7.35
N THR D 165 11.03 0.76 6.09
CA THR D 165 11.07 -0.14 4.94
C THR D 165 12.47 -0.63 4.58
N GLY D 166 13.50 -0.26 5.33
CA GLY D 166 14.85 -0.67 5.01
C GLY D 166 15.43 -1.70 5.97
N ILE D 167 16.56 -2.25 5.55
CA ILE D 167 17.36 -3.15 6.38
C ILE D 167 18.68 -2.43 6.64
N ARG D 168 19.00 -2.21 7.91
CA ARG D 168 20.22 -1.51 8.29
C ARG D 168 21.42 -2.45 8.25
N VAL D 169 22.49 -2.00 7.60
CA VAL D 169 23.74 -2.75 7.48
C VAL D 169 24.80 -1.99 8.27
N GLU D 170 25.28 -2.60 9.36
CA GLU D 170 26.29 -2.01 10.23
C GLU D 170 27.61 -2.72 10.01
N ILE D 171 28.64 -1.98 9.62
CA ILE D 171 29.94 -2.62 9.42
C ILE D 171 30.96 -1.95 10.32
N LEU D 172 31.53 -2.74 11.24
CA LEU D 172 32.67 -2.31 12.03
C LEU D 172 33.71 -3.42 11.93
N GLY D 173 34.80 -3.15 11.24
CA GLY D 173 35.83 -4.15 11.05
C GLY D 173 35.26 -5.35 10.33
N GLU D 174 35.42 -6.53 10.95
CA GLU D 174 35.01 -7.78 10.34
C GLU D 174 33.64 -8.27 10.81
N THR D 175 32.98 -7.52 11.70
CA THR D 175 31.68 -7.93 12.22
C THR D 175 30.65 -7.04 11.53
N VAL D 176 29.60 -7.61 10.97
CA VAL D 176 28.55 -6.78 10.41
C VAL D 176 27.23 -7.06 11.12
N VAL D 177 26.48 -6.00 11.44
CA VAL D 177 25.20 -6.11 12.13
C VAL D 177 24.08 -5.65 11.21
N LEU D 178 23.01 -6.47 11.15
CA LEU D 178 21.83 -6.20 10.34
C LEU D 178 20.60 -6.09 11.24
N ALA D 179 19.77 -5.08 10.98
CA ALA D 179 18.58 -4.83 11.79
C ALA D 179 17.47 -4.24 10.93
N ALA D 180 16.23 -4.57 11.29
CA ALA D 180 15.05 -3.97 10.66
C ALA D 180 13.89 -4.00 11.65
N THR D 181 13.01 -3.00 11.55
CA THR D 181 11.84 -2.97 12.40
C THR D 181 10.71 -2.18 11.74
N ASP D 182 9.48 -2.58 12.04
CA ASP D 182 8.26 -1.91 11.59
C ASP D 182 7.59 -1.10 12.71
N ARG D 183 8.25 -0.92 13.85
CA ARG D 183 7.75 -0.30 15.09
C ARG D 183 7.00 -1.27 15.99
N PHE D 184 6.57 -2.41 15.46
CA PHE D 184 5.97 -3.43 16.33
C PHE D 184 6.93 -4.55 16.71
N ARG D 185 8.00 -4.75 15.94
CA ARG D 185 8.92 -5.86 16.17
C ARG D 185 10.30 -5.45 15.67
N LEU D 186 11.34 -5.88 16.36
CA LEU D 186 12.70 -5.57 15.96
C LEU D 186 13.51 -6.86 15.84
N ALA D 187 14.18 -7.03 14.70
CA ALA D 187 15.02 -8.18 14.44
C ALA D 187 16.45 -7.68 14.24
N VAL D 188 17.40 -8.29 14.95
CA VAL D 188 18.80 -7.91 14.87
C VAL D 188 19.64 -9.15 14.66
N ARG D 189 20.50 -9.10 13.64
CA ARG D 189 21.49 -10.14 13.40
C ARG D 189 22.90 -9.54 13.27
N GLU D 190 23.84 -10.17 13.96
CA GLU D 190 25.26 -9.90 13.94
C GLU D 190 26.02 -11.14 13.47
N LEU D 191 26.95 -10.95 12.55
CA LEU D 191 27.81 -12.02 12.07
C LEU D 191 29.19 -11.45 11.76
N LYS D 192 30.18 -12.34 11.58
CA LYS D 192 31.52 -11.93 11.25
C LYS D 192 31.87 -12.39 9.83
N TRP D 193 32.49 -11.49 9.06
CA TRP D 193 32.78 -11.77 7.66
C TRP D 193 34.20 -11.31 7.36
N SER D 194 34.69 -11.66 6.18
CA SER D 194 36.05 -11.29 5.76
C SER D 194 35.99 -9.97 5.01
N ALA D 195 36.49 -8.90 5.64
CA ALA D 195 36.40 -7.56 5.09
C ALA D 195 37.73 -7.13 4.48
N SER D 196 37.66 -6.47 3.33
CA SER D 196 38.83 -5.87 2.69
C SER D 196 38.71 -4.34 2.63
N SER D 197 39.60 -3.61 3.30
CA SER D 197 40.55 -4.14 4.29
C SER D 197 40.02 -3.92 5.72
N PRO D 198 40.75 -4.42 6.72
CA PRO D 198 40.39 -4.15 8.12
C PRO D 198 40.31 -2.67 8.48
N ASP D 199 39.47 -2.38 9.48
CA ASP D 199 39.03 -1.06 9.95
C ASP D 199 38.22 -0.31 8.91
N ILE D 200 37.00 -0.79 8.67
CA ILE D 200 35.95 -0.06 7.97
C ILE D 200 34.87 0.32 8.96
N GLU D 201 34.48 1.60 8.98
CA GLU D 201 33.33 2.04 9.75
C GLU D 201 32.30 2.64 8.81
N ALA D 202 31.18 1.95 8.60
CA ALA D 202 30.13 2.45 7.73
C ALA D 202 28.79 1.85 8.13
N ALA D 203 27.73 2.63 7.93
CA ALA D 203 26.36 2.18 8.12
C ALA D 203 25.47 2.79 7.05
N VAL D 204 24.72 1.95 6.35
CA VAL D 204 23.76 2.38 5.34
C VAL D 204 22.46 1.62 5.58
N LEU D 205 21.40 2.03 4.87
CA LEU D 205 20.10 1.41 5.00
C LEU D 205 19.63 0.98 3.63
N VAL D 206 19.35 -0.32 3.49
CA VAL D 206 19.12 -0.98 2.20
C VAL D 206 17.64 -1.32 2.06
N PRO D 207 17.02 -1.09 0.90
CA PRO D 207 15.60 -1.43 0.74
C PRO D 207 15.37 -2.90 1.06
N ALA D 208 14.37 -3.15 1.91
CA ALA D 208 14.16 -4.50 2.44
C ALA D 208 13.83 -5.49 1.34
N LYS D 209 12.82 -5.19 0.53
CA LYS D 209 12.30 -6.16 -0.44
C LYS D 209 13.36 -6.57 -1.45
N THR D 210 14.08 -5.60 -2.02
CA THR D 210 15.11 -5.92 -3.00
C THR D 210 16.24 -6.75 -2.39
N LEU D 211 16.74 -6.34 -1.22
CA LEU D 211 17.79 -7.13 -0.58
C LEU D 211 17.27 -8.48 -0.11
N ALA D 212 15.97 -8.60 0.14
CA ALA D 212 15.41 -9.89 0.53
C ALA D 212 15.46 -10.86 -0.64
N GLU D 213 15.14 -10.39 -1.84
CA GLU D 213 15.18 -11.26 -3.01
C GLU D 213 16.61 -11.59 -3.42
N ALA D 214 17.53 -10.62 -3.33
CA ALA D 214 18.92 -10.86 -3.72
C ALA D 214 19.57 -11.92 -2.83
N ALA D 215 19.20 -11.96 -1.55
CA ALA D 215 19.79 -12.96 -0.65
C ALA D 215 19.22 -14.35 -0.93
N LYS D 216 17.93 -14.44 -1.22
CA LYS D 216 17.30 -15.74 -1.48
C LYS D 216 17.70 -16.27 -2.85
N ALA D 217 17.61 -15.43 -3.88
CA ALA D 217 18.20 -15.77 -5.16
C ALA D 217 19.72 -15.90 -5.07
N GLY D 218 20.29 -15.46 -3.95
CA GLY D 218 21.73 -15.48 -3.77
C GLY D 218 22.18 -16.65 -2.92
N ILE D 219 21.40 -17.73 -2.87
CA ILE D 219 21.87 -18.94 -2.21
C ILE D 219 22.52 -19.74 -3.35
N GLY D 220 23.82 -19.58 -3.47
CA GLY D 220 24.55 -20.15 -4.59
C GLY D 220 24.92 -21.61 -4.53
N GLY D 221 25.70 -21.99 -3.50
CA GLY D 221 26.35 -21.06 -2.59
C GLY D 221 27.66 -20.45 -3.08
N SER D 222 28.67 -20.47 -2.21
CA SER D 222 30.00 -19.93 -2.43
C SER D 222 30.20 -18.41 -2.47
N ASP D 223 30.21 -17.78 -1.29
CA ASP D 223 30.82 -16.46 -1.11
C ASP D 223 30.23 -15.26 -1.83
N VAL D 224 29.24 -14.62 -1.21
CA VAL D 224 28.58 -13.43 -1.75
C VAL D 224 29.40 -12.17 -1.42
N ARG D 225 29.54 -11.29 -2.41
CA ARG D 225 30.31 -10.05 -2.28
C ARG D 225 29.39 -8.84 -2.20
N LEU D 226 29.58 -8.01 -1.19
CA LEU D 226 28.88 -6.74 -1.09
C LEU D 226 29.83 -5.57 -1.35
N SER D 227 29.36 -4.62 -2.12
CA SER D 227 30.10 -3.47 -2.54
C SER D 227 29.46 -2.14 -2.17
N LEU D 228 30.11 -1.40 -1.30
CA LEU D 228 29.65 -0.13 -0.82
C LEU D 228 30.76 0.88 -0.89
N GLY D 229 31.97 0.48 -0.57
CA GLY D 229 33.11 1.38 -0.62
C GLY D 229 34.36 1.01 0.12
N THR D 230 35.28 1.98 0.27
CA THR D 230 36.53 1.80 1.01
C THR D 230 36.82 3.11 1.72
N GLY D 231 36.79 3.08 3.05
CA GLY D 231 37.06 4.26 3.85
C GLY D 231 36.05 5.37 3.65
N ASP D 237 28.22 6.15 -6.17
CA ASP D 237 28.44 6.36 -4.75
C ASP D 237 27.41 5.57 -3.93
N GLY D 238 26.30 6.18 -3.55
CA GLY D 238 25.36 5.39 -2.78
C GLY D 238 24.62 4.36 -3.59
N LEU D 239 25.05 3.11 -3.43
CA LEU D 239 24.50 1.91 -4.08
C LEU D 239 25.02 0.71 -3.30
N LEU D 240 24.32 -0.40 -3.43
CA LEU D 240 24.79 -1.68 -2.88
C LEU D 240 24.96 -2.67 -4.02
N GLY D 241 26.21 -2.98 -4.34
CA GLY D 241 26.50 -4.05 -5.27
C GLY D 241 26.52 -5.38 -4.54
N ILE D 242 25.95 -6.40 -5.18
CA ILE D 242 25.99 -7.76 -4.68
C ILE D 242 26.48 -8.64 -5.82
N SER D 243 27.67 -9.23 -5.64
CA SER D 243 28.41 -9.95 -6.67
C SER D 243 28.63 -11.41 -6.29
N GLY D 244 29.30 -12.11 -7.19
CA GLY D 244 29.82 -13.46 -7.01
C GLY D 244 29.14 -14.50 -7.89
N ASN D 245 29.90 -15.56 -8.18
CA ASN D 245 29.53 -16.68 -9.05
C ASN D 245 28.83 -16.22 -10.32
N GLY D 246 29.56 -15.38 -11.08
CA GLY D 246 29.21 -14.91 -12.40
C GLY D 246 28.07 -13.92 -12.45
N LYS D 247 27.50 -13.53 -11.30
CA LYS D 247 26.37 -12.62 -11.33
C LYS D 247 26.66 -11.41 -10.47
N ARG D 248 25.96 -10.31 -10.77
CA ARG D 248 26.17 -9.01 -10.15
C ARG D 248 24.87 -8.19 -10.09
N SER D 249 24.71 -7.43 -9.01
CA SER D 249 23.48 -6.67 -8.75
C SER D 249 23.76 -5.42 -7.93
N THR D 250 23.10 -4.31 -8.30
CA THR D 250 23.11 -3.07 -7.50
C THR D 250 21.71 -2.79 -6.96
N THR D 251 21.66 -2.27 -5.74
CA THR D 251 20.43 -1.78 -5.16
C THR D 251 20.68 -0.36 -4.67
N ARG D 252 19.82 0.57 -5.09
CA ARG D 252 19.95 1.94 -4.61
C ARG D 252 19.50 2.03 -3.16
N LEU D 253 20.31 2.68 -2.33
CA LEU D 253 20.04 2.76 -0.90
C LEU D 253 18.88 3.72 -0.63
N LEU D 254 18.54 3.86 0.65
CA LEU D 254 17.47 4.74 1.09
C LEU D 254 18.01 5.93 1.86
N ASP D 255 17.34 7.09 1.67
CA ASP D 255 17.75 8.31 2.34
C ASP D 255 17.36 8.29 3.81
N ALA D 256 16.32 7.54 4.16
CA ALA D 256 15.80 7.55 5.53
C ALA D 256 16.87 7.06 6.50
N GLU D 257 16.77 7.53 7.75
CA GLU D 257 17.70 7.13 8.79
C GLU D 257 17.02 6.17 9.76
N PHE D 258 17.68 5.05 10.01
CA PHE D 258 17.11 3.99 10.83
C PHE D 258 16.99 4.45 12.29
N PRO D 259 15.92 4.06 12.99
CA PRO D 259 15.77 4.46 14.40
C PRO D 259 16.94 3.95 15.22
N LYS D 260 17.10 4.49 16.43
CA LYS D 260 18.19 4.03 17.29
C LYS D 260 17.64 2.83 18.05
N PHE D 261 18.03 1.64 17.59
CA PHE D 261 17.36 0.41 18.02
C PHE D 261 17.96 -0.21 19.28
N ARG D 262 19.20 0.09 19.63
CA ARG D 262 19.75 -0.54 20.83
C ARG D 262 19.25 0.11 22.11
N GLN D 263 18.55 1.24 22.03
CA GLN D 263 17.85 1.73 23.22
C GLN D 263 16.71 0.80 23.61
N LEU D 264 16.15 0.07 22.64
CA LEU D 264 14.92 -0.70 22.87
C LEU D 264 15.16 -2.07 23.50
N LEU D 265 16.36 -2.63 23.40
CA LEU D 265 16.57 -3.98 23.93
C LEU D 265 16.78 -3.94 25.43
N PRO D 266 16.03 -4.74 26.20
CA PRO D 266 16.20 -4.74 27.66
C PRO D 266 17.54 -5.35 28.04
N THR D 267 18.17 -4.78 29.07
CA THR D 267 19.42 -5.34 29.58
C THR D 267 19.19 -6.52 30.52
N GLU D 268 18.05 -6.56 31.21
CA GLU D 268 17.76 -7.64 32.14
C GLU D 268 16.28 -7.95 32.07
N HIS D 269 15.90 -9.12 32.58
CA HIS D 269 14.52 -9.56 32.56
C HIS D 269 14.11 -10.01 33.96
N THR D 270 12.89 -9.63 34.37
CA THR D 270 12.34 -10.08 35.63
C THR D 270 11.79 -11.50 35.55
N ALA D 271 11.41 -11.95 34.36
CA ALA D 271 10.93 -13.30 34.13
C ALA D 271 11.41 -13.76 32.76
N VAL D 272 11.72 -15.05 32.66
CA VAL D 272 12.22 -15.65 31.43
C VAL D 272 11.51 -16.98 31.20
N ALA D 273 11.36 -17.34 29.93
CA ALA D 273 10.68 -18.57 29.55
C ALA D 273 11.42 -19.21 28.38
N THR D 274 11.64 -20.52 28.47
CA THR D 274 12.28 -21.26 27.40
C THR D 274 11.36 -22.39 26.97
N MET D 275 11.11 -22.49 25.67
CA MET D 275 10.13 -23.40 25.13
C MET D 275 10.66 -24.05 23.86
N ASP D 276 9.97 -25.10 23.42
CA ASP D 276 10.26 -25.71 22.12
C ASP D 276 9.53 -24.93 21.04
N VAL D 277 10.26 -24.56 19.97
CA VAL D 277 9.71 -23.63 18.98
C VAL D 277 8.69 -24.32 18.09
N ALA D 278 9.01 -25.52 17.60
CA ALA D 278 8.12 -26.20 16.66
C ALA D 278 6.75 -26.47 17.28
N GLU D 279 6.74 -26.89 18.55
CA GLU D 279 5.48 -27.20 19.24
C GLU D 279 4.69 -25.95 19.56
N LEU D 280 5.37 -24.85 19.85
CA LEU D 280 4.69 -23.60 20.13
C LEU D 280 4.08 -22.99 18.88
N ILE D 281 4.80 -23.08 17.76
CA ILE D 281 4.28 -22.56 16.49
C ILE D 281 2.98 -23.27 16.11
N GLU D 282 2.94 -24.60 16.26
CA GLU D 282 1.71 -25.33 15.95
C GLU D 282 0.59 -24.96 16.90
N ALA D 283 0.92 -24.68 18.16
CA ALA D 283 -0.10 -24.33 19.14
C ALA D 283 -0.74 -22.99 18.80
N ILE D 284 0.07 -21.99 18.46
CA ILE D 284 -0.45 -20.67 18.13
C ILE D 284 -1.35 -20.75 16.90
N LYS D 285 -0.86 -21.38 15.84
CA LYS D 285 -1.65 -21.55 14.62
C LYS D 285 -2.99 -22.21 14.92
N LEU D 286 -3.00 -23.20 15.82
CA LEU D 286 -4.24 -23.87 16.17
C LEU D 286 -5.14 -22.98 17.01
N VAL D 287 -4.57 -22.32 18.03
CA VAL D 287 -5.37 -21.44 18.88
C VAL D 287 -5.86 -20.23 18.09
N ALA D 288 -5.03 -19.70 17.20
CA ALA D 288 -5.39 -18.49 16.47
C ALA D 288 -6.48 -18.73 15.43
N LEU D 289 -6.89 -19.98 15.21
CA LEU D 289 -7.95 -20.25 14.25
C LEU D 289 -9.24 -19.56 14.64
N VAL D 290 -9.52 -19.42 15.94
CA VAL D 290 -10.71 -18.73 16.40
C VAL D 290 -10.44 -17.28 16.77
N ALA D 291 -9.20 -16.82 16.68
CA ALA D 291 -8.89 -15.43 16.98
C ALA D 291 -9.52 -14.52 15.94
N ASP D 292 -10.28 -13.52 16.40
CA ASP D 292 -10.95 -12.59 15.51
C ASP D 292 -9.93 -11.75 14.76
N ARG D 293 -10.00 -11.78 13.42
CA ARG D 293 -9.16 -10.97 12.55
C ARG D 293 -7.68 -11.25 12.74
N GLY D 294 -7.34 -12.41 13.31
CA GLY D 294 -5.97 -12.66 13.73
C GLY D 294 -5.44 -11.66 14.75
N ALA D 295 -6.34 -11.03 15.52
CA ALA D 295 -5.94 -9.93 16.40
C ALA D 295 -4.93 -10.34 17.45
N GLN D 296 -5.31 -11.20 18.39
CA GLN D 296 -4.42 -11.45 19.53
C GLN D 296 -4.60 -12.87 20.05
N VAL D 297 -3.50 -13.43 20.51
CA VAL D 297 -3.48 -14.70 21.24
C VAL D 297 -2.81 -14.43 22.59
N ARG D 298 -3.43 -14.89 23.66
CA ARG D 298 -2.97 -14.55 25.00
C ARG D 298 -2.20 -15.71 25.62
N MET D 299 -1.12 -15.36 26.32
CA MET D 299 -0.23 -16.33 26.96
C MET D 299 -0.21 -16.08 28.46
N GLU D 300 -0.71 -17.04 29.23
CA GLU D 300 -0.66 -16.97 30.69
C GLU D 300 0.49 -17.85 31.14
N PHE D 301 1.59 -17.22 31.55
CA PHE D 301 2.78 -17.92 32.03
C PHE D 301 2.69 -18.16 33.53
N ALA D 302 2.78 -19.43 33.92
CA ALA D 302 3.02 -19.82 35.30
C ALA D 302 4.23 -20.75 35.25
N ASP D 303 4.58 -21.38 36.37
CA ASP D 303 5.79 -22.19 36.36
C ASP D 303 5.46 -23.56 35.80
N GLY D 304 6.34 -24.06 34.93
CA GLY D 304 6.12 -25.28 34.20
C GLY D 304 4.97 -25.28 33.19
N SER D 305 4.34 -24.13 32.95
CA SER D 305 3.23 -24.12 32.01
C SER D 305 3.02 -22.74 31.41
N VAL D 306 2.56 -22.73 30.16
CA VAL D 306 1.98 -21.56 29.51
C VAL D 306 0.63 -21.96 28.92
N ARG D 307 -0.36 -21.09 29.08
CA ARG D 307 -1.70 -21.33 28.56
C ARG D 307 -1.97 -20.32 27.44
N LEU D 308 -2.06 -20.83 26.22
CA LEU D 308 -2.42 -20.02 25.07
C LEU D 308 -3.95 -19.97 24.95
N SER D 309 -4.48 -18.79 24.64
CA SER D 309 -5.94 -18.64 24.54
C SER D 309 -6.26 -17.53 23.56
N ALA D 310 -7.40 -17.68 22.87
CA ALA D 310 -7.87 -16.67 21.95
C ALA D 310 -9.35 -16.89 21.68
N GLY D 311 -9.94 -15.99 20.89
CA GLY D 311 -11.29 -16.15 20.42
C GLY D 311 -12.34 -15.49 21.28
N ALA D 312 -13.54 -15.40 20.73
CA ALA D 312 -14.72 -14.91 21.43
C ALA D 312 -15.85 -15.91 21.23
N ASP D 313 -16.84 -15.86 22.13
CA ASP D 313 -17.95 -16.79 22.07
C ASP D 313 -18.71 -16.72 20.76
N ASP D 314 -18.68 -15.57 20.07
CA ASP D 314 -19.33 -15.45 18.77
C ASP D 314 -18.87 -16.54 17.80
N VAL D 315 -17.56 -16.65 17.64
CA VAL D 315 -16.95 -17.57 16.67
C VAL D 315 -16.51 -18.87 17.34
N GLY D 316 -15.72 -18.76 18.40
CA GLY D 316 -15.25 -19.91 19.13
C GLY D 316 -14.17 -19.49 20.10
N ARG D 317 -13.85 -20.39 21.02
CA ARG D 317 -12.78 -20.15 21.97
C ARG D 317 -11.80 -21.31 21.92
N ALA D 318 -10.51 -20.99 22.11
CA ALA D 318 -9.44 -21.96 22.04
C ALA D 318 -8.53 -21.77 23.26
N GLU D 319 -7.96 -22.89 23.70
CA GLU D 319 -7.06 -22.89 24.84
C GLU D 319 -6.10 -24.06 24.69
N GLU D 320 -4.83 -23.84 25.01
CA GLU D 320 -3.89 -24.94 25.06
C GLU D 320 -2.78 -24.65 26.05
N ASP D 321 -2.38 -25.67 26.80
CA ASP D 321 -1.29 -25.58 27.77
C ASP D 321 -0.09 -26.34 27.22
N LEU D 322 1.09 -25.72 27.28
CA LEU D 322 2.32 -26.35 26.85
C LEU D 322 3.34 -26.29 27.98
N VAL D 323 4.36 -27.14 27.87
CA VAL D 323 5.39 -27.24 28.89
C VAL D 323 6.40 -26.12 28.69
N VAL D 324 6.78 -25.46 29.78
CA VAL D 324 7.70 -24.32 29.73
C VAL D 324 8.71 -24.46 30.86
N ASP D 325 9.91 -23.94 30.63
CA ASP D 325 10.88 -23.77 31.69
C ASP D 325 10.79 -22.29 32.04
N TYR D 326 10.15 -21.99 33.15
CA TYR D 326 9.82 -20.63 33.52
C TYR D 326 10.57 -20.24 34.79
N ALA D 327 11.04 -19.01 34.82
CA ALA D 327 11.71 -18.46 35.99
C ALA D 327 11.18 -17.05 36.19
N GLY D 328 10.82 -16.73 37.41
CA GLY D 328 10.13 -15.50 37.73
C GLY D 328 8.69 -15.76 38.10
N GLU D 329 8.01 -14.69 38.43
CA GLU D 329 6.71 -14.97 38.97
C GLU D 329 5.70 -14.86 37.82
N PRO D 330 4.51 -15.48 37.93
CA PRO D 330 3.61 -15.58 36.77
C PRO D 330 3.27 -14.22 36.13
N LEU D 331 3.15 -14.24 34.79
CA LEU D 331 2.88 -13.09 33.95
C LEU D 331 1.87 -13.45 32.86
N THR D 332 0.90 -12.58 32.60
CA THR D 332 -0.07 -12.76 31.53
C THR D 332 0.17 -11.72 30.45
N ILE D 333 0.53 -12.17 29.25
CA ILE D 333 0.89 -11.29 28.15
C ILE D 333 0.28 -11.83 26.86
N ALA D 334 -0.12 -10.92 25.97
CA ALA D 334 -0.76 -11.28 24.72
C ALA D 334 -0.02 -10.67 23.55
N PHE D 335 0.16 -11.46 22.49
CA PHE D 335 0.86 -11.03 21.29
C PHE D 335 -0.02 -11.24 20.05
N ASN D 336 0.39 -10.59 18.97
CA ASN D 336 -0.15 -10.87 17.65
C ASN D 336 0.35 -12.24 17.20
N PRO D 337 -0.54 -13.18 16.88
CA PRO D 337 -0.07 -14.52 16.49
C PRO D 337 0.84 -14.50 15.27
N THR D 338 0.53 -13.66 14.28
CA THR D 338 1.37 -13.58 13.09
C THR D 338 2.74 -13.00 13.41
N TYR D 339 2.79 -11.90 14.16
CA TYR D 339 4.07 -11.33 14.55
C TYR D 339 4.87 -12.29 15.41
N LEU D 340 4.21 -13.06 16.27
CA LEU D 340 4.93 -13.95 17.16
C LEU D 340 5.48 -15.16 16.39
N THR D 341 4.67 -15.75 15.51
CA THR D 341 5.16 -16.88 14.72
C THR D 341 6.19 -16.43 13.70
N ASP D 342 6.08 -15.20 13.19
CA ASP D 342 7.11 -14.64 12.34
C ASP D 342 8.45 -14.64 13.06
N GLY D 343 8.47 -14.24 14.32
CA GLY D 343 9.71 -14.24 15.08
C GLY D 343 10.23 -15.64 15.34
N LEU D 344 9.34 -16.56 15.76
CA LEU D 344 9.77 -17.91 16.07
C LEU D 344 10.34 -18.61 14.85
N SER D 345 9.74 -18.39 13.69
CA SER D 345 10.28 -18.98 12.46
C SER D 345 11.63 -18.41 12.07
N SER D 346 11.97 -17.20 12.55
CA SER D 346 13.24 -16.57 12.19
C SER D 346 14.43 -17.04 13.03
N LEU D 347 14.18 -17.64 14.20
CA LEU D 347 15.27 -18.00 15.10
C LEU D 347 16.07 -19.18 14.58
N ARG D 348 15.44 -20.12 13.88
CA ARG D 348 16.12 -21.26 13.31
C ARG D 348 16.88 -22.05 14.38
N SER D 349 16.21 -22.29 15.48
CA SER D 349 16.79 -23.07 16.56
C SER D 349 15.70 -24.00 17.06
N GLU D 350 16.11 -25.04 17.78
CA GLU D 350 15.11 -25.99 18.24
C GLU D 350 14.24 -25.40 19.34
N ARG D 351 14.76 -24.47 20.13
CA ARG D 351 14.02 -23.89 21.24
C ARG D 351 14.24 -22.38 21.29
N VAL D 352 13.40 -21.69 22.06
CA VAL D 352 13.36 -20.23 22.15
C VAL D 352 13.44 -19.81 23.61
N SER D 353 14.00 -18.63 23.86
CA SER D 353 14.05 -18.02 25.18
C SER D 353 13.34 -16.67 25.13
N PHE D 354 12.32 -16.51 25.99
CA PHE D 354 11.54 -15.28 26.07
C PHE D 354 12.05 -14.42 27.22
N GLY D 355 12.66 -13.29 26.91
CA GLY D 355 12.87 -12.28 27.93
C GLY D 355 11.65 -11.43 28.17
N PHE D 356 11.12 -11.44 29.39
CA PHE D 356 9.91 -10.67 29.73
C PHE D 356 10.22 -9.63 30.80
N THR D 357 9.45 -8.55 30.79
CA THR D 357 9.36 -7.68 31.96
C THR D 357 7.92 -7.51 32.40
N THR D 358 7.15 -6.68 31.68
CA THR D 358 5.74 -6.50 31.95
C THR D 358 4.93 -6.82 30.69
N ALA D 359 3.63 -7.03 30.89
CA ALA D 359 2.72 -7.28 29.78
C ALA D 359 2.60 -6.09 28.84
N GLY D 360 3.16 -4.94 29.19
CA GLY D 360 3.09 -3.77 28.34
C GLY D 360 4.39 -3.39 27.66
N LYS D 361 5.47 -4.10 27.96
CA LYS D 361 6.78 -3.81 27.38
C LYS D 361 7.22 -4.97 26.49
N SER D 362 8.38 -4.78 25.86
CA SER D 362 8.82 -5.70 24.83
C SER D 362 9.25 -7.04 25.43
N ALA D 363 9.00 -8.11 24.68
CA ALA D 363 9.50 -9.43 24.99
C ALA D 363 10.62 -9.75 24.01
N LEU D 364 11.74 -10.25 24.52
CA LEU D 364 12.94 -10.47 23.71
C LEU D 364 13.10 -11.96 23.49
N LEU D 365 12.87 -12.40 22.25
CA LEU D 365 13.01 -13.80 21.88
C LEU D 365 14.39 -14.04 21.29
N ARG D 366 15.06 -15.09 21.77
CA ARG D 366 16.45 -15.38 21.47
C ARG D 366 16.60 -16.87 21.20
N PRO D 367 17.47 -17.25 20.25
CA PRO D 367 17.58 -18.66 19.88
C PRO D 367 18.26 -19.48 20.96
N VAL D 368 17.80 -20.71 21.14
CA VAL D 368 18.39 -21.66 22.07
C VAL D 368 18.49 -23.01 21.40
N SER D 369 19.61 -23.70 21.59
CA SER D 369 19.84 -25.00 20.99
C SER D 369 19.00 -26.08 21.65
N ASN D 379 18.91 -20.12 41.43
CA ASN D 379 18.46 -18.94 40.71
C ASN D 379 17.01 -19.09 40.20
N GLY D 380 16.05 -18.97 41.10
CA GLY D 380 14.64 -18.94 40.72
C GLY D 380 13.89 -17.63 40.95
N ASN D 381 14.56 -16.59 41.48
CA ASN D 381 13.87 -15.41 41.96
C ASN D 381 14.18 -14.13 41.14
N GLY D 382 15.36 -13.55 41.33
CA GLY D 382 15.59 -12.16 41.04
C GLY D 382 15.72 -11.86 39.56
N PRO D 383 16.03 -10.59 39.25
CA PRO D 383 16.18 -10.19 37.85
C PRO D 383 17.27 -10.99 37.17
N PHE D 384 16.96 -11.48 35.98
CA PHE D 384 17.77 -12.33 35.13
C PHE D 384 18.37 -11.49 34.01
N PRO D 385 19.68 -11.56 33.78
CA PRO D 385 20.28 -10.72 32.74
C PRO D 385 19.91 -11.19 31.35
N ALA D 386 19.94 -10.27 30.40
CA ALA D 386 19.78 -10.64 29.00
C ALA D 386 21.12 -11.18 28.53
N VAL D 387 21.16 -12.45 28.17
CA VAL D 387 22.39 -13.06 27.72
C VAL D 387 22.61 -12.73 26.25
N SER D 388 23.87 -12.52 25.87
CA SER D 388 24.20 -12.12 24.52
C SER D 388 23.98 -13.27 23.54
N THR D 389 23.40 -12.94 22.39
CA THR D 389 23.27 -13.87 21.27
C THR D 389 23.47 -13.09 19.98
N ASP D 390 23.71 -13.83 18.90
CA ASP D 390 23.92 -13.20 17.60
C ASP D 390 22.60 -12.76 16.97
N TYR D 391 21.49 -13.41 17.31
CA TYR D 391 20.18 -13.02 16.82
C TYR D 391 19.27 -12.71 18.00
N VAL D 392 18.41 -11.71 17.84
CA VAL D 392 17.37 -11.40 18.81
C VAL D 392 16.17 -10.86 18.05
N TYR D 393 14.98 -11.31 18.44
CA TYR D 393 13.73 -10.85 17.84
C TYR D 393 12.90 -10.26 18.98
N LEU D 394 12.77 -8.95 18.99
CA LEU D 394 12.12 -8.22 20.07
C LEU D 394 10.73 -7.79 19.60
N LEU D 395 9.70 -8.21 20.34
CA LEU D 395 8.32 -8.08 19.92
C LEU D 395 7.49 -7.33 20.95
N MET D 396 6.59 -6.40 20.47
CA MET D 396 5.75 -5.66 21.39
C MET D 396 4.40 -6.36 21.55
N PRO D 397 3.85 -6.38 22.75
CA PRO D 397 2.60 -7.13 23.00
C PRO D 397 1.39 -6.28 22.63
N VAL D 398 0.21 -6.84 22.91
CA VAL D 398 -1.07 -6.19 22.68
C VAL D 398 -1.75 -6.04 24.03
N ARG D 399 -2.49 -4.94 24.20
CA ARG D 399 -3.10 -4.66 25.49
C ARG D 399 -4.19 -5.67 25.81
N LEU D 400 -4.15 -6.19 27.04
CA LEU D 400 -5.08 -7.20 27.53
C LEU D 400 -6.45 -6.58 27.81
N PRO D 401 -7.52 -7.37 27.69
CA PRO D 401 -8.86 -6.84 27.97
C PRO D 401 -9.25 -7.01 29.44
N GLN E 2 -11.51 -5.21 14.77
CA GLN E 2 -12.17 -4.88 13.51
C GLN E 2 -12.65 -6.15 12.81
N ASP E 4 -14.21 -8.14 9.27
CA ASP E 4 -13.92 -8.15 7.84
C ASP E 4 -15.13 -8.46 6.97
N LEU E 5 -15.17 -7.85 5.78
CA LEU E 5 -16.23 -8.15 4.83
C LEU E 5 -16.08 -9.56 4.26
N PHE E 6 -14.86 -9.96 3.93
CA PHE E 6 -14.61 -11.27 3.35
C PHE E 6 -13.24 -11.82 3.78
N GLN F 2 29.77 32.11 4.03
CA GLN F 2 29.20 33.15 4.88
C GLN F 2 30.26 33.78 5.78
N ASP F 4 31.13 36.45 9.30
CA ASP F 4 30.65 36.65 10.66
C ASP F 4 30.77 38.11 11.11
N LEU F 5 29.81 38.55 11.92
CA LEU F 5 29.90 39.84 12.58
C LEU F 5 31.02 39.87 13.59
N PHE F 6 31.15 38.81 14.36
CA PHE F 6 32.13 38.72 15.43
C PHE F 6 32.72 37.32 15.46
N GLN G 2 -11.70 -19.44 -34.50
CA GLN G 2 -11.97 -20.84 -34.17
C GLN G 2 -13.29 -21.31 -34.76
N ASP G 4 -16.60 -24.22 -35.39
CA ASP G 4 -17.50 -24.91 -34.47
C ASP G 4 -17.82 -26.32 -34.92
N LEU G 5 -18.16 -27.19 -33.95
CA LEU G 5 -18.66 -28.51 -34.28
C LEU G 5 -20.12 -28.46 -34.69
N PHE G 6 -20.90 -27.55 -34.14
CA PHE G 6 -22.32 -27.42 -34.47
C PHE G 6 -22.84 -26.05 -34.09
N GLN H 2 -2.30 -2.85 19.75
CA GLN H 2 -0.90 -3.05 19.43
C GLN H 2 -0.05 -1.90 19.97
N ASP H 4 3.75 0.18 20.65
CA ASP H 4 4.80 0.72 19.78
C ASP H 4 6.18 0.62 20.43
N LEU H 5 7.18 0.27 19.61
CA LEU H 5 8.56 0.29 20.07
C LEU H 5 9.08 1.70 20.28
N PHE H 6 8.53 2.68 19.57
CA PHE H 6 8.95 4.07 19.69
C PHE H 6 7.89 4.99 19.11
#